data_1ZLG
# 
_entry.id   1ZLG 
# 
_audit_conform.dict_name       mmcif_pdbx.dic 
_audit_conform.dict_version    5.392 
_audit_conform.dict_location   http://mmcif.pdb.org/dictionaries/ascii/mmcif_pdbx.dic 
# 
loop_
_database_2.database_id 
_database_2.database_code 
_database_2.pdbx_database_accession 
_database_2.pdbx_DOI 
PDB   1ZLG         pdb_00001zlg 10.2210/pdb1zlg/pdb 
RCSB  RCSB032856   ?            ?                   
WWPDB D_1000032856 ?            ?                   
# 
loop_
_pdbx_audit_revision_history.ordinal 
_pdbx_audit_revision_history.data_content_type 
_pdbx_audit_revision_history.major_revision 
_pdbx_audit_revision_history.minor_revision 
_pdbx_audit_revision_history.revision_date 
1 'Structure model' 1 0 2006-05-09 
2 'Structure model' 1 1 2008-04-30 
3 'Structure model' 1 2 2011-07-13 
4 'Structure model' 1 3 2017-10-11 
5 'Structure model' 1 4 2022-12-21 
6 'Structure model' 1 5 2024-05-22 
# 
_pdbx_audit_revision_details.ordinal             1 
_pdbx_audit_revision_details.revision_ordinal    1 
_pdbx_audit_revision_details.data_content_type   'Structure model' 
_pdbx_audit_revision_details.provider            repository 
_pdbx_audit_revision_details.type                'Initial release' 
_pdbx_audit_revision_details.description         ? 
_pdbx_audit_revision_details.details             ? 
# 
loop_
_pdbx_audit_revision_group.ordinal 
_pdbx_audit_revision_group.revision_ordinal 
_pdbx_audit_revision_group.data_content_type 
_pdbx_audit_revision_group.group 
1 2 'Structure model' 'Version format compliance' 
2 3 'Structure model' 'Version format compliance' 
3 4 'Structure model' 'Refinement description'    
4 5 'Structure model' 'Database references'       
5 6 'Structure model' 'Data collection'           
# 
loop_
_pdbx_audit_revision_category.ordinal 
_pdbx_audit_revision_category.revision_ordinal 
_pdbx_audit_revision_category.data_content_type 
_pdbx_audit_revision_category.category 
1 4 'Structure model' software           
2 5 'Structure model' database_2         
3 5 'Structure model' struct_ref_seq_dif 
4 6 'Structure model' chem_comp_atom     
5 6 'Structure model' chem_comp_bond     
# 
loop_
_pdbx_audit_revision_item.ordinal 
_pdbx_audit_revision_item.revision_ordinal 
_pdbx_audit_revision_item.data_content_type 
_pdbx_audit_revision_item.item 
1 5 'Structure model' '_database_2.pdbx_DOI'                
2 5 'Structure model' '_database_2.pdbx_database_accession' 
3 5 'Structure model' '_struct_ref_seq_dif.details'         
# 
_pdbx_database_status.status_code                     REL 
_pdbx_database_status.entry_id                        1ZLG 
_pdbx_database_status.recvd_initial_deposition_date   2005-05-06 
_pdbx_database_status.deposit_site                    RCSB 
_pdbx_database_status.process_site                    RCSB 
_pdbx_database_status.status_code_sf                  ? 
_pdbx_database_status.status_code_mr                  ? 
_pdbx_database_status.SG_entry                        ? 
_pdbx_database_status.pdb_format_compatible           Y 
_pdbx_database_status.status_code_cs                  ? 
_pdbx_database_status.methods_development_category    ? 
_pdbx_database_status.status_code_nmr_data            ? 
# 
loop_
_pdbx_database_related.db_name 
_pdbx_database_related.db_id 
_pdbx_database_related.details 
_pdbx_database_related.content_type 
PDB 1igr 'insulin-like growth factor receptor' unspecified 
PDB 1fle elafin                                unspecified 
PDB 1fna 'tenth FnIII domain of fibronectin'   unspecified 
# 
loop_
_audit_author.name 
_audit_author.pdbx_ordinal 
'Hu, Y.'        1 
'Sun, Z.'       2 
'Eaton, J.T.'   3 
'Bouloux, P.M.' 4 
'Perkins, S.J.' 5 
# 
_citation.id                        primary 
_citation.title                     
;Extended and Flexible Domain Solution Structure of the Extracellular Matrix Protein Anosmin-1 by X-ray Scattering, Analytical Ultracentrifugation and Constrained Modelling.
;
_citation.journal_abbrev            J.Mol.Biol. 
_citation.journal_volume            350 
_citation.page_first                553 
_citation.page_last                 570 
_citation.year                      2005 
_citation.journal_id_ASTM           JMOBAK 
_citation.country                   UK 
_citation.journal_id_ISSN           0022-2836 
_citation.journal_id_CSD            0070 
_citation.book_publisher            ? 
_citation.pdbx_database_id_PubMed   15949815 
_citation.pdbx_database_id_DOI      10.1016/j.jmb.2005.04.031 
# 
loop_
_citation_author.citation_id 
_citation_author.name 
_citation_author.ordinal 
_citation_author.identifier_ORCID 
primary 'Hu, Y.'        1 ? 
primary 'Sun, Z.'       2 ? 
primary 'Eaton, J.T.'   3 ? 
primary 'Bouloux, P.M.' 4 ? 
primary 'Perkins, S.J.' 5 ? 
# 
_entity.id                         1 
_entity.type                       polymer 
_entity.src_method                 man 
_entity.pdbx_description           'Anosmin 1' 
_entity.formula_weight             76545.117 
_entity.pdbx_number_of_molecules   1 
_entity.pdbx_ec                    ? 
_entity.pdbx_mutation              ? 
_entity.pdbx_fragment              ? 
_entity.details                    ? 
# 
_entity_name_com.entity_id   1 
_entity_name_com.name        'Kallmann syndrome protein, Adhesion molecule-like X-linked' 
# 
_entity_poly.entity_id                      1 
_entity_poly.type                           'polypeptide(L)' 
_entity_poly.nstd_linkage                   no 
_entity_poly.nstd_monomer                   no 
_entity_poly.pdbx_seq_one_letter_code       
;AAGPGAAAARRLDESLSAGSVQRARCASRCLSLQITRISAFFQHFQNNGSLVWCQNHKQCSKCLEPCKESGDLRKHQCQS
FCEPLFPKKSYECLTSCEFLKYILLVKQGDCPAPEKASGFAAACVESCEVDNECSGVKKCCSNGCGHTCQVPKTLYKGVP
LKPRKELRFTELQSGQLEVKWSSKFNISIEPVIYVVQRRWNYGIHPSEDDATHWQTVAQTTDERVQLTDIRPSRWYQFRV
AAVNVHGTRGFTAPSKHFRSSKDPSAPPAPANLRLANSTVNSDGSVTVTIVWDLPEEPDIPVHHYKVFWSWMVSSKSLVP
TKKKRRKTTDGFQNSVILEKLQPDCDYVVELQAITYWGQTRLKSAKVSLHFTSTHATNNKEQLVKTRKGGIQTQLPFQRR
RPTRPLEVGAPFYQDGQLQVKVYWKKTEDPTVNRYHVRWFPEACAHNRTTGSEASSGMTHENYIILQDLSFSCKYKVTVQ
PIRPKSHSKAEAVFFTTPPCSALKGKSHKPIGCLGEAGHVLSKVLAKPENLSASFIVQDVNITGHFSWKMAKANLYQPMT
GFQVTWAEVTTESRQNSLPNSIISQSQILPSDHYVLTVPNLRPSTLYRLEVQVLTPGGEGPATIKTFRTPELPPSSAHRS
HLKHRHPHHYKPSPERYGKPIPNPLLGLDSTRTGHHHHHH
;
_entity_poly.pdbx_seq_one_letter_code_can   
;AAGPGAAAARRLDESLSAGSVQRARCASRCLSLQITRISAFFQHFQNNGSLVWCQNHKQCSKCLEPCKESGDLRKHQCQS
FCEPLFPKKSYECLTSCEFLKYILLVKQGDCPAPEKASGFAAACVESCEVDNECSGVKKCCSNGCGHTCQVPKTLYKGVP
LKPRKELRFTELQSGQLEVKWSSKFNISIEPVIYVVQRRWNYGIHPSEDDATHWQTVAQTTDERVQLTDIRPSRWYQFRV
AAVNVHGTRGFTAPSKHFRSSKDPSAPPAPANLRLANSTVNSDGSVTVTIVWDLPEEPDIPVHHYKVFWSWMVSSKSLVP
TKKKRRKTTDGFQNSVILEKLQPDCDYVVELQAITYWGQTRLKSAKVSLHFTSTHATNNKEQLVKTRKGGIQTQLPFQRR
RPTRPLEVGAPFYQDGQLQVKVYWKKTEDPTVNRYHVRWFPEACAHNRTTGSEASSGMTHENYIILQDLSFSCKYKVTVQ
PIRPKSHSKAEAVFFTTPPCSALKGKSHKPIGCLGEAGHVLSKVLAKPENLSASFIVQDVNITGHFSWKMAKANLYQPMT
GFQVTWAEVTTESRQNSLPNSIISQSQILPSDHYVLTVPNLRPSTLYRLEVQVLTPGGEGPATIKTFRTPELPPSSAHRS
HLKHRHPHHYKPSPERYGKPIPNPLLGLDSTRTGHHHHHH
;
_entity_poly.pdbx_strand_id                 A 
_entity_poly.pdbx_target_identifier         ? 
# 
loop_
_entity_poly_seq.entity_id 
_entity_poly_seq.num 
_entity_poly_seq.mon_id 
_entity_poly_seq.hetero 
1 1   ALA n 
1 2   ALA n 
1 3   GLY n 
1 4   PRO n 
1 5   GLY n 
1 6   ALA n 
1 7   ALA n 
1 8   ALA n 
1 9   ALA n 
1 10  ARG n 
1 11  ARG n 
1 12  LEU n 
1 13  ASP n 
1 14  GLU n 
1 15  SER n 
1 16  LEU n 
1 17  SER n 
1 18  ALA n 
1 19  GLY n 
1 20  SER n 
1 21  VAL n 
1 22  GLN n 
1 23  ARG n 
1 24  ALA n 
1 25  ARG n 
1 26  CYS n 
1 27  ALA n 
1 28  SER n 
1 29  ARG n 
1 30  CYS n 
1 31  LEU n 
1 32  SER n 
1 33  LEU n 
1 34  GLN n 
1 35  ILE n 
1 36  THR n 
1 37  ARG n 
1 38  ILE n 
1 39  SER n 
1 40  ALA n 
1 41  PHE n 
1 42  PHE n 
1 43  GLN n 
1 44  HIS n 
1 45  PHE n 
1 46  GLN n 
1 47  ASN n 
1 48  ASN n 
1 49  GLY n 
1 50  SER n 
1 51  LEU n 
1 52  VAL n 
1 53  TRP n 
1 54  CYS n 
1 55  GLN n 
1 56  ASN n 
1 57  HIS n 
1 58  LYS n 
1 59  GLN n 
1 60  CYS n 
1 61  SER n 
1 62  LYS n 
1 63  CYS n 
1 64  LEU n 
1 65  GLU n 
1 66  PRO n 
1 67  CYS n 
1 68  LYS n 
1 69  GLU n 
1 70  SER n 
1 71  GLY n 
1 72  ASP n 
1 73  LEU n 
1 74  ARG n 
1 75  LYS n 
1 76  HIS n 
1 77  GLN n 
1 78  CYS n 
1 79  GLN n 
1 80  SER n 
1 81  PHE n 
1 82  CYS n 
1 83  GLU n 
1 84  PRO n 
1 85  LEU n 
1 86  PHE n 
1 87  PRO n 
1 88  LYS n 
1 89  LYS n 
1 90  SER n 
1 91  TYR n 
1 92  GLU n 
1 93  CYS n 
1 94  LEU n 
1 95  THR n 
1 96  SER n 
1 97  CYS n 
1 98  GLU n 
1 99  PHE n 
1 100 LEU n 
1 101 LYS n 
1 102 TYR n 
1 103 ILE n 
1 104 LEU n 
1 105 LEU n 
1 106 VAL n 
1 107 LYS n 
1 108 GLN n 
1 109 GLY n 
1 110 ASP n 
1 111 CYS n 
1 112 PRO n 
1 113 ALA n 
1 114 PRO n 
1 115 GLU n 
1 116 LYS n 
1 117 ALA n 
1 118 SER n 
1 119 GLY n 
1 120 PHE n 
1 121 ALA n 
1 122 ALA n 
1 123 ALA n 
1 124 CYS n 
1 125 VAL n 
1 126 GLU n 
1 127 SER n 
1 128 CYS n 
1 129 GLU n 
1 130 VAL n 
1 131 ASP n 
1 132 ASN n 
1 133 GLU n 
1 134 CYS n 
1 135 SER n 
1 136 GLY n 
1 137 VAL n 
1 138 LYS n 
1 139 LYS n 
1 140 CYS n 
1 141 CYS n 
1 142 SER n 
1 143 ASN n 
1 144 GLY n 
1 145 CYS n 
1 146 GLY n 
1 147 HIS n 
1 148 THR n 
1 149 CYS n 
1 150 GLN n 
1 151 VAL n 
1 152 PRO n 
1 153 LYS n 
1 154 THR n 
1 155 LEU n 
1 156 TYR n 
1 157 LYS n 
1 158 GLY n 
1 159 VAL n 
1 160 PRO n 
1 161 LEU n 
1 162 LYS n 
1 163 PRO n 
1 164 ARG n 
1 165 LYS n 
1 166 GLU n 
1 167 LEU n 
1 168 ARG n 
1 169 PHE n 
1 170 THR n 
1 171 GLU n 
1 172 LEU n 
1 173 GLN n 
1 174 SER n 
1 175 GLY n 
1 176 GLN n 
1 177 LEU n 
1 178 GLU n 
1 179 VAL n 
1 180 LYS n 
1 181 TRP n 
1 182 SER n 
1 183 SER n 
1 184 LYS n 
1 185 PHE n 
1 186 ASN n 
1 187 ILE n 
1 188 SER n 
1 189 ILE n 
1 190 GLU n 
1 191 PRO n 
1 192 VAL n 
1 193 ILE n 
1 194 TYR n 
1 195 VAL n 
1 196 VAL n 
1 197 GLN n 
1 198 ARG n 
1 199 ARG n 
1 200 TRP n 
1 201 ASN n 
1 202 TYR n 
1 203 GLY n 
1 204 ILE n 
1 205 HIS n 
1 206 PRO n 
1 207 SER n 
1 208 GLU n 
1 209 ASP n 
1 210 ASP n 
1 211 ALA n 
1 212 THR n 
1 213 HIS n 
1 214 TRP n 
1 215 GLN n 
1 216 THR n 
1 217 VAL n 
1 218 ALA n 
1 219 GLN n 
1 220 THR n 
1 221 THR n 
1 222 ASP n 
1 223 GLU n 
1 224 ARG n 
1 225 VAL n 
1 226 GLN n 
1 227 LEU n 
1 228 THR n 
1 229 ASP n 
1 230 ILE n 
1 231 ARG n 
1 232 PRO n 
1 233 SER n 
1 234 ARG n 
1 235 TRP n 
1 236 TYR n 
1 237 GLN n 
1 238 PHE n 
1 239 ARG n 
1 240 VAL n 
1 241 ALA n 
1 242 ALA n 
1 243 VAL n 
1 244 ASN n 
1 245 VAL n 
1 246 HIS n 
1 247 GLY n 
1 248 THR n 
1 249 ARG n 
1 250 GLY n 
1 251 PHE n 
1 252 THR n 
1 253 ALA n 
1 254 PRO n 
1 255 SER n 
1 256 LYS n 
1 257 HIS n 
1 258 PHE n 
1 259 ARG n 
1 260 SER n 
1 261 SER n 
1 262 LYS n 
1 263 ASP n 
1 264 PRO n 
1 265 SER n 
1 266 ALA n 
1 267 PRO n 
1 268 PRO n 
1 269 ALA n 
1 270 PRO n 
1 271 ALA n 
1 272 ASN n 
1 273 LEU n 
1 274 ARG n 
1 275 LEU n 
1 276 ALA n 
1 277 ASN n 
1 278 SER n 
1 279 THR n 
1 280 VAL n 
1 281 ASN n 
1 282 SER n 
1 283 ASP n 
1 284 GLY n 
1 285 SER n 
1 286 VAL n 
1 287 THR n 
1 288 VAL n 
1 289 THR n 
1 290 ILE n 
1 291 VAL n 
1 292 TRP n 
1 293 ASP n 
1 294 LEU n 
1 295 PRO n 
1 296 GLU n 
1 297 GLU n 
1 298 PRO n 
1 299 ASP n 
1 300 ILE n 
1 301 PRO n 
1 302 VAL n 
1 303 HIS n 
1 304 HIS n 
1 305 TYR n 
1 306 LYS n 
1 307 VAL n 
1 308 PHE n 
1 309 TRP n 
1 310 SER n 
1 311 TRP n 
1 312 MET n 
1 313 VAL n 
1 314 SER n 
1 315 SER n 
1 316 LYS n 
1 317 SER n 
1 318 LEU n 
1 319 VAL n 
1 320 PRO n 
1 321 THR n 
1 322 LYS n 
1 323 LYS n 
1 324 LYS n 
1 325 ARG n 
1 326 ARG n 
1 327 LYS n 
1 328 THR n 
1 329 THR n 
1 330 ASP n 
1 331 GLY n 
1 332 PHE n 
1 333 GLN n 
1 334 ASN n 
1 335 SER n 
1 336 VAL n 
1 337 ILE n 
1 338 LEU n 
1 339 GLU n 
1 340 LYS n 
1 341 LEU n 
1 342 GLN n 
1 343 PRO n 
1 344 ASP n 
1 345 CYS n 
1 346 ASP n 
1 347 TYR n 
1 348 VAL n 
1 349 VAL n 
1 350 GLU n 
1 351 LEU n 
1 352 GLN n 
1 353 ALA n 
1 354 ILE n 
1 355 THR n 
1 356 TYR n 
1 357 TRP n 
1 358 GLY n 
1 359 GLN n 
1 360 THR n 
1 361 ARG n 
1 362 LEU n 
1 363 LYS n 
1 364 SER n 
1 365 ALA n 
1 366 LYS n 
1 367 VAL n 
1 368 SER n 
1 369 LEU n 
1 370 HIS n 
1 371 PHE n 
1 372 THR n 
1 373 SER n 
1 374 THR n 
1 375 HIS n 
1 376 ALA n 
1 377 THR n 
1 378 ASN n 
1 379 ASN n 
1 380 LYS n 
1 381 GLU n 
1 382 GLN n 
1 383 LEU n 
1 384 VAL n 
1 385 LYS n 
1 386 THR n 
1 387 ARG n 
1 388 LYS n 
1 389 GLY n 
1 390 GLY n 
1 391 ILE n 
1 392 GLN n 
1 393 THR n 
1 394 GLN n 
1 395 LEU n 
1 396 PRO n 
1 397 PHE n 
1 398 GLN n 
1 399 ARG n 
1 400 ARG n 
1 401 ARG n 
1 402 PRO n 
1 403 THR n 
1 404 ARG n 
1 405 PRO n 
1 406 LEU n 
1 407 GLU n 
1 408 VAL n 
1 409 GLY n 
1 410 ALA n 
1 411 PRO n 
1 412 PHE n 
1 413 TYR n 
1 414 GLN n 
1 415 ASP n 
1 416 GLY n 
1 417 GLN n 
1 418 LEU n 
1 419 GLN n 
1 420 VAL n 
1 421 LYS n 
1 422 VAL n 
1 423 TYR n 
1 424 TRP n 
1 425 LYS n 
1 426 LYS n 
1 427 THR n 
1 428 GLU n 
1 429 ASP n 
1 430 PRO n 
1 431 THR n 
1 432 VAL n 
1 433 ASN n 
1 434 ARG n 
1 435 TYR n 
1 436 HIS n 
1 437 VAL n 
1 438 ARG n 
1 439 TRP n 
1 440 PHE n 
1 441 PRO n 
1 442 GLU n 
1 443 ALA n 
1 444 CYS n 
1 445 ALA n 
1 446 HIS n 
1 447 ASN n 
1 448 ARG n 
1 449 THR n 
1 450 THR n 
1 451 GLY n 
1 452 SER n 
1 453 GLU n 
1 454 ALA n 
1 455 SER n 
1 456 SER n 
1 457 GLY n 
1 458 MET n 
1 459 THR n 
1 460 HIS n 
1 461 GLU n 
1 462 ASN n 
1 463 TYR n 
1 464 ILE n 
1 465 ILE n 
1 466 LEU n 
1 467 GLN n 
1 468 ASP n 
1 469 LEU n 
1 470 SER n 
1 471 PHE n 
1 472 SER n 
1 473 CYS n 
1 474 LYS n 
1 475 TYR n 
1 476 LYS n 
1 477 VAL n 
1 478 THR n 
1 479 VAL n 
1 480 GLN n 
1 481 PRO n 
1 482 ILE n 
1 483 ARG n 
1 484 PRO n 
1 485 LYS n 
1 486 SER n 
1 487 HIS n 
1 488 SER n 
1 489 LYS n 
1 490 ALA n 
1 491 GLU n 
1 492 ALA n 
1 493 VAL n 
1 494 PHE n 
1 495 PHE n 
1 496 THR n 
1 497 THR n 
1 498 PRO n 
1 499 PRO n 
1 500 CYS n 
1 501 SER n 
1 502 ALA n 
1 503 LEU n 
1 504 LYS n 
1 505 GLY n 
1 506 LYS n 
1 507 SER n 
1 508 HIS n 
1 509 LYS n 
1 510 PRO n 
1 511 ILE n 
1 512 GLY n 
1 513 CYS n 
1 514 LEU n 
1 515 GLY n 
1 516 GLU n 
1 517 ALA n 
1 518 GLY n 
1 519 HIS n 
1 520 VAL n 
1 521 LEU n 
1 522 SER n 
1 523 LYS n 
1 524 VAL n 
1 525 LEU n 
1 526 ALA n 
1 527 LYS n 
1 528 PRO n 
1 529 GLU n 
1 530 ASN n 
1 531 LEU n 
1 532 SER n 
1 533 ALA n 
1 534 SER n 
1 535 PHE n 
1 536 ILE n 
1 537 VAL n 
1 538 GLN n 
1 539 ASP n 
1 540 VAL n 
1 541 ASN n 
1 542 ILE n 
1 543 THR n 
1 544 GLY n 
1 545 HIS n 
1 546 PHE n 
1 547 SER n 
1 548 TRP n 
1 549 LYS n 
1 550 MET n 
1 551 ALA n 
1 552 LYS n 
1 553 ALA n 
1 554 ASN n 
1 555 LEU n 
1 556 TYR n 
1 557 GLN n 
1 558 PRO n 
1 559 MET n 
1 560 THR n 
1 561 GLY n 
1 562 PHE n 
1 563 GLN n 
1 564 VAL n 
1 565 THR n 
1 566 TRP n 
1 567 ALA n 
1 568 GLU n 
1 569 VAL n 
1 570 THR n 
1 571 THR n 
1 572 GLU n 
1 573 SER n 
1 574 ARG n 
1 575 GLN n 
1 576 ASN n 
1 577 SER n 
1 578 LEU n 
1 579 PRO n 
1 580 ASN n 
1 581 SER n 
1 582 ILE n 
1 583 ILE n 
1 584 SER n 
1 585 GLN n 
1 586 SER n 
1 587 GLN n 
1 588 ILE n 
1 589 LEU n 
1 590 PRO n 
1 591 SER n 
1 592 ASP n 
1 593 HIS n 
1 594 TYR n 
1 595 VAL n 
1 596 LEU n 
1 597 THR n 
1 598 VAL n 
1 599 PRO n 
1 600 ASN n 
1 601 LEU n 
1 602 ARG n 
1 603 PRO n 
1 604 SER n 
1 605 THR n 
1 606 LEU n 
1 607 TYR n 
1 608 ARG n 
1 609 LEU n 
1 610 GLU n 
1 611 VAL n 
1 612 GLN n 
1 613 VAL n 
1 614 LEU n 
1 615 THR n 
1 616 PRO n 
1 617 GLY n 
1 618 GLY n 
1 619 GLU n 
1 620 GLY n 
1 621 PRO n 
1 622 ALA n 
1 623 THR n 
1 624 ILE n 
1 625 LYS n 
1 626 THR n 
1 627 PHE n 
1 628 ARG n 
1 629 THR n 
1 630 PRO n 
1 631 GLU n 
1 632 LEU n 
1 633 PRO n 
1 634 PRO n 
1 635 SER n 
1 636 SER n 
1 637 ALA n 
1 638 HIS n 
1 639 ARG n 
1 640 SER n 
1 641 HIS n 
1 642 LEU n 
1 643 LYS n 
1 644 HIS n 
1 645 ARG n 
1 646 HIS n 
1 647 PRO n 
1 648 HIS n 
1 649 HIS n 
1 650 TYR n 
1 651 LYS n 
1 652 PRO n 
1 653 SER n 
1 654 PRO n 
1 655 GLU n 
1 656 ARG n 
1 657 TYR n 
1 658 GLY n 
1 659 LYS n 
1 660 PRO n 
1 661 ILE n 
1 662 PRO n 
1 663 ASN n 
1 664 PRO n 
1 665 LEU n 
1 666 LEU n 
1 667 GLY n 
1 668 LEU n 
1 669 ASP n 
1 670 SER n 
1 671 THR n 
1 672 ARG n 
1 673 THR n 
1 674 GLY n 
1 675 HIS n 
1 676 HIS n 
1 677 HIS n 
1 678 HIS n 
1 679 HIS n 
1 680 HIS n 
# 
_entity_src_gen.entity_id                          1 
_entity_src_gen.pdbx_src_id                        1 
_entity_src_gen.pdbx_alt_source_flag               sample 
_entity_src_gen.pdbx_seq_type                      ? 
_entity_src_gen.pdbx_beg_seq_num                   ? 
_entity_src_gen.pdbx_end_seq_num                   ? 
_entity_src_gen.gene_src_common_name               human 
_entity_src_gen.gene_src_genus                     Homo 
_entity_src_gen.pdbx_gene_src_gene                 'KAL1, ADMLX, KAL, KALIG1' 
_entity_src_gen.gene_src_species                   ? 
_entity_src_gen.gene_src_strain                    ? 
_entity_src_gen.gene_src_tissue                    ? 
_entity_src_gen.gene_src_tissue_fraction           ? 
_entity_src_gen.gene_src_details                   ? 
_entity_src_gen.pdbx_gene_src_fragment             ? 
_entity_src_gen.pdbx_gene_src_scientific_name      'Homo sapiens' 
_entity_src_gen.pdbx_gene_src_ncbi_taxonomy_id     9606 
_entity_src_gen.pdbx_gene_src_variant              ? 
_entity_src_gen.pdbx_gene_src_cell_line            ? 
_entity_src_gen.pdbx_gene_src_atcc                 ? 
_entity_src_gen.pdbx_gene_src_organ                ? 
_entity_src_gen.pdbx_gene_src_organelle            ? 
_entity_src_gen.pdbx_gene_src_cell                 ? 
_entity_src_gen.pdbx_gene_src_cellular_location    ? 
_entity_src_gen.host_org_common_name               'fruit fly' 
_entity_src_gen.pdbx_host_org_scientific_name      'Drosophila melanogaster' 
_entity_src_gen.pdbx_host_org_ncbi_taxonomy_id     7227 
_entity_src_gen.host_org_genus                     Drosophila 
_entity_src_gen.pdbx_host_org_gene                 ? 
_entity_src_gen.pdbx_host_org_organ                ? 
_entity_src_gen.host_org_species                   ? 
_entity_src_gen.pdbx_host_org_tissue               ? 
_entity_src_gen.pdbx_host_org_tissue_fraction      ? 
_entity_src_gen.pdbx_host_org_strain               'Schneider 2 (S2) cells' 
_entity_src_gen.pdbx_host_org_variant              ? 
_entity_src_gen.pdbx_host_org_cell_line            ? 
_entity_src_gen.pdbx_host_org_atcc                 ? 
_entity_src_gen.pdbx_host_org_culture_collection   ? 
_entity_src_gen.pdbx_host_org_cell                 ? 
_entity_src_gen.pdbx_host_org_organelle            ? 
_entity_src_gen.pdbx_host_org_cellular_location    ? 
_entity_src_gen.pdbx_host_org_vector_type          ? 
_entity_src_gen.pdbx_host_org_vector               ? 
_entity_src_gen.host_org_details                   ? 
_entity_src_gen.expression_system_id               ? 
_entity_src_gen.plasmid_name                       pMT/BIP/V5-His 
_entity_src_gen.plasmid_details                    ? 
_entity_src_gen.pdbx_description                   ? 
# 
loop_
_chem_comp.id 
_chem_comp.type 
_chem_comp.mon_nstd_flag 
_chem_comp.name 
_chem_comp.pdbx_synonyms 
_chem_comp.formula 
_chem_comp.formula_weight 
ALA 'L-peptide linking' y ALANINE         ? 'C3 H7 N O2'     89.093  
ARG 'L-peptide linking' y ARGININE        ? 'C6 H15 N4 O2 1' 175.209 
ASN 'L-peptide linking' y ASPARAGINE      ? 'C4 H8 N2 O3'    132.118 
ASP 'L-peptide linking' y 'ASPARTIC ACID' ? 'C4 H7 N O4'     133.103 
CYS 'L-peptide linking' y CYSTEINE        ? 'C3 H7 N O2 S'   121.158 
GLN 'L-peptide linking' y GLUTAMINE       ? 'C5 H10 N2 O3'   146.144 
GLU 'L-peptide linking' y 'GLUTAMIC ACID' ? 'C5 H9 N O4'     147.129 
GLY 'peptide linking'   y GLYCINE         ? 'C2 H5 N O2'     75.067  
HIS 'L-peptide linking' y HISTIDINE       ? 'C6 H10 N3 O2 1' 156.162 
ILE 'L-peptide linking' y ISOLEUCINE      ? 'C6 H13 N O2'    131.173 
LEU 'L-peptide linking' y LEUCINE         ? 'C6 H13 N O2'    131.173 
LYS 'L-peptide linking' y LYSINE          ? 'C6 H15 N2 O2 1' 147.195 
MET 'L-peptide linking' y METHIONINE      ? 'C5 H11 N O2 S'  149.211 
PHE 'L-peptide linking' y PHENYLALANINE   ? 'C9 H11 N O2'    165.189 
PRO 'L-peptide linking' y PROLINE         ? 'C5 H9 N O2'     115.130 
SER 'L-peptide linking' y SERINE          ? 'C3 H7 N O3'     105.093 
THR 'L-peptide linking' y THREONINE       ? 'C4 H9 N O3'     119.119 
TRP 'L-peptide linking' y TRYPTOPHAN      ? 'C11 H12 N2 O2'  204.225 
TYR 'L-peptide linking' y TYROSINE        ? 'C9 H11 N O3'    181.189 
VAL 'L-peptide linking' y VALINE          ? 'C5 H11 N O2'    117.146 
# 
loop_
_pdbx_poly_seq_scheme.asym_id 
_pdbx_poly_seq_scheme.entity_id 
_pdbx_poly_seq_scheme.seq_id 
_pdbx_poly_seq_scheme.mon_id 
_pdbx_poly_seq_scheme.ndb_seq_num 
_pdbx_poly_seq_scheme.pdb_seq_num 
_pdbx_poly_seq_scheme.auth_seq_num 
_pdbx_poly_seq_scheme.pdb_mon_id 
_pdbx_poly_seq_scheme.auth_mon_id 
_pdbx_poly_seq_scheme.pdb_strand_id 
_pdbx_poly_seq_scheme.pdb_ins_code 
_pdbx_poly_seq_scheme.hetero 
A 1 1   ALA 1   24  24  ALA ALA A . n 
A 1 2   ALA 2   25  25  ALA ALA A . n 
A 1 3   GLY 3   26  26  GLY GLY A . n 
A 1 4   PRO 4   27  27  PRO PRO A . n 
A 1 5   GLY 5   28  28  GLY GLY A . n 
A 1 6   ALA 6   29  29  ALA ALA A . n 
A 1 7   ALA 7   30  30  ALA ALA A . n 
A 1 8   ALA 8   31  31  ALA ALA A . n 
A 1 9   ALA 9   32  32  ALA ALA A . n 
A 1 10  ARG 10  33  33  ARG ARG A . n 
A 1 11  ARG 11  34  34  ARG ARG A . n 
A 1 12  LEU 12  35  35  LEU LEU A . n 
A 1 13  ASP 13  36  36  ASP ASP A . n 
A 1 14  GLU 14  37  37  GLU GLU A . n 
A 1 15  SER 15  38  38  SER SER A . n 
A 1 16  LEU 16  39  39  LEU LEU A . n 
A 1 17  SER 17  40  40  SER SER A . n 
A 1 18  ALA 18  41  41  ALA ALA A . n 
A 1 19  GLY 19  42  42  GLY GLY A . n 
A 1 20  SER 20  43  43  SER SER A . n 
A 1 21  VAL 21  44  44  VAL VAL A . n 
A 1 22  GLN 22  45  45  GLN GLN A . n 
A 1 23  ARG 23  46  46  ARG ARG A . n 
A 1 24  ALA 24  47  47  ALA ALA A . n 
A 1 25  ARG 25  48  48  ARG ARG A . n 
A 1 26  CYS 26  49  49  CYS CYS A . n 
A 1 27  ALA 27  50  50  ALA ALA A . n 
A 1 28  SER 28  51  51  SER SER A . n 
A 1 29  ARG 29  52  52  ARG ARG A . n 
A 1 30  CYS 30  53  53  CYS CYS A . n 
A 1 31  LEU 31  54  54  LEU LEU A . n 
A 1 32  SER 32  55  55  SER SER A . n 
A 1 33  LEU 33  56  56  LEU LEU A . n 
A 1 34  GLN 34  57  57  GLN GLN A . n 
A 1 35  ILE 35  58  58  ILE ILE A . n 
A 1 36  THR 36  59  59  THR THR A . n 
A 1 37  ARG 37  60  60  ARG ARG A . n 
A 1 38  ILE 38  61  61  ILE ILE A . n 
A 1 39  SER 39  62  62  SER SER A . n 
A 1 40  ALA 40  63  63  ALA ALA A . n 
A 1 41  PHE 41  64  64  PHE PHE A . n 
A 1 42  PHE 42  65  65  PHE PHE A . n 
A 1 43  GLN 43  66  66  GLN GLN A . n 
A 1 44  HIS 44  67  67  HIS HIS A . n 
A 1 45  PHE 45  68  68  PHE PHE A . n 
A 1 46  GLN 46  69  69  GLN GLN A . n 
A 1 47  ASN 47  70  70  ASN ASN A . n 
A 1 48  ASN 48  71  71  ASN ASN A . n 
A 1 49  GLY 49  72  72  GLY GLY A . n 
A 1 50  SER 50  73  73  SER SER A . n 
A 1 51  LEU 51  74  74  LEU LEU A . n 
A 1 52  VAL 52  75  75  VAL VAL A . n 
A 1 53  TRP 53  76  76  TRP TRP A . n 
A 1 54  CYS 54  77  77  CYS CYS A . n 
A 1 55  GLN 55  78  78  GLN GLN A . n 
A 1 56  ASN 56  79  79  ASN ASN A . n 
A 1 57  HIS 57  80  80  HIS HIS A . n 
A 1 58  LYS 58  81  81  LYS LYS A . n 
A 1 59  GLN 59  82  82  GLN GLN A . n 
A 1 60  CYS 60  83  83  CYS CYS A . n 
A 1 61  SER 61  84  84  SER SER A . n 
A 1 62  LYS 62  85  85  LYS LYS A . n 
A 1 63  CYS 63  86  86  CYS CYS A . n 
A 1 64  LEU 64  87  87  LEU LEU A . n 
A 1 65  GLU 65  88  88  GLU GLU A . n 
A 1 66  PRO 66  89  89  PRO PRO A . n 
A 1 67  CYS 67  90  90  CYS CYS A . n 
A 1 68  LYS 68  91  91  LYS LYS A . n 
A 1 69  GLU 69  92  92  GLU GLU A . n 
A 1 70  SER 70  93  93  SER SER A . n 
A 1 71  GLY 71  94  94  GLY GLY A . n 
A 1 72  ASP 72  95  95  ASP ASP A . n 
A 1 73  LEU 73  96  96  LEU LEU A . n 
A 1 74  ARG 74  97  97  ARG ARG A . n 
A 1 75  LYS 75  98  98  LYS LYS A . n 
A 1 76  HIS 76  99  99  HIS HIS A . n 
A 1 77  GLN 77  100 100 GLN GLN A . n 
A 1 78  CYS 78  101 101 CYS CYS A . n 
A 1 79  GLN 79  102 102 GLN GLN A . n 
A 1 80  SER 80  103 103 SER SER A . n 
A 1 81  PHE 81  104 104 PHE PHE A . n 
A 1 82  CYS 82  105 105 CYS CYS A . n 
A 1 83  GLU 83  106 106 GLU GLU A . n 
A 1 84  PRO 84  107 107 PRO PRO A . n 
A 1 85  LEU 85  108 108 LEU LEU A . n 
A 1 86  PHE 86  109 109 PHE PHE A . n 
A 1 87  PRO 87  110 110 PRO PRO A . n 
A 1 88  LYS 88  111 111 LYS LYS A . n 
A 1 89  LYS 89  112 112 LYS LYS A . n 
A 1 90  SER 90  113 113 SER SER A . n 
A 1 91  TYR 91  114 114 TYR TYR A . n 
A 1 92  GLU 92  115 115 GLU GLU A . n 
A 1 93  CYS 93  116 116 CYS CYS A . n 
A 1 94  LEU 94  117 117 LEU LEU A . n 
A 1 95  THR 95  118 118 THR THR A . n 
A 1 96  SER 96  119 119 SER SER A . n 
A 1 97  CYS 97  120 120 CYS CYS A . n 
A 1 98  GLU 98  121 121 GLU GLU A . n 
A 1 99  PHE 99  122 122 PHE PHE A . n 
A 1 100 LEU 100 123 123 LEU LEU A . n 
A 1 101 LYS 101 124 124 LYS LYS A . n 
A 1 102 TYR 102 125 125 TYR TYR A . n 
A 1 103 ILE 103 126 126 ILE ILE A . n 
A 1 104 LEU 104 127 127 LEU LEU A . n 
A 1 105 LEU 105 128 128 LEU LEU A . n 
A 1 106 VAL 106 129 129 VAL VAL A . n 
A 1 107 LYS 107 130 130 LYS LYS A . n 
A 1 108 GLN 108 131 131 GLN GLN A . n 
A 1 109 GLY 109 132 132 GLY GLY A . n 
A 1 110 ASP 110 133 133 ASP ASP A . n 
A 1 111 CYS 111 134 134 CYS CYS A . n 
A 1 112 PRO 112 135 135 PRO PRO A . n 
A 1 113 ALA 113 136 136 ALA ALA A . n 
A 1 114 PRO 114 137 137 PRO PRO A . n 
A 1 115 GLU 115 138 138 GLU GLU A . n 
A 1 116 LYS 116 139 139 LYS LYS A . n 
A 1 117 ALA 117 140 140 ALA ALA A . n 
A 1 118 SER 118 141 141 SER SER A . n 
A 1 119 GLY 119 142 142 GLY GLY A . n 
A 1 120 PHE 120 143 143 PHE PHE A . n 
A 1 121 ALA 121 144 144 ALA ALA A . n 
A 1 122 ALA 122 145 145 ALA ALA A . n 
A 1 123 ALA 123 146 146 ALA ALA A . n 
A 1 124 CYS 124 147 147 CYS CYS A . n 
A 1 125 VAL 125 148 148 VAL VAL A . n 
A 1 126 GLU 126 149 149 GLU GLU A . n 
A 1 127 SER 127 150 150 SER SER A . n 
A 1 128 CYS 128 151 151 CYS CYS A . n 
A 1 129 GLU 129 152 152 GLU GLU A . n 
A 1 130 VAL 130 153 153 VAL VAL A . n 
A 1 131 ASP 131 154 154 ASP ASP A . n 
A 1 132 ASN 132 155 155 ASN ASN A . n 
A 1 133 GLU 133 156 156 GLU GLU A . n 
A 1 134 CYS 134 157 157 CYS CYS A . n 
A 1 135 SER 135 158 158 SER SER A . n 
A 1 136 GLY 136 159 159 GLY GLY A . n 
A 1 137 VAL 137 160 160 VAL VAL A . n 
A 1 138 LYS 138 161 161 LYS LYS A . n 
A 1 139 LYS 139 162 162 LYS LYS A . n 
A 1 140 CYS 140 163 163 CYS CYS A . n 
A 1 141 CYS 141 164 164 CYS CYS A . n 
A 1 142 SER 142 165 165 SER SER A . n 
A 1 143 ASN 143 166 166 ASN ASN A . n 
A 1 144 GLY 144 167 167 GLY GLY A . n 
A 1 145 CYS 145 168 168 CYS CYS A . n 
A 1 146 GLY 146 169 169 GLY GLY A . n 
A 1 147 HIS 147 170 170 HIS HIS A . n 
A 1 148 THR 148 171 171 THR THR A . n 
A 1 149 CYS 149 172 172 CYS CYS A . n 
A 1 150 GLN 150 173 173 GLN GLN A . n 
A 1 151 VAL 151 174 174 VAL VAL A . n 
A 1 152 PRO 152 175 175 PRO PRO A . n 
A 1 153 LYS 153 176 176 LYS LYS A . n 
A 1 154 THR 154 177 177 THR THR A . n 
A 1 155 LEU 155 178 178 LEU LEU A . n 
A 1 156 TYR 156 179 179 TYR TYR A . n 
A 1 157 LYS 157 180 180 LYS LYS A . n 
A 1 158 GLY 158 181 181 GLY GLY A . n 
A 1 159 VAL 159 182 182 VAL VAL A . n 
A 1 160 PRO 160 183 183 PRO PRO A . n 
A 1 161 LEU 161 184 184 LEU LEU A . n 
A 1 162 LYS 162 185 185 LYS LYS A . n 
A 1 163 PRO 163 186 186 PRO PRO A . n 
A 1 164 ARG 164 187 187 ARG ARG A . n 
A 1 165 LYS 165 188 188 LYS LYS A . n 
A 1 166 GLU 166 189 189 GLU GLU A . n 
A 1 167 LEU 167 190 190 LEU LEU A . n 
A 1 168 ARG 168 191 191 ARG ARG A . n 
A 1 169 PHE 169 192 192 PHE PHE A . n 
A 1 170 THR 170 193 193 THR THR A . n 
A 1 171 GLU 171 194 194 GLU GLU A . n 
A 1 172 LEU 172 195 195 LEU LEU A . n 
A 1 173 GLN 173 196 196 GLN GLN A . n 
A 1 174 SER 174 197 197 SER SER A . n 
A 1 175 GLY 175 198 198 GLY GLY A . n 
A 1 176 GLN 176 199 199 GLN GLN A . n 
A 1 177 LEU 177 200 200 LEU LEU A . n 
A 1 178 GLU 178 201 201 GLU GLU A . n 
A 1 179 VAL 179 202 202 VAL VAL A . n 
A 1 180 LYS 180 203 203 LYS LYS A . n 
A 1 181 TRP 181 204 204 TRP TRP A . n 
A 1 182 SER 182 205 205 SER SER A . n 
A 1 183 SER 183 206 206 SER SER A . n 
A 1 184 LYS 184 207 207 LYS LYS A . n 
A 1 185 PHE 185 208 208 PHE PHE A . n 
A 1 186 ASN 186 209 209 ASN ASN A . n 
A 1 187 ILE 187 210 210 ILE ILE A . n 
A 1 188 SER 188 211 211 SER SER A . n 
A 1 189 ILE 189 212 212 ILE ILE A . n 
A 1 190 GLU 190 213 213 GLU GLU A . n 
A 1 191 PRO 191 214 214 PRO PRO A . n 
A 1 192 VAL 192 215 215 VAL VAL A . n 
A 1 193 ILE 193 216 216 ILE ILE A . n 
A 1 194 TYR 194 217 217 TYR TYR A . n 
A 1 195 VAL 195 218 218 VAL VAL A . n 
A 1 196 VAL 196 219 219 VAL VAL A . n 
A 1 197 GLN 197 220 220 GLN GLN A . n 
A 1 198 ARG 198 221 221 ARG ARG A . n 
A 1 199 ARG 199 222 222 ARG ARG A . n 
A 1 200 TRP 200 223 223 TRP TRP A . n 
A 1 201 ASN 201 224 224 ASN ASN A . n 
A 1 202 TYR 202 225 225 TYR TYR A . n 
A 1 203 GLY 203 226 226 GLY GLY A . n 
A 1 204 ILE 204 227 227 ILE ILE A . n 
A 1 205 HIS 205 228 228 HIS HIS A . n 
A 1 206 PRO 206 229 229 PRO PRO A . n 
A 1 207 SER 207 230 230 SER SER A . n 
A 1 208 GLU 208 231 231 GLU GLU A . n 
A 1 209 ASP 209 232 232 ASP ASP A . n 
A 1 210 ASP 210 233 233 ASP ASP A . n 
A 1 211 ALA 211 234 234 ALA ALA A . n 
A 1 212 THR 212 235 235 THR THR A . n 
A 1 213 HIS 213 236 236 HIS HIS A . n 
A 1 214 TRP 214 237 237 TRP TRP A . n 
A 1 215 GLN 215 238 238 GLN GLN A . n 
A 1 216 THR 216 239 239 THR THR A . n 
A 1 217 VAL 217 240 240 VAL VAL A . n 
A 1 218 ALA 218 241 241 ALA ALA A . n 
A 1 219 GLN 219 242 242 GLN GLN A . n 
A 1 220 THR 220 243 243 THR THR A . n 
A 1 221 THR 221 244 244 THR THR A . n 
A 1 222 ASP 222 245 245 ASP ASP A . n 
A 1 223 GLU 223 246 246 GLU GLU A . n 
A 1 224 ARG 224 247 247 ARG ARG A . n 
A 1 225 VAL 225 248 248 VAL VAL A . n 
A 1 226 GLN 226 249 249 GLN GLN A . n 
A 1 227 LEU 227 250 250 LEU LEU A . n 
A 1 228 THR 228 251 251 THR THR A . n 
A 1 229 ASP 229 252 252 ASP ASP A . n 
A 1 230 ILE 230 253 253 ILE ILE A . n 
A 1 231 ARG 231 254 254 ARG ARG A . n 
A 1 232 PRO 232 255 255 PRO PRO A . n 
A 1 233 SER 233 256 256 SER SER A . n 
A 1 234 ARG 234 257 257 ARG ARG A . n 
A 1 235 TRP 235 258 258 TRP TRP A . n 
A 1 236 TYR 236 259 259 TYR TYR A . n 
A 1 237 GLN 237 260 260 GLN GLN A . n 
A 1 238 PHE 238 261 261 PHE PHE A . n 
A 1 239 ARG 239 262 262 ARG ARG A . n 
A 1 240 VAL 240 263 263 VAL VAL A . n 
A 1 241 ALA 241 264 264 ALA ALA A . n 
A 1 242 ALA 242 265 265 ALA ALA A . n 
A 1 243 VAL 243 266 266 VAL VAL A . n 
A 1 244 ASN 244 267 267 ASN ASN A . n 
A 1 245 VAL 245 268 268 VAL VAL A . n 
A 1 246 HIS 246 269 269 HIS HIS A . n 
A 1 247 GLY 247 270 270 GLY GLY A . n 
A 1 248 THR 248 271 271 THR THR A . n 
A 1 249 ARG 249 272 272 ARG ARG A . n 
A 1 250 GLY 250 273 273 GLY GLY A . n 
A 1 251 PHE 251 274 274 PHE PHE A . n 
A 1 252 THR 252 275 275 THR THR A . n 
A 1 253 ALA 253 276 276 ALA ALA A . n 
A 1 254 PRO 254 277 277 PRO PRO A . n 
A 1 255 SER 255 278 278 SER SER A . n 
A 1 256 LYS 256 279 279 LYS LYS A . n 
A 1 257 HIS 257 280 280 HIS HIS A . n 
A 1 258 PHE 258 281 281 PHE PHE A . n 
A 1 259 ARG 259 282 282 ARG ARG A . n 
A 1 260 SER 260 283 283 SER SER A . n 
A 1 261 SER 261 284 284 SER SER A . n 
A 1 262 LYS 262 285 285 LYS LYS A . n 
A 1 263 ASP 263 286 286 ASP ASP A . n 
A 1 264 PRO 264 287 287 PRO PRO A . n 
A 1 265 SER 265 288 288 SER SER A . n 
A 1 266 ALA 266 289 289 ALA ALA A . n 
A 1 267 PRO 267 290 290 PRO PRO A . n 
A 1 268 PRO 268 291 291 PRO PRO A . n 
A 1 269 ALA 269 292 292 ALA ALA A . n 
A 1 270 PRO 270 293 293 PRO PRO A . n 
A 1 271 ALA 271 294 294 ALA ALA A . n 
A 1 272 ASN 272 295 295 ASN ASN A . n 
A 1 273 LEU 273 296 296 LEU LEU A . n 
A 1 274 ARG 274 297 297 ARG ARG A . n 
A 1 275 LEU 275 298 298 LEU LEU A . n 
A 1 276 ALA 276 299 299 ALA ALA A . n 
A 1 277 ASN 277 300 300 ASN ASN A . n 
A 1 278 SER 278 301 301 SER SER A . n 
A 1 279 THR 279 302 302 THR THR A . n 
A 1 280 VAL 280 303 303 VAL VAL A . n 
A 1 281 ASN 281 304 304 ASN ASN A . n 
A 1 282 SER 282 305 305 SER SER A . n 
A 1 283 ASP 283 306 306 ASP ASP A . n 
A 1 284 GLY 284 307 307 GLY GLY A . n 
A 1 285 SER 285 308 308 SER SER A . n 
A 1 286 VAL 286 309 309 VAL VAL A . n 
A 1 287 THR 287 310 310 THR THR A . n 
A 1 288 VAL 288 311 311 VAL VAL A . n 
A 1 289 THR 289 312 312 THR THR A . n 
A 1 290 ILE 290 313 313 ILE ILE A . n 
A 1 291 VAL 291 314 314 VAL VAL A . n 
A 1 292 TRP 292 315 315 TRP TRP A . n 
A 1 293 ASP 293 316 316 ASP ASP A . n 
A 1 294 LEU 294 317 317 LEU LEU A . n 
A 1 295 PRO 295 318 318 PRO PRO A . n 
A 1 296 GLU 296 319 319 GLU GLU A . n 
A 1 297 GLU 297 320 320 GLU GLU A . n 
A 1 298 PRO 298 321 321 PRO PRO A . n 
A 1 299 ASP 299 322 322 ASP ASP A . n 
A 1 300 ILE 300 323 323 ILE ILE A . n 
A 1 301 PRO 301 324 324 PRO PRO A . n 
A 1 302 VAL 302 325 325 VAL VAL A . n 
A 1 303 HIS 303 326 326 HIS HIS A . n 
A 1 304 HIS 304 327 327 HIS HIS A . n 
A 1 305 TYR 305 328 328 TYR TYR A . n 
A 1 306 LYS 306 329 329 LYS LYS A . n 
A 1 307 VAL 307 330 330 VAL VAL A . n 
A 1 308 PHE 308 331 331 PHE PHE A . n 
A 1 309 TRP 309 332 332 TRP TRP A . n 
A 1 310 SER 310 333 333 SER SER A . n 
A 1 311 TRP 311 334 334 TRP TRP A . n 
A 1 312 MET 312 335 335 MET MET A . n 
A 1 313 VAL 313 336 336 VAL VAL A . n 
A 1 314 SER 314 337 337 SER SER A . n 
A 1 315 SER 315 338 338 SER SER A . n 
A 1 316 LYS 316 339 339 LYS LYS A . n 
A 1 317 SER 317 340 340 SER SER A . n 
A 1 318 LEU 318 341 341 LEU LEU A . n 
A 1 319 VAL 319 342 342 VAL VAL A . n 
A 1 320 PRO 320 343 343 PRO PRO A . n 
A 1 321 THR 321 344 344 THR THR A . n 
A 1 322 LYS 322 345 345 LYS LYS A . n 
A 1 323 LYS 323 346 346 LYS LYS A . n 
A 1 324 LYS 324 347 347 LYS LYS A . n 
A 1 325 ARG 325 348 348 ARG ARG A . n 
A 1 326 ARG 326 349 349 ARG ARG A . n 
A 1 327 LYS 327 350 350 LYS LYS A . n 
A 1 328 THR 328 351 351 THR THR A . n 
A 1 329 THR 329 352 352 THR THR A . n 
A 1 330 ASP 330 353 353 ASP ASP A . n 
A 1 331 GLY 331 354 354 GLY GLY A . n 
A 1 332 PHE 332 355 355 PHE PHE A . n 
A 1 333 GLN 333 356 356 GLN GLN A . n 
A 1 334 ASN 334 357 357 ASN ASN A . n 
A 1 335 SER 335 358 358 SER SER A . n 
A 1 336 VAL 336 359 359 VAL VAL A . n 
A 1 337 ILE 337 360 360 ILE ILE A . n 
A 1 338 LEU 338 361 361 LEU LEU A . n 
A 1 339 GLU 339 362 362 GLU GLU A . n 
A 1 340 LYS 340 363 363 LYS LYS A . n 
A 1 341 LEU 341 364 364 LEU LEU A . n 
A 1 342 GLN 342 365 365 GLN GLN A . n 
A 1 343 PRO 343 366 366 PRO PRO A . n 
A 1 344 ASP 344 367 367 ASP ASP A . n 
A 1 345 CYS 345 368 368 CYS CYS A . n 
A 1 346 ASP 346 369 369 ASP ASP A . n 
A 1 347 TYR 347 370 370 TYR TYR A . n 
A 1 348 VAL 348 371 371 VAL VAL A . n 
A 1 349 VAL 349 372 372 VAL VAL A . n 
A 1 350 GLU 350 373 373 GLU GLU A . n 
A 1 351 LEU 351 374 374 LEU LEU A . n 
A 1 352 GLN 352 375 375 GLN GLN A . n 
A 1 353 ALA 353 376 376 ALA ALA A . n 
A 1 354 ILE 354 377 377 ILE ILE A . n 
A 1 355 THR 355 378 378 THR THR A . n 
A 1 356 TYR 356 379 379 TYR TYR A . n 
A 1 357 TRP 357 380 380 TRP TRP A . n 
A 1 358 GLY 358 381 381 GLY GLY A . n 
A 1 359 GLN 359 382 382 GLN GLN A . n 
A 1 360 THR 360 383 383 THR THR A . n 
A 1 361 ARG 361 384 384 ARG ARG A . n 
A 1 362 LEU 362 385 385 LEU LEU A . n 
A 1 363 LYS 363 386 386 LYS LYS A . n 
A 1 364 SER 364 387 387 SER SER A . n 
A 1 365 ALA 365 388 388 ALA ALA A . n 
A 1 366 LYS 366 389 389 LYS LYS A . n 
A 1 367 VAL 367 390 390 VAL VAL A . n 
A 1 368 SER 368 391 391 SER SER A . n 
A 1 369 LEU 369 392 392 LEU LEU A . n 
A 1 370 HIS 370 393 393 HIS HIS A . n 
A 1 371 PHE 371 394 394 PHE PHE A . n 
A 1 372 THR 372 395 395 THR THR A . n 
A 1 373 SER 373 396 396 SER SER A . n 
A 1 374 THR 374 397 397 THR THR A . n 
A 1 375 HIS 375 398 398 HIS HIS A . n 
A 1 376 ALA 376 399 399 ALA ALA A . n 
A 1 377 THR 377 400 400 THR THR A . n 
A 1 378 ASN 378 401 401 ASN ASN A . n 
A 1 379 ASN 379 402 402 ASN ASN A . n 
A 1 380 LYS 380 403 403 LYS LYS A . n 
A 1 381 GLU 381 404 404 GLU GLU A . n 
A 1 382 GLN 382 405 405 GLN GLN A . n 
A 1 383 LEU 383 406 406 LEU LEU A . n 
A 1 384 VAL 384 407 407 VAL VAL A . n 
A 1 385 LYS 385 408 408 LYS LYS A . n 
A 1 386 THR 386 409 409 THR THR A . n 
A 1 387 ARG 387 410 410 ARG ARG A . n 
A 1 388 LYS 388 411 411 LYS LYS A . n 
A 1 389 GLY 389 412 412 GLY GLY A . n 
A 1 390 GLY 390 413 413 GLY GLY A . n 
A 1 391 ILE 391 414 414 ILE ILE A . n 
A 1 392 GLN 392 415 415 GLN GLN A . n 
A 1 393 THR 393 416 416 THR THR A . n 
A 1 394 GLN 394 417 417 GLN GLN A . n 
A 1 395 LEU 395 418 418 LEU LEU A . n 
A 1 396 PRO 396 419 419 PRO PRO A . n 
A 1 397 PHE 397 420 420 PHE PHE A . n 
A 1 398 GLN 398 421 421 GLN GLN A . n 
A 1 399 ARG 399 422 422 ARG ARG A . n 
A 1 400 ARG 400 423 423 ARG ARG A . n 
A 1 401 ARG 401 424 424 ARG ARG A . n 
A 1 402 PRO 402 425 425 PRO PRO A . n 
A 1 403 THR 403 426 426 THR THR A . n 
A 1 404 ARG 404 427 427 ARG ARG A . n 
A 1 405 PRO 405 428 428 PRO PRO A . n 
A 1 406 LEU 406 429 429 LEU LEU A . n 
A 1 407 GLU 407 430 430 GLU GLU A . n 
A 1 408 VAL 408 431 431 VAL VAL A . n 
A 1 409 GLY 409 432 432 GLY GLY A . n 
A 1 410 ALA 410 433 433 ALA ALA A . n 
A 1 411 PRO 411 434 434 PRO PRO A . n 
A 1 412 PHE 412 435 435 PHE PHE A . n 
A 1 413 TYR 413 436 436 TYR TYR A . n 
A 1 414 GLN 414 437 437 GLN GLN A . n 
A 1 415 ASP 415 438 438 ASP ASP A . n 
A 1 416 GLY 416 439 439 GLY GLY A . n 
A 1 417 GLN 417 440 440 GLN GLN A . n 
A 1 418 LEU 418 441 441 LEU LEU A . n 
A 1 419 GLN 419 442 442 GLN GLN A . n 
A 1 420 VAL 420 443 443 VAL VAL A . n 
A 1 421 LYS 421 444 444 LYS LYS A . n 
A 1 422 VAL 422 445 445 VAL VAL A . n 
A 1 423 TYR 423 446 446 TYR TYR A . n 
A 1 424 TRP 424 447 447 TRP TRP A . n 
A 1 425 LYS 425 448 448 LYS LYS A . n 
A 1 426 LYS 426 449 449 LYS LYS A . n 
A 1 427 THR 427 450 450 THR THR A . n 
A 1 428 GLU 428 451 451 GLU GLU A . n 
A 1 429 ASP 429 452 452 ASP ASP A . n 
A 1 430 PRO 430 453 453 PRO PRO A . n 
A 1 431 THR 431 454 454 THR THR A . n 
A 1 432 VAL 432 455 455 VAL VAL A . n 
A 1 433 ASN 433 456 456 ASN ASN A . n 
A 1 434 ARG 434 457 457 ARG ARG A . n 
A 1 435 TYR 435 458 458 TYR TYR A . n 
A 1 436 HIS 436 459 459 HIS HIS A . n 
A 1 437 VAL 437 460 460 VAL VAL A . n 
A 1 438 ARG 438 461 461 ARG ARG A . n 
A 1 439 TRP 439 462 462 TRP TRP A . n 
A 1 440 PHE 440 463 463 PHE PHE A . n 
A 1 441 PRO 441 464 464 PRO PRO A . n 
A 1 442 GLU 442 465 465 GLU GLU A . n 
A 1 443 ALA 443 466 466 ALA ALA A . n 
A 1 444 CYS 444 467 467 CYS CYS A . n 
A 1 445 ALA 445 468 468 ALA ALA A . n 
A 1 446 HIS 446 469 469 HIS HIS A . n 
A 1 447 ASN 447 470 470 ASN ASN A . n 
A 1 448 ARG 448 471 471 ARG ARG A . n 
A 1 449 THR 449 472 472 THR THR A . n 
A 1 450 THR 450 473 473 THR THR A . n 
A 1 451 GLY 451 474 474 GLY GLY A . n 
A 1 452 SER 452 475 475 SER SER A . n 
A 1 453 GLU 453 476 476 GLU GLU A . n 
A 1 454 ALA 454 477 477 ALA ALA A . n 
A 1 455 SER 455 478 478 SER SER A . n 
A 1 456 SER 456 479 479 SER SER A . n 
A 1 457 GLY 457 480 480 GLY GLY A . n 
A 1 458 MET 458 481 481 MET MET A . n 
A 1 459 THR 459 482 482 THR THR A . n 
A 1 460 HIS 460 483 483 HIS HIS A . n 
A 1 461 GLU 461 484 484 GLU GLU A . n 
A 1 462 ASN 462 485 485 ASN ASN A . n 
A 1 463 TYR 463 486 486 TYR TYR A . n 
A 1 464 ILE 464 487 487 ILE ILE A . n 
A 1 465 ILE 465 488 488 ILE ILE A . n 
A 1 466 LEU 466 489 489 LEU LEU A . n 
A 1 467 GLN 467 490 490 GLN GLN A . n 
A 1 468 ASP 468 491 491 ASP ASP A . n 
A 1 469 LEU 469 492 492 LEU LEU A . n 
A 1 470 SER 470 493 493 SER SER A . n 
A 1 471 PHE 471 494 494 PHE PHE A . n 
A 1 472 SER 472 495 495 SER SER A . n 
A 1 473 CYS 473 496 496 CYS CYS A . n 
A 1 474 LYS 474 497 497 LYS LYS A . n 
A 1 475 TYR 475 498 498 TYR TYR A . n 
A 1 476 LYS 476 499 499 LYS LYS A . n 
A 1 477 VAL 477 500 500 VAL VAL A . n 
A 1 478 THR 478 501 501 THR THR A . n 
A 1 479 VAL 479 502 502 VAL VAL A . n 
A 1 480 GLN 480 503 503 GLN GLN A . n 
A 1 481 PRO 481 504 504 PRO PRO A . n 
A 1 482 ILE 482 505 505 ILE ILE A . n 
A 1 483 ARG 483 506 506 ARG ARG A . n 
A 1 484 PRO 484 507 507 PRO PRO A . n 
A 1 485 LYS 485 508 508 LYS LYS A . n 
A 1 486 SER 486 509 509 SER SER A . n 
A 1 487 HIS 487 510 510 HIS HIS A . n 
A 1 488 SER 488 511 511 SER SER A . n 
A 1 489 LYS 489 512 512 LYS LYS A . n 
A 1 490 ALA 490 513 513 ALA ALA A . n 
A 1 491 GLU 491 514 514 GLU GLU A . n 
A 1 492 ALA 492 515 515 ALA ALA A . n 
A 1 493 VAL 493 516 516 VAL VAL A . n 
A 1 494 PHE 494 517 517 PHE PHE A . n 
A 1 495 PHE 495 518 518 PHE PHE A . n 
A 1 496 THR 496 519 519 THR THR A . n 
A 1 497 THR 497 520 520 THR THR A . n 
A 1 498 PRO 498 521 521 PRO PRO A . n 
A 1 499 PRO 499 522 522 PRO PRO A . n 
A 1 500 CYS 500 523 523 CYS CYS A . n 
A 1 501 SER 501 524 524 SER SER A . n 
A 1 502 ALA 502 525 525 ALA ALA A . n 
A 1 503 LEU 503 526 526 LEU LEU A . n 
A 1 504 LYS 504 527 527 LYS LYS A . n 
A 1 505 GLY 505 528 528 GLY GLY A . n 
A 1 506 LYS 506 529 529 LYS LYS A . n 
A 1 507 SER 507 530 530 SER SER A . n 
A 1 508 HIS 508 531 531 HIS HIS A . n 
A 1 509 LYS 509 532 532 LYS LYS A . n 
A 1 510 PRO 510 533 533 PRO PRO A . n 
A 1 511 ILE 511 534 534 ILE ILE A . n 
A 1 512 GLY 512 535 535 GLY GLY A . n 
A 1 513 CYS 513 536 536 CYS CYS A . n 
A 1 514 LEU 514 537 537 LEU LEU A . n 
A 1 515 GLY 515 538 538 GLY GLY A . n 
A 1 516 GLU 516 539 539 GLU GLU A . n 
A 1 517 ALA 517 540 540 ALA ALA A . n 
A 1 518 GLY 518 541 541 GLY GLY A . n 
A 1 519 HIS 519 542 542 HIS HIS A . n 
A 1 520 VAL 520 543 543 VAL VAL A . n 
A 1 521 LEU 521 544 544 LEU LEU A . n 
A 1 522 SER 522 545 545 SER SER A . n 
A 1 523 LYS 523 546 546 LYS LYS A . n 
A 1 524 VAL 524 547 547 VAL VAL A . n 
A 1 525 LEU 525 548 548 LEU LEU A . n 
A 1 526 ALA 526 549 549 ALA ALA A . n 
A 1 527 LYS 527 550 550 LYS LYS A . n 
A 1 528 PRO 528 551 551 PRO PRO A . n 
A 1 529 GLU 529 552 552 GLU GLU A . n 
A 1 530 ASN 530 553 553 ASN ASN A . n 
A 1 531 LEU 531 554 554 LEU LEU A . n 
A 1 532 SER 532 555 555 SER SER A . n 
A 1 533 ALA 533 556 556 ALA ALA A . n 
A 1 534 SER 534 557 557 SER SER A . n 
A 1 535 PHE 535 558 558 PHE PHE A . n 
A 1 536 ILE 536 559 559 ILE ILE A . n 
A 1 537 VAL 537 560 560 VAL VAL A . n 
A 1 538 GLN 538 561 561 GLN GLN A . n 
A 1 539 ASP 539 562 562 ASP ASP A . n 
A 1 540 VAL 540 563 563 VAL VAL A . n 
A 1 541 ASN 541 564 564 ASN ASN A . n 
A 1 542 ILE 542 565 565 ILE ILE A . n 
A 1 543 THR 543 566 566 THR THR A . n 
A 1 544 GLY 544 567 567 GLY GLY A . n 
A 1 545 HIS 545 568 568 HIS HIS A . n 
A 1 546 PHE 546 569 569 PHE PHE A . n 
A 1 547 SER 547 570 570 SER SER A . n 
A 1 548 TRP 548 571 571 TRP TRP A . n 
A 1 549 LYS 549 572 572 LYS LYS A . n 
A 1 550 MET 550 573 573 MET MET A . n 
A 1 551 ALA 551 574 574 ALA ALA A . n 
A 1 552 LYS 552 575 575 LYS LYS A . n 
A 1 553 ALA 553 576 576 ALA ALA A . n 
A 1 554 ASN 554 577 577 ASN ASN A . n 
A 1 555 LEU 555 578 578 LEU LEU A . n 
A 1 556 TYR 556 579 579 TYR TYR A . n 
A 1 557 GLN 557 580 580 GLN GLN A . n 
A 1 558 PRO 558 581 581 PRO PRO A . n 
A 1 559 MET 559 582 582 MET MET A . n 
A 1 560 THR 560 583 583 THR THR A . n 
A 1 561 GLY 561 584 584 GLY GLY A . n 
A 1 562 PHE 562 585 585 PHE PHE A . n 
A 1 563 GLN 563 586 586 GLN GLN A . n 
A 1 564 VAL 564 587 587 VAL VAL A . n 
A 1 565 THR 565 588 588 THR THR A . n 
A 1 566 TRP 566 589 589 TRP TRP A . n 
A 1 567 ALA 567 590 590 ALA ALA A . n 
A 1 568 GLU 568 591 591 GLU GLU A . n 
A 1 569 VAL 569 592 592 VAL VAL A . n 
A 1 570 THR 570 593 593 THR THR A . n 
A 1 571 THR 571 594 594 THR THR A . n 
A 1 572 GLU 572 595 595 GLU GLU A . n 
A 1 573 SER 573 596 596 SER SER A . n 
A 1 574 ARG 574 597 597 ARG ARG A . n 
A 1 575 GLN 575 598 598 GLN GLN A . n 
A 1 576 ASN 576 599 599 ASN ASN A . n 
A 1 577 SER 577 600 600 SER SER A . n 
A 1 578 LEU 578 601 601 LEU LEU A . n 
A 1 579 PRO 579 602 602 PRO PRO A . n 
A 1 580 ASN 580 603 603 ASN ASN A . n 
A 1 581 SER 581 604 604 SER SER A . n 
A 1 582 ILE 582 605 605 ILE ILE A . n 
A 1 583 ILE 583 606 606 ILE ILE A . n 
A 1 584 SER 584 607 607 SER SER A . n 
A 1 585 GLN 585 608 608 GLN GLN A . n 
A 1 586 SER 586 609 609 SER SER A . n 
A 1 587 GLN 587 610 610 GLN GLN A . n 
A 1 588 ILE 588 611 611 ILE ILE A . n 
A 1 589 LEU 589 612 612 LEU LEU A . n 
A 1 590 PRO 590 613 613 PRO PRO A . n 
A 1 591 SER 591 614 614 SER SER A . n 
A 1 592 ASP 592 615 615 ASP ASP A . n 
A 1 593 HIS 593 616 616 HIS HIS A . n 
A 1 594 TYR 594 617 617 TYR TYR A . n 
A 1 595 VAL 595 618 618 VAL VAL A . n 
A 1 596 LEU 596 619 619 LEU LEU A . n 
A 1 597 THR 597 620 620 THR THR A . n 
A 1 598 VAL 598 621 621 VAL VAL A . n 
A 1 599 PRO 599 622 622 PRO PRO A . n 
A 1 600 ASN 600 623 623 ASN ASN A . n 
A 1 601 LEU 601 624 624 LEU LEU A . n 
A 1 602 ARG 602 625 625 ARG ARG A . n 
A 1 603 PRO 603 626 626 PRO PRO A . n 
A 1 604 SER 604 627 627 SER SER A . n 
A 1 605 THR 605 628 628 THR THR A . n 
A 1 606 LEU 606 629 629 LEU LEU A . n 
A 1 607 TYR 607 630 630 TYR TYR A . n 
A 1 608 ARG 608 631 631 ARG ARG A . n 
A 1 609 LEU 609 632 632 LEU LEU A . n 
A 1 610 GLU 610 633 633 GLU GLU A . n 
A 1 611 VAL 611 634 634 VAL VAL A . n 
A 1 612 GLN 612 635 635 GLN GLN A . n 
A 1 613 VAL 613 636 636 VAL VAL A . n 
A 1 614 LEU 614 637 637 LEU LEU A . n 
A 1 615 THR 615 638 638 THR THR A . n 
A 1 616 PRO 616 639 639 PRO PRO A . n 
A 1 617 GLY 617 640 640 GLY GLY A . n 
A 1 618 GLY 618 641 641 GLY GLY A . n 
A 1 619 GLU 619 642 642 GLU GLU A . n 
A 1 620 GLY 620 643 643 GLY GLY A . n 
A 1 621 PRO 621 644 644 PRO PRO A . n 
A 1 622 ALA 622 645 645 ALA ALA A . n 
A 1 623 THR 623 646 646 THR THR A . n 
A 1 624 ILE 624 647 647 ILE ILE A . n 
A 1 625 LYS 625 648 648 LYS LYS A . n 
A 1 626 THR 626 649 649 THR THR A . n 
A 1 627 PHE 627 650 650 PHE PHE A . n 
A 1 628 ARG 628 651 651 ARG ARG A . n 
A 1 629 THR 629 652 652 THR THR A . n 
A 1 630 PRO 630 653 653 PRO PRO A . n 
A 1 631 GLU 631 654 654 GLU GLU A . n 
A 1 632 LEU 632 655 655 LEU LEU A . n 
A 1 633 PRO 633 656 656 PRO PRO A . n 
A 1 634 PRO 634 657 657 PRO PRO A . n 
A 1 635 SER 635 658 658 SER SER A . n 
A 1 636 SER 636 659 659 SER SER A . n 
A 1 637 ALA 637 660 660 ALA ALA A . n 
A 1 638 HIS 638 661 661 HIS HIS A . n 
A 1 639 ARG 639 662 662 ARG ARG A . n 
A 1 640 SER 640 663 663 SER SER A . n 
A 1 641 HIS 641 664 664 HIS HIS A . n 
A 1 642 LEU 642 665 665 LEU LEU A . n 
A 1 643 LYS 643 666 666 LYS LYS A . n 
A 1 644 HIS 644 667 667 HIS HIS A . n 
A 1 645 ARG 645 668 668 ARG ARG A . n 
A 1 646 HIS 646 669 669 HIS HIS A . n 
A 1 647 PRO 647 670 670 PRO PRO A . n 
A 1 648 HIS 648 671 671 HIS HIS A . n 
A 1 649 HIS 649 672 672 HIS HIS A . n 
A 1 650 TYR 650 673 673 TYR TYR A . n 
A 1 651 LYS 651 674 674 LYS LYS A . n 
A 1 652 PRO 652 675 675 PRO PRO A . n 
A 1 653 SER 653 676 676 SER SER A . n 
A 1 654 PRO 654 677 677 PRO PRO A . n 
A 1 655 GLU 655 678 678 GLU GLU A . n 
A 1 656 ARG 656 679 679 ARG ARG A . n 
A 1 657 TYR 657 680 680 TYR TYR A . n 
A 1 658 GLY 658 681 681 GLY GLY A . n 
A 1 659 LYS 659 682 682 LYS LYS A . n 
A 1 660 PRO 660 683 683 PRO PRO A . n 
A 1 661 ILE 661 684 684 ILE ILE A . n 
A 1 662 PRO 662 685 685 PRO PRO A . n 
A 1 663 ASN 663 686 686 ASN ASN A . n 
A 1 664 PRO 664 687 687 PRO PRO A . n 
A 1 665 LEU 665 688 688 LEU LEU A . n 
A 1 666 LEU 666 689 689 LEU LEU A . n 
A 1 667 GLY 667 690 690 GLY GLY A . n 
A 1 668 LEU 668 691 691 LEU LEU A . n 
A 1 669 ASP 669 692 692 ASP ASP A . n 
A 1 670 SER 670 693 693 SER SER A . n 
A 1 671 THR 671 694 694 THR THR A . n 
A 1 672 ARG 672 695 695 ARG ARG A . n 
A 1 673 THR 673 696 696 THR THR A . n 
A 1 674 GLY 674 697 697 GLY GLY A . n 
A 1 675 HIS 675 698 698 HIS HIS A . n 
A 1 676 HIS 676 699 699 HIS HIS A . n 
A 1 677 HIS 677 700 700 HIS HIS A . n 
A 1 678 HIS 678 701 701 HIS HIS A . n 
A 1 679 HIS 679 702 702 HIS HIS A . n 
A 1 680 HIS 680 703 703 HIS HIS A . n 
# 
loop_
_software.name 
_software.classification 
_software.version 
_software.citation_id 
_software.pdbx_ordinal 
MULTICCD     'data collection' .         ? 1 
SCTPL7       'data reduction'  .         ? 2 
GNOM         'data reduction'  .         ? 3 
'Insight II' 'model building'  'II 98.0' ? 4 
SCTPL7       'model building'  .         ? 5 
MULTICCD     'data reduction'  .         ? 6 
SCTPL7       'data scaling'    .         ? 7 
GNOM         'data scaling'    .         ? 8 
SCTPL7       phasing           .         ? 9 
# 
_cell.entry_id           1ZLG 
_cell.length_a           1.000 
_cell.length_b           1.000 
_cell.length_c           1.000 
_cell.angle_alpha        90.00 
_cell.angle_beta         90.00 
_cell.angle_gamma        90.00 
_cell.Z_PDB              1 
_cell.pdbx_unique_axis   ? 
_cell.length_a_esd       ? 
_cell.length_b_esd       ? 
_cell.length_c_esd       ? 
_cell.angle_alpha_esd    ? 
_cell.angle_beta_esd     ? 
_cell.angle_gamma_esd    ? 
# 
_symmetry.entry_id                         1ZLG 
_symmetry.space_group_name_H-M             'P 1' 
_symmetry.pdbx_full_space_group_name_H-M   ? 
_symmetry.cell_setting                     ? 
_symmetry.Int_Tables_number                1 
_symmetry.space_group_name_Hall            ? 
# 
_exptl.entry_id          1ZLG 
_exptl.method            'SOLUTION SCATTERING' 
_exptl.crystals_number   ? 
# 
_exptl_crystal.id                    1 
_exptl_crystal.density_meas          ? 
_exptl_crystal.density_Matthews      ? 
_exptl_crystal.density_percent_sol   ? 
_exptl_crystal.description           ? 
_exptl_crystal.F_000                 ? 
_exptl_crystal.preparation           ? 
# 
loop_
_diffrn.id 
_diffrn.ambient_temp 
_diffrn.ambient_temp_details 
_diffrn.crystal_id 
1 288.0 ? 1 
2 ?     ? 1 
# 
loop_
_diffrn_detector.diffrn_id 
_diffrn_detector.detector 
_diffrn_detector.type 
_diffrn_detector.pdbx_collection_date 
_diffrn_detector.details 
1 CCD 'FRELON CCD CAMERA' 2003-05-01 ? 
2 CCD 'FRELON CCD CAMERA' 2003-12-01 ? 
# 
_diffrn_radiation.diffrn_id                        1 
_diffrn_radiation.wavelength_id                    1 
_diffrn_radiation.pdbx_monochromatic_or_laue_m_l   M 
_diffrn_radiation.monochromator                    ? 
_diffrn_radiation.pdbx_diffrn_protocol             'SINGLE WAVELENGTH' 
_diffrn_radiation.pdbx_scattering_type             x-ray 
# 
_diffrn_radiation_wavelength.id           1 
_diffrn_radiation_wavelength.wavelength   . 
_diffrn_radiation_wavelength.wt           1.0 
# 
_diffrn_source.diffrn_id                   1 
_diffrn_source.source                      SYNCHROTRON 
_diffrn_source.type                        'ESRF BEAMLINE ID2' 
_diffrn_source.pdbx_synchrotron_site       ESRF 
_diffrn_source.pdbx_synchrotron_beamline   ID2 
_diffrn_source.pdbx_wavelength             ? 
_diffrn_source.pdbx_wavelength_list        ? 
# 
_refine_hist.pdbx_refine_id                   'SOLUTION SCATTERING' 
_refine_hist.cycle_id                         LAST 
_refine_hist.pdbx_number_atoms_protein        680 
_refine_hist.pdbx_number_atoms_nucleic_acid   0 
_refine_hist.pdbx_number_atoms_ligand         0 
_refine_hist.number_atoms_solvent             0 
_refine_hist.number_atoms_total               680 
_refine_hist.d_res_high                       . 
_refine_hist.d_res_low                        . 
# 
_struct.entry_id                  1ZLG 
_struct.title                     'Solution structure of the extracellular matrix protein anosmin-1' 
_struct.pdbx_model_details        ? 
_struct.pdbx_CASP_flag            ? 
_struct.pdbx_model_type_details   ? 
# 
_struct_keywords.entry_id        1ZLG 
_struct_keywords.pdbx_keywords   'HORMONE/GROWTH FACTOR' 
_struct_keywords.text            
;INSULIN-LIKE GROWTH FACTOR RECEPTOR CYS-RICH FOLD, WHEY ACIDIC PROTEIN FOLD, FIBRONECTIN TYPE III FOLD, HORMONE-GROWTH FACTOR COMPLEX
;
# 
_struct_asym.id                            A 
_struct_asym.pdbx_blank_PDB_chainid_flag   N 
_struct_asym.pdbx_modified                 N 
_struct_asym.entity_id                     1 
_struct_asym.details                       ? 
# 
_struct_ref.id                         1 
_struct_ref.db_name                    UNP 
_struct_ref.db_code                    KALM_HUMAN 
_struct_ref.pdbx_db_accession          P23352 
_struct_ref.entity_id                  1 
_struct_ref.pdbx_seq_one_letter_code   
;AAGPGAAAARRLDESLSAGSVQRAPCASRCLSLQITRISAFFQHFQNNGSLVWCQNHKQCSKCLEPCKESGDLRKHQCQS
FCEPLFPKKSYECLTSCEFLKYILLVKQGDCPAPEKASGFAAACVESCEVDNECSGVKKCCSNGCGHTCQVPKTLYKGVP
LKPRKELRFTELQSGQLEVKWSSKFNISIEPVIYVVQRRWNYGIHPSEDDATHWQTVAQTTDERVQLTDIRPSRWYQFRV
AAVNVHGTRGFTAPSKHFRSSKDPSAPPAPANLRLANSTVNSDGSVTVTIVWDLPEEPDIPVHHYKVFWSWMVSSKSLVP
TKKKRRKTTDGFQNSVILEKLQPDCDYVVELQAITYWGQTRLKSAKVSLHFTSTHATNNKEQLVKTRKGGIQTQLPFQRR
RPTRPLEVGAPFYQDGQLQVKVYWKKTEDPTVNRYHVRWFPEACAHNRTTGSEASSGMTHENYIILQDLSFSCKYKVTVQ
PIRPKSHSKAEAVFFTTPPCSALKGKSHKPIGCLGEAGHVLSKVLAKPENLSASFIVQDVNITGHFSWKMAKANLYQPMT
GFQVTWAEVTTESRQNSLPNSIISQSQILPSDHYVLTVPNLRPSTLYRLEVQVLTPGGEGPATIKTFRTPELPPSSAHRS
HLKHRHPHHYKPSPERY
;
_struct_ref.pdbx_align_begin           24 
_struct_ref.pdbx_db_isoform            ? 
# 
_struct_ref_seq.align_id                      1 
_struct_ref_seq.ref_id                        1 
_struct_ref_seq.pdbx_PDB_id_code              1ZLG 
_struct_ref_seq.pdbx_strand_id                A 
_struct_ref_seq.seq_align_beg                 1 
_struct_ref_seq.pdbx_seq_align_beg_ins_code   ? 
_struct_ref_seq.seq_align_end                 657 
_struct_ref_seq.pdbx_seq_align_end_ins_code   ? 
_struct_ref_seq.pdbx_db_accession             P23352 
_struct_ref_seq.db_align_beg                  24 
_struct_ref_seq.pdbx_db_align_beg_ins_code    ? 
_struct_ref_seq.db_align_end                  680 
_struct_ref_seq.pdbx_db_align_end_ins_code    ? 
_struct_ref_seq.pdbx_auth_seq_align_beg       24 
_struct_ref_seq.pdbx_auth_seq_align_end       680 
# 
loop_
_struct_ref_seq_dif.align_id 
_struct_ref_seq_dif.pdbx_pdb_id_code 
_struct_ref_seq_dif.mon_id 
_struct_ref_seq_dif.pdbx_pdb_strand_id 
_struct_ref_seq_dif.seq_num 
_struct_ref_seq_dif.pdbx_pdb_ins_code 
_struct_ref_seq_dif.pdbx_seq_db_name 
_struct_ref_seq_dif.pdbx_seq_db_accession_code 
_struct_ref_seq_dif.db_mon_id 
_struct_ref_seq_dif.pdbx_seq_db_seq_num 
_struct_ref_seq_dif.details 
_struct_ref_seq_dif.pdbx_auth_seq_num 
_struct_ref_seq_dif.pdbx_ordinal 
1 1ZLG ARG A 25  ? UNP P23352 PRO 48 variant            48  1  
1 1ZLG GLY A 658 ? UNP P23352 ?   ?  'cloning artifact' 681 2  
1 1ZLG LYS A 659 ? UNP P23352 ?   ?  'cloning artifact' 682 3  
1 1ZLG PRO A 660 ? UNP P23352 ?   ?  'cloning artifact' 683 4  
1 1ZLG ILE A 661 ? UNP P23352 ?   ?  'cloning artifact' 684 5  
1 1ZLG PRO A 662 ? UNP P23352 ?   ?  'cloning artifact' 685 6  
1 1ZLG ASN A 663 ? UNP P23352 ?   ?  'cloning artifact' 686 7  
1 1ZLG PRO A 664 ? UNP P23352 ?   ?  'cloning artifact' 687 8  
1 1ZLG LEU A 665 ? UNP P23352 ?   ?  'cloning artifact' 688 9  
1 1ZLG LEU A 666 ? UNP P23352 ?   ?  'cloning artifact' 689 10 
1 1ZLG GLY A 667 ? UNP P23352 ?   ?  'cloning artifact' 690 11 
1 1ZLG LEU A 668 ? UNP P23352 ?   ?  'cloning artifact' 691 12 
1 1ZLG ASP A 669 ? UNP P23352 ?   ?  'cloning artifact' 692 13 
1 1ZLG SER A 670 ? UNP P23352 ?   ?  'cloning artifact' 693 14 
1 1ZLG THR A 671 ? UNP P23352 ?   ?  'cloning artifact' 694 15 
1 1ZLG ARG A 672 ? UNP P23352 ?   ?  'cloning artifact' 695 16 
1 1ZLG THR A 673 ? UNP P23352 ?   ?  'cloning artifact' 696 17 
1 1ZLG GLY A 674 ? UNP P23352 ?   ?  'cloning artifact' 697 18 
1 1ZLG HIS A 675 ? UNP P23352 ?   ?  'expression tag'   698 19 
1 1ZLG HIS A 676 ? UNP P23352 ?   ?  'expression tag'   699 20 
1 1ZLG HIS A 677 ? UNP P23352 ?   ?  'expression tag'   700 21 
1 1ZLG HIS A 678 ? UNP P23352 ?   ?  'expression tag'   701 22 
1 1ZLG HIS A 679 ? UNP P23352 ?   ?  'expression tag'   702 23 
1 1ZLG HIS A 680 ? UNP P23352 ?   ?  'expression tag'   703 24 
# 
_pdbx_struct_assembly.id                   1 
_pdbx_struct_assembly.details              author_defined_assembly 
_pdbx_struct_assembly.method_details       ? 
_pdbx_struct_assembly.oligomeric_details   monomeric 
_pdbx_struct_assembly.oligomeric_count     1 
# 
_pdbx_struct_assembly_gen.assembly_id       1 
_pdbx_struct_assembly_gen.oper_expression   1 
_pdbx_struct_assembly_gen.asym_id_list      A 
# 
_pdbx_struct_oper_list.id                   1 
_pdbx_struct_oper_list.type                 'identity operation' 
_pdbx_struct_oper_list.name                 1_555 
_pdbx_struct_oper_list.symmetry_operation   x,y,z 
_pdbx_struct_oper_list.matrix[1][1]         1.0000000000 
_pdbx_struct_oper_list.matrix[1][2]         0.0000000000 
_pdbx_struct_oper_list.matrix[1][3]         0.0000000000 
_pdbx_struct_oper_list.vector[1]            0.0000000000 
_pdbx_struct_oper_list.matrix[2][1]         0.0000000000 
_pdbx_struct_oper_list.matrix[2][2]         1.0000000000 
_pdbx_struct_oper_list.matrix[2][3]         0.0000000000 
_pdbx_struct_oper_list.vector[2]            0.0000000000 
_pdbx_struct_oper_list.matrix[3][1]         0.0000000000 
_pdbx_struct_oper_list.matrix[3][2]         0.0000000000 
_pdbx_struct_oper_list.matrix[3][3]         1.0000000000 
_pdbx_struct_oper_list.vector[3]            0.0000000000 
# 
_struct_biol.id                    1 
_struct_biol.pdbx_parent_biol_id   ? 
_struct_biol.details               ? 
# 
loop_
_pdbx_validate_close_contact.id 
_pdbx_validate_close_contact.PDB_model_num 
_pdbx_validate_close_contact.auth_atom_id_1 
_pdbx_validate_close_contact.auth_asym_id_1 
_pdbx_validate_close_contact.auth_comp_id_1 
_pdbx_validate_close_contact.auth_seq_id_1 
_pdbx_validate_close_contact.PDB_ins_code_1 
_pdbx_validate_close_contact.label_alt_id_1 
_pdbx_validate_close_contact.auth_atom_id_2 
_pdbx_validate_close_contact.auth_asym_id_2 
_pdbx_validate_close_contact.auth_comp_id_2 
_pdbx_validate_close_contact.auth_seq_id_2 
_pdbx_validate_close_contact.PDB_ins_code_2 
_pdbx_validate_close_contact.label_alt_id_2 
_pdbx_validate_close_contact.dist 
1 1 CA A ALA 292 ? ? CA A PRO 318 ? ? 0.40 
2 1 CA A PRO 291 ? ? CA A GLU 319 ? ? 0.84 
3 1 CA A PRO 27  ? ? CA A PHE 122 ? ? 0.87 
4 1 CA A TYR 225 ? ? CA A PHE 355 ? ? 1.52 
# 
loop_
_chem_comp_atom.comp_id 
_chem_comp_atom.atom_id 
_chem_comp_atom.type_symbol 
_chem_comp_atom.pdbx_aromatic_flag 
_chem_comp_atom.pdbx_stereo_config 
_chem_comp_atom.pdbx_ordinal 
ALA N    N N N 1   
ALA CA   C N S 2   
ALA C    C N N 3   
ALA O    O N N 4   
ALA CB   C N N 5   
ALA OXT  O N N 6   
ALA H    H N N 7   
ALA H2   H N N 8   
ALA HA   H N N 9   
ALA HB1  H N N 10  
ALA HB2  H N N 11  
ALA HB3  H N N 12  
ALA HXT  H N N 13  
ARG N    N N N 14  
ARG CA   C N S 15  
ARG C    C N N 16  
ARG O    O N N 17  
ARG CB   C N N 18  
ARG CG   C N N 19  
ARG CD   C N N 20  
ARG NE   N N N 21  
ARG CZ   C N N 22  
ARG NH1  N N N 23  
ARG NH2  N N N 24  
ARG OXT  O N N 25  
ARG H    H N N 26  
ARG H2   H N N 27  
ARG HA   H N N 28  
ARG HB2  H N N 29  
ARG HB3  H N N 30  
ARG HG2  H N N 31  
ARG HG3  H N N 32  
ARG HD2  H N N 33  
ARG HD3  H N N 34  
ARG HE   H N N 35  
ARG HH11 H N N 36  
ARG HH12 H N N 37  
ARG HH21 H N N 38  
ARG HH22 H N N 39  
ARG HXT  H N N 40  
ASN N    N N N 41  
ASN CA   C N S 42  
ASN C    C N N 43  
ASN O    O N N 44  
ASN CB   C N N 45  
ASN CG   C N N 46  
ASN OD1  O N N 47  
ASN ND2  N N N 48  
ASN OXT  O N N 49  
ASN H    H N N 50  
ASN H2   H N N 51  
ASN HA   H N N 52  
ASN HB2  H N N 53  
ASN HB3  H N N 54  
ASN HD21 H N N 55  
ASN HD22 H N N 56  
ASN HXT  H N N 57  
ASP N    N N N 58  
ASP CA   C N S 59  
ASP C    C N N 60  
ASP O    O N N 61  
ASP CB   C N N 62  
ASP CG   C N N 63  
ASP OD1  O N N 64  
ASP OD2  O N N 65  
ASP OXT  O N N 66  
ASP H    H N N 67  
ASP H2   H N N 68  
ASP HA   H N N 69  
ASP HB2  H N N 70  
ASP HB3  H N N 71  
ASP HD2  H N N 72  
ASP HXT  H N N 73  
CYS N    N N N 74  
CYS CA   C N R 75  
CYS C    C N N 76  
CYS O    O N N 77  
CYS CB   C N N 78  
CYS SG   S N N 79  
CYS OXT  O N N 80  
CYS H    H N N 81  
CYS H2   H N N 82  
CYS HA   H N N 83  
CYS HB2  H N N 84  
CYS HB3  H N N 85  
CYS HG   H N N 86  
CYS HXT  H N N 87  
GLN N    N N N 88  
GLN CA   C N S 89  
GLN C    C N N 90  
GLN O    O N N 91  
GLN CB   C N N 92  
GLN CG   C N N 93  
GLN CD   C N N 94  
GLN OE1  O N N 95  
GLN NE2  N N N 96  
GLN OXT  O N N 97  
GLN H    H N N 98  
GLN H2   H N N 99  
GLN HA   H N N 100 
GLN HB2  H N N 101 
GLN HB3  H N N 102 
GLN HG2  H N N 103 
GLN HG3  H N N 104 
GLN HE21 H N N 105 
GLN HE22 H N N 106 
GLN HXT  H N N 107 
GLU N    N N N 108 
GLU CA   C N S 109 
GLU C    C N N 110 
GLU O    O N N 111 
GLU CB   C N N 112 
GLU CG   C N N 113 
GLU CD   C N N 114 
GLU OE1  O N N 115 
GLU OE2  O N N 116 
GLU OXT  O N N 117 
GLU H    H N N 118 
GLU H2   H N N 119 
GLU HA   H N N 120 
GLU HB2  H N N 121 
GLU HB3  H N N 122 
GLU HG2  H N N 123 
GLU HG3  H N N 124 
GLU HE2  H N N 125 
GLU HXT  H N N 126 
GLY N    N N N 127 
GLY CA   C N N 128 
GLY C    C N N 129 
GLY O    O N N 130 
GLY OXT  O N N 131 
GLY H    H N N 132 
GLY H2   H N N 133 
GLY HA2  H N N 134 
GLY HA3  H N N 135 
GLY HXT  H N N 136 
HIS N    N N N 137 
HIS CA   C N S 138 
HIS C    C N N 139 
HIS O    O N N 140 
HIS CB   C N N 141 
HIS CG   C Y N 142 
HIS ND1  N Y N 143 
HIS CD2  C Y N 144 
HIS CE1  C Y N 145 
HIS NE2  N Y N 146 
HIS OXT  O N N 147 
HIS H    H N N 148 
HIS H2   H N N 149 
HIS HA   H N N 150 
HIS HB2  H N N 151 
HIS HB3  H N N 152 
HIS HD1  H N N 153 
HIS HD2  H N N 154 
HIS HE1  H N N 155 
HIS HE2  H N N 156 
HIS HXT  H N N 157 
ILE N    N N N 158 
ILE CA   C N S 159 
ILE C    C N N 160 
ILE O    O N N 161 
ILE CB   C N S 162 
ILE CG1  C N N 163 
ILE CG2  C N N 164 
ILE CD1  C N N 165 
ILE OXT  O N N 166 
ILE H    H N N 167 
ILE H2   H N N 168 
ILE HA   H N N 169 
ILE HB   H N N 170 
ILE HG12 H N N 171 
ILE HG13 H N N 172 
ILE HG21 H N N 173 
ILE HG22 H N N 174 
ILE HG23 H N N 175 
ILE HD11 H N N 176 
ILE HD12 H N N 177 
ILE HD13 H N N 178 
ILE HXT  H N N 179 
LEU N    N N N 180 
LEU CA   C N S 181 
LEU C    C N N 182 
LEU O    O N N 183 
LEU CB   C N N 184 
LEU CG   C N N 185 
LEU CD1  C N N 186 
LEU CD2  C N N 187 
LEU OXT  O N N 188 
LEU H    H N N 189 
LEU H2   H N N 190 
LEU HA   H N N 191 
LEU HB2  H N N 192 
LEU HB3  H N N 193 
LEU HG   H N N 194 
LEU HD11 H N N 195 
LEU HD12 H N N 196 
LEU HD13 H N N 197 
LEU HD21 H N N 198 
LEU HD22 H N N 199 
LEU HD23 H N N 200 
LEU HXT  H N N 201 
LYS N    N N N 202 
LYS CA   C N S 203 
LYS C    C N N 204 
LYS O    O N N 205 
LYS CB   C N N 206 
LYS CG   C N N 207 
LYS CD   C N N 208 
LYS CE   C N N 209 
LYS NZ   N N N 210 
LYS OXT  O N N 211 
LYS H    H N N 212 
LYS H2   H N N 213 
LYS HA   H N N 214 
LYS HB2  H N N 215 
LYS HB3  H N N 216 
LYS HG2  H N N 217 
LYS HG3  H N N 218 
LYS HD2  H N N 219 
LYS HD3  H N N 220 
LYS HE2  H N N 221 
LYS HE3  H N N 222 
LYS HZ1  H N N 223 
LYS HZ2  H N N 224 
LYS HZ3  H N N 225 
LYS HXT  H N N 226 
MET N    N N N 227 
MET CA   C N S 228 
MET C    C N N 229 
MET O    O N N 230 
MET CB   C N N 231 
MET CG   C N N 232 
MET SD   S N N 233 
MET CE   C N N 234 
MET OXT  O N N 235 
MET H    H N N 236 
MET H2   H N N 237 
MET HA   H N N 238 
MET HB2  H N N 239 
MET HB3  H N N 240 
MET HG2  H N N 241 
MET HG3  H N N 242 
MET HE1  H N N 243 
MET HE2  H N N 244 
MET HE3  H N N 245 
MET HXT  H N N 246 
PHE N    N N N 247 
PHE CA   C N S 248 
PHE C    C N N 249 
PHE O    O N N 250 
PHE CB   C N N 251 
PHE CG   C Y N 252 
PHE CD1  C Y N 253 
PHE CD2  C Y N 254 
PHE CE1  C Y N 255 
PHE CE2  C Y N 256 
PHE CZ   C Y N 257 
PHE OXT  O N N 258 
PHE H    H N N 259 
PHE H2   H N N 260 
PHE HA   H N N 261 
PHE HB2  H N N 262 
PHE HB3  H N N 263 
PHE HD1  H N N 264 
PHE HD2  H N N 265 
PHE HE1  H N N 266 
PHE HE2  H N N 267 
PHE HZ   H N N 268 
PHE HXT  H N N 269 
PRO N    N N N 270 
PRO CA   C N S 271 
PRO C    C N N 272 
PRO O    O N N 273 
PRO CB   C N N 274 
PRO CG   C N N 275 
PRO CD   C N N 276 
PRO OXT  O N N 277 
PRO H    H N N 278 
PRO HA   H N N 279 
PRO HB2  H N N 280 
PRO HB3  H N N 281 
PRO HG2  H N N 282 
PRO HG3  H N N 283 
PRO HD2  H N N 284 
PRO HD3  H N N 285 
PRO HXT  H N N 286 
SER N    N N N 287 
SER CA   C N S 288 
SER C    C N N 289 
SER O    O N N 290 
SER CB   C N N 291 
SER OG   O N N 292 
SER OXT  O N N 293 
SER H    H N N 294 
SER H2   H N N 295 
SER HA   H N N 296 
SER HB2  H N N 297 
SER HB3  H N N 298 
SER HG   H N N 299 
SER HXT  H N N 300 
THR N    N N N 301 
THR CA   C N S 302 
THR C    C N N 303 
THR O    O N N 304 
THR CB   C N R 305 
THR OG1  O N N 306 
THR CG2  C N N 307 
THR OXT  O N N 308 
THR H    H N N 309 
THR H2   H N N 310 
THR HA   H N N 311 
THR HB   H N N 312 
THR HG1  H N N 313 
THR HG21 H N N 314 
THR HG22 H N N 315 
THR HG23 H N N 316 
THR HXT  H N N 317 
TRP N    N N N 318 
TRP CA   C N S 319 
TRP C    C N N 320 
TRP O    O N N 321 
TRP CB   C N N 322 
TRP CG   C Y N 323 
TRP CD1  C Y N 324 
TRP CD2  C Y N 325 
TRP NE1  N Y N 326 
TRP CE2  C Y N 327 
TRP CE3  C Y N 328 
TRP CZ2  C Y N 329 
TRP CZ3  C Y N 330 
TRP CH2  C Y N 331 
TRP OXT  O N N 332 
TRP H    H N N 333 
TRP H2   H N N 334 
TRP HA   H N N 335 
TRP HB2  H N N 336 
TRP HB3  H N N 337 
TRP HD1  H N N 338 
TRP HE1  H N N 339 
TRP HE3  H N N 340 
TRP HZ2  H N N 341 
TRP HZ3  H N N 342 
TRP HH2  H N N 343 
TRP HXT  H N N 344 
TYR N    N N N 345 
TYR CA   C N S 346 
TYR C    C N N 347 
TYR O    O N N 348 
TYR CB   C N N 349 
TYR CG   C Y N 350 
TYR CD1  C Y N 351 
TYR CD2  C Y N 352 
TYR CE1  C Y N 353 
TYR CE2  C Y N 354 
TYR CZ   C Y N 355 
TYR OH   O N N 356 
TYR OXT  O N N 357 
TYR H    H N N 358 
TYR H2   H N N 359 
TYR HA   H N N 360 
TYR HB2  H N N 361 
TYR HB3  H N N 362 
TYR HD1  H N N 363 
TYR HD2  H N N 364 
TYR HE1  H N N 365 
TYR HE2  H N N 366 
TYR HH   H N N 367 
TYR HXT  H N N 368 
VAL N    N N N 369 
VAL CA   C N S 370 
VAL C    C N N 371 
VAL O    O N N 372 
VAL CB   C N N 373 
VAL CG1  C N N 374 
VAL CG2  C N N 375 
VAL OXT  O N N 376 
VAL H    H N N 377 
VAL H2   H N N 378 
VAL HA   H N N 379 
VAL HB   H N N 380 
VAL HG11 H N N 381 
VAL HG12 H N N 382 
VAL HG13 H N N 383 
VAL HG21 H N N 384 
VAL HG22 H N N 385 
VAL HG23 H N N 386 
VAL HXT  H N N 387 
# 
loop_
_chem_comp_bond.comp_id 
_chem_comp_bond.atom_id_1 
_chem_comp_bond.atom_id_2 
_chem_comp_bond.value_order 
_chem_comp_bond.pdbx_aromatic_flag 
_chem_comp_bond.pdbx_stereo_config 
_chem_comp_bond.pdbx_ordinal 
ALA N   CA   sing N N 1   
ALA N   H    sing N N 2   
ALA N   H2   sing N N 3   
ALA CA  C    sing N N 4   
ALA CA  CB   sing N N 5   
ALA CA  HA   sing N N 6   
ALA C   O    doub N N 7   
ALA C   OXT  sing N N 8   
ALA CB  HB1  sing N N 9   
ALA CB  HB2  sing N N 10  
ALA CB  HB3  sing N N 11  
ALA OXT HXT  sing N N 12  
ARG N   CA   sing N N 13  
ARG N   H    sing N N 14  
ARG N   H2   sing N N 15  
ARG CA  C    sing N N 16  
ARG CA  CB   sing N N 17  
ARG CA  HA   sing N N 18  
ARG C   O    doub N N 19  
ARG C   OXT  sing N N 20  
ARG CB  CG   sing N N 21  
ARG CB  HB2  sing N N 22  
ARG CB  HB3  sing N N 23  
ARG CG  CD   sing N N 24  
ARG CG  HG2  sing N N 25  
ARG CG  HG3  sing N N 26  
ARG CD  NE   sing N N 27  
ARG CD  HD2  sing N N 28  
ARG CD  HD3  sing N N 29  
ARG NE  CZ   sing N N 30  
ARG NE  HE   sing N N 31  
ARG CZ  NH1  sing N N 32  
ARG CZ  NH2  doub N N 33  
ARG NH1 HH11 sing N N 34  
ARG NH1 HH12 sing N N 35  
ARG NH2 HH21 sing N N 36  
ARG NH2 HH22 sing N N 37  
ARG OXT HXT  sing N N 38  
ASN N   CA   sing N N 39  
ASN N   H    sing N N 40  
ASN N   H2   sing N N 41  
ASN CA  C    sing N N 42  
ASN CA  CB   sing N N 43  
ASN CA  HA   sing N N 44  
ASN C   O    doub N N 45  
ASN C   OXT  sing N N 46  
ASN CB  CG   sing N N 47  
ASN CB  HB2  sing N N 48  
ASN CB  HB3  sing N N 49  
ASN CG  OD1  doub N N 50  
ASN CG  ND2  sing N N 51  
ASN ND2 HD21 sing N N 52  
ASN ND2 HD22 sing N N 53  
ASN OXT HXT  sing N N 54  
ASP N   CA   sing N N 55  
ASP N   H    sing N N 56  
ASP N   H2   sing N N 57  
ASP CA  C    sing N N 58  
ASP CA  CB   sing N N 59  
ASP CA  HA   sing N N 60  
ASP C   O    doub N N 61  
ASP C   OXT  sing N N 62  
ASP CB  CG   sing N N 63  
ASP CB  HB2  sing N N 64  
ASP CB  HB3  sing N N 65  
ASP CG  OD1  doub N N 66  
ASP CG  OD2  sing N N 67  
ASP OD2 HD2  sing N N 68  
ASP OXT HXT  sing N N 69  
CYS N   CA   sing N N 70  
CYS N   H    sing N N 71  
CYS N   H2   sing N N 72  
CYS CA  C    sing N N 73  
CYS CA  CB   sing N N 74  
CYS CA  HA   sing N N 75  
CYS C   O    doub N N 76  
CYS C   OXT  sing N N 77  
CYS CB  SG   sing N N 78  
CYS CB  HB2  sing N N 79  
CYS CB  HB3  sing N N 80  
CYS SG  HG   sing N N 81  
CYS OXT HXT  sing N N 82  
GLN N   CA   sing N N 83  
GLN N   H    sing N N 84  
GLN N   H2   sing N N 85  
GLN CA  C    sing N N 86  
GLN CA  CB   sing N N 87  
GLN CA  HA   sing N N 88  
GLN C   O    doub N N 89  
GLN C   OXT  sing N N 90  
GLN CB  CG   sing N N 91  
GLN CB  HB2  sing N N 92  
GLN CB  HB3  sing N N 93  
GLN CG  CD   sing N N 94  
GLN CG  HG2  sing N N 95  
GLN CG  HG3  sing N N 96  
GLN CD  OE1  doub N N 97  
GLN CD  NE2  sing N N 98  
GLN NE2 HE21 sing N N 99  
GLN NE2 HE22 sing N N 100 
GLN OXT HXT  sing N N 101 
GLU N   CA   sing N N 102 
GLU N   H    sing N N 103 
GLU N   H2   sing N N 104 
GLU CA  C    sing N N 105 
GLU CA  CB   sing N N 106 
GLU CA  HA   sing N N 107 
GLU C   O    doub N N 108 
GLU C   OXT  sing N N 109 
GLU CB  CG   sing N N 110 
GLU CB  HB2  sing N N 111 
GLU CB  HB3  sing N N 112 
GLU CG  CD   sing N N 113 
GLU CG  HG2  sing N N 114 
GLU CG  HG3  sing N N 115 
GLU CD  OE1  doub N N 116 
GLU CD  OE2  sing N N 117 
GLU OE2 HE2  sing N N 118 
GLU OXT HXT  sing N N 119 
GLY N   CA   sing N N 120 
GLY N   H    sing N N 121 
GLY N   H2   sing N N 122 
GLY CA  C    sing N N 123 
GLY CA  HA2  sing N N 124 
GLY CA  HA3  sing N N 125 
GLY C   O    doub N N 126 
GLY C   OXT  sing N N 127 
GLY OXT HXT  sing N N 128 
HIS N   CA   sing N N 129 
HIS N   H    sing N N 130 
HIS N   H2   sing N N 131 
HIS CA  C    sing N N 132 
HIS CA  CB   sing N N 133 
HIS CA  HA   sing N N 134 
HIS C   O    doub N N 135 
HIS C   OXT  sing N N 136 
HIS CB  CG   sing N N 137 
HIS CB  HB2  sing N N 138 
HIS CB  HB3  sing N N 139 
HIS CG  ND1  sing Y N 140 
HIS CG  CD2  doub Y N 141 
HIS ND1 CE1  doub Y N 142 
HIS ND1 HD1  sing N N 143 
HIS CD2 NE2  sing Y N 144 
HIS CD2 HD2  sing N N 145 
HIS CE1 NE2  sing Y N 146 
HIS CE1 HE1  sing N N 147 
HIS NE2 HE2  sing N N 148 
HIS OXT HXT  sing N N 149 
ILE N   CA   sing N N 150 
ILE N   H    sing N N 151 
ILE N   H2   sing N N 152 
ILE CA  C    sing N N 153 
ILE CA  CB   sing N N 154 
ILE CA  HA   sing N N 155 
ILE C   O    doub N N 156 
ILE C   OXT  sing N N 157 
ILE CB  CG1  sing N N 158 
ILE CB  CG2  sing N N 159 
ILE CB  HB   sing N N 160 
ILE CG1 CD1  sing N N 161 
ILE CG1 HG12 sing N N 162 
ILE CG1 HG13 sing N N 163 
ILE CG2 HG21 sing N N 164 
ILE CG2 HG22 sing N N 165 
ILE CG2 HG23 sing N N 166 
ILE CD1 HD11 sing N N 167 
ILE CD1 HD12 sing N N 168 
ILE CD1 HD13 sing N N 169 
ILE OXT HXT  sing N N 170 
LEU N   CA   sing N N 171 
LEU N   H    sing N N 172 
LEU N   H2   sing N N 173 
LEU CA  C    sing N N 174 
LEU CA  CB   sing N N 175 
LEU CA  HA   sing N N 176 
LEU C   O    doub N N 177 
LEU C   OXT  sing N N 178 
LEU CB  CG   sing N N 179 
LEU CB  HB2  sing N N 180 
LEU CB  HB3  sing N N 181 
LEU CG  CD1  sing N N 182 
LEU CG  CD2  sing N N 183 
LEU CG  HG   sing N N 184 
LEU CD1 HD11 sing N N 185 
LEU CD1 HD12 sing N N 186 
LEU CD1 HD13 sing N N 187 
LEU CD2 HD21 sing N N 188 
LEU CD2 HD22 sing N N 189 
LEU CD2 HD23 sing N N 190 
LEU OXT HXT  sing N N 191 
LYS N   CA   sing N N 192 
LYS N   H    sing N N 193 
LYS N   H2   sing N N 194 
LYS CA  C    sing N N 195 
LYS CA  CB   sing N N 196 
LYS CA  HA   sing N N 197 
LYS C   O    doub N N 198 
LYS C   OXT  sing N N 199 
LYS CB  CG   sing N N 200 
LYS CB  HB2  sing N N 201 
LYS CB  HB3  sing N N 202 
LYS CG  CD   sing N N 203 
LYS CG  HG2  sing N N 204 
LYS CG  HG3  sing N N 205 
LYS CD  CE   sing N N 206 
LYS CD  HD2  sing N N 207 
LYS CD  HD3  sing N N 208 
LYS CE  NZ   sing N N 209 
LYS CE  HE2  sing N N 210 
LYS CE  HE3  sing N N 211 
LYS NZ  HZ1  sing N N 212 
LYS NZ  HZ2  sing N N 213 
LYS NZ  HZ3  sing N N 214 
LYS OXT HXT  sing N N 215 
MET N   CA   sing N N 216 
MET N   H    sing N N 217 
MET N   H2   sing N N 218 
MET CA  C    sing N N 219 
MET CA  CB   sing N N 220 
MET CA  HA   sing N N 221 
MET C   O    doub N N 222 
MET C   OXT  sing N N 223 
MET CB  CG   sing N N 224 
MET CB  HB2  sing N N 225 
MET CB  HB3  sing N N 226 
MET CG  SD   sing N N 227 
MET CG  HG2  sing N N 228 
MET CG  HG3  sing N N 229 
MET SD  CE   sing N N 230 
MET CE  HE1  sing N N 231 
MET CE  HE2  sing N N 232 
MET CE  HE3  sing N N 233 
MET OXT HXT  sing N N 234 
PHE N   CA   sing N N 235 
PHE N   H    sing N N 236 
PHE N   H2   sing N N 237 
PHE CA  C    sing N N 238 
PHE CA  CB   sing N N 239 
PHE CA  HA   sing N N 240 
PHE C   O    doub N N 241 
PHE C   OXT  sing N N 242 
PHE CB  CG   sing N N 243 
PHE CB  HB2  sing N N 244 
PHE CB  HB3  sing N N 245 
PHE CG  CD1  doub Y N 246 
PHE CG  CD2  sing Y N 247 
PHE CD1 CE1  sing Y N 248 
PHE CD1 HD1  sing N N 249 
PHE CD2 CE2  doub Y N 250 
PHE CD2 HD2  sing N N 251 
PHE CE1 CZ   doub Y N 252 
PHE CE1 HE1  sing N N 253 
PHE CE2 CZ   sing Y N 254 
PHE CE2 HE2  sing N N 255 
PHE CZ  HZ   sing N N 256 
PHE OXT HXT  sing N N 257 
PRO N   CA   sing N N 258 
PRO N   CD   sing N N 259 
PRO N   H    sing N N 260 
PRO CA  C    sing N N 261 
PRO CA  CB   sing N N 262 
PRO CA  HA   sing N N 263 
PRO C   O    doub N N 264 
PRO C   OXT  sing N N 265 
PRO CB  CG   sing N N 266 
PRO CB  HB2  sing N N 267 
PRO CB  HB3  sing N N 268 
PRO CG  CD   sing N N 269 
PRO CG  HG2  sing N N 270 
PRO CG  HG3  sing N N 271 
PRO CD  HD2  sing N N 272 
PRO CD  HD3  sing N N 273 
PRO OXT HXT  sing N N 274 
SER N   CA   sing N N 275 
SER N   H    sing N N 276 
SER N   H2   sing N N 277 
SER CA  C    sing N N 278 
SER CA  CB   sing N N 279 
SER CA  HA   sing N N 280 
SER C   O    doub N N 281 
SER C   OXT  sing N N 282 
SER CB  OG   sing N N 283 
SER CB  HB2  sing N N 284 
SER CB  HB3  sing N N 285 
SER OG  HG   sing N N 286 
SER OXT HXT  sing N N 287 
THR N   CA   sing N N 288 
THR N   H    sing N N 289 
THR N   H2   sing N N 290 
THR CA  C    sing N N 291 
THR CA  CB   sing N N 292 
THR CA  HA   sing N N 293 
THR C   O    doub N N 294 
THR C   OXT  sing N N 295 
THR CB  OG1  sing N N 296 
THR CB  CG2  sing N N 297 
THR CB  HB   sing N N 298 
THR OG1 HG1  sing N N 299 
THR CG2 HG21 sing N N 300 
THR CG2 HG22 sing N N 301 
THR CG2 HG23 sing N N 302 
THR OXT HXT  sing N N 303 
TRP N   CA   sing N N 304 
TRP N   H    sing N N 305 
TRP N   H2   sing N N 306 
TRP CA  C    sing N N 307 
TRP CA  CB   sing N N 308 
TRP CA  HA   sing N N 309 
TRP C   O    doub N N 310 
TRP C   OXT  sing N N 311 
TRP CB  CG   sing N N 312 
TRP CB  HB2  sing N N 313 
TRP CB  HB3  sing N N 314 
TRP CG  CD1  doub Y N 315 
TRP CG  CD2  sing Y N 316 
TRP CD1 NE1  sing Y N 317 
TRP CD1 HD1  sing N N 318 
TRP CD2 CE2  doub Y N 319 
TRP CD2 CE3  sing Y N 320 
TRP NE1 CE2  sing Y N 321 
TRP NE1 HE1  sing N N 322 
TRP CE2 CZ2  sing Y N 323 
TRP CE3 CZ3  doub Y N 324 
TRP CE3 HE3  sing N N 325 
TRP CZ2 CH2  doub Y N 326 
TRP CZ2 HZ2  sing N N 327 
TRP CZ3 CH2  sing Y N 328 
TRP CZ3 HZ3  sing N N 329 
TRP CH2 HH2  sing N N 330 
TRP OXT HXT  sing N N 331 
TYR N   CA   sing N N 332 
TYR N   H    sing N N 333 
TYR N   H2   sing N N 334 
TYR CA  C    sing N N 335 
TYR CA  CB   sing N N 336 
TYR CA  HA   sing N N 337 
TYR C   O    doub N N 338 
TYR C   OXT  sing N N 339 
TYR CB  CG   sing N N 340 
TYR CB  HB2  sing N N 341 
TYR CB  HB3  sing N N 342 
TYR CG  CD1  doub Y N 343 
TYR CG  CD2  sing Y N 344 
TYR CD1 CE1  sing Y N 345 
TYR CD1 HD1  sing N N 346 
TYR CD2 CE2  doub Y N 347 
TYR CD2 HD2  sing N N 348 
TYR CE1 CZ   doub Y N 349 
TYR CE1 HE1  sing N N 350 
TYR CE2 CZ   sing Y N 351 
TYR CE2 HE2  sing N N 352 
TYR CZ  OH   sing N N 353 
TYR OH  HH   sing N N 354 
TYR OXT HXT  sing N N 355 
VAL N   CA   sing N N 356 
VAL N   H    sing N N 357 
VAL N   H2   sing N N 358 
VAL CA  C    sing N N 359 
VAL CA  CB   sing N N 360 
VAL CA  HA   sing N N 361 
VAL C   O    doub N N 362 
VAL C   OXT  sing N N 363 
VAL CB  CG1  sing N N 364 
VAL CB  CG2  sing N N 365 
VAL CB  HB   sing N N 366 
VAL CG1 HG11 sing N N 367 
VAL CG1 HG12 sing N N 368 
VAL CG1 HG13 sing N N 369 
VAL CG2 HG21 sing N N 370 
VAL CG2 HG22 sing N N 371 
VAL CG2 HG23 sing N N 372 
VAL OXT HXT  sing N N 373 
# 
_pdbx_coordinate_model.asym_id   A 
_pdbx_coordinate_model.type      'CA ATOMS ONLY' 
# 
_pdbx_soln_scatter.id                                            1 
_pdbx_soln_scatter.type                                          x-ray 
_pdbx_soln_scatter.source_type                                   'ESRF BEAMLINE ID02' 
_pdbx_soln_scatter.source_class                                  Y 
_pdbx_soln_scatter.source_beamline                               ID02 
_pdbx_soln_scatter.source_beamline_instrument                    ? 
_pdbx_soln_scatter.detector_type                                 'FRELON CCD CAMERA' 
_pdbx_soln_scatter.detector_specific                             ? 
_pdbx_soln_scatter.temperature                                   288 
_pdbx_soln_scatter.sample_pH                                     7.4 
_pdbx_soln_scatter.num_time_frames                               1 
_pdbx_soln_scatter.concentration_range                           0.2-0.4 
_pdbx_soln_scatter.buffer_name                                   '12 MM NA PHOSPHATE, 220 MM NACL' 
_pdbx_soln_scatter.data_reduction_software_list                  MULTICCD 
_pdbx_soln_scatter.data_analysis_software_list                   'SCTPL7, GNOM' 
_pdbx_soln_scatter.mean_guiner_radius                            6.65 
_pdbx_soln_scatter.mean_guiner_radius_esd                        0.49 
_pdbx_soln_scatter.min_mean_cross_sectional_radii_gyration       1.88 
_pdbx_soln_scatter.min_mean_cross_sectional_radii_gyration_esd   0.77 
_pdbx_soln_scatter.max_mean_cross_sectional_radii_gyration       ? 
_pdbx_soln_scatter.max_mean_cross_sectional_radii_gyration_esd   ? 
_pdbx_soln_scatter.protein_length                                1 
_pdbx_soln_scatter.entry_id                                      1ZLG 
# 
_pdbx_soln_scatter_model.scatter_id                     1 
_pdbx_soln_scatter_model.id                             1 
_pdbx_soln_scatter_model.method                         'CONSTRAINED SCATTERING FITTING OF HOMOLOGY MODELS' 
_pdbx_soln_scatter_model.software_list                  'INSIGHT II, HOMOLOGY, DISCOVERY, BIOPOLYMER, DELPHI, O, SCTPL7, GNOM' 
_pdbx_soln_scatter_model.software_author_list           ACCELRYS 
_pdbx_soln_scatter_model.entry_fitting_list             ? 
_pdbx_soln_scatter_model.details                        
;HOMOLOGY MODELS WERE BUILT FOR
THE CYS-BOX, WAP AND FOUR FNIII DOMAINS. THE POSITIONS
OF THE DOMAINS WERE DETERMINED
BY AN APPROACH THAT COMBINED RANDOMISED LINKER PEPTIDE
STRUCTURES PRODUCED BY MOLECULAR DYNAMICS SIMULATIONS
WITH CURVE-FITTING TO EXPERIMENTAL X-RAY SOLUTION
SCATTERING DATA. A SINGLE ARRANGEMENT OF THE SIX
DOMAINS IS PRESENTED, WHICH IS REPRESENTATIVE OF A
FAMILY OF STRUCTURES THAT FIT THE SCATTERING DATA. MORE
DETAILS ON THE MODELLING STRATEGY ARE CONTAINED IN
THE PRIMARY REFERENCE. THE ALGORITHM RESULTED IN SEVERAL
CLOSE APPROACHES BETWEEN ATOMS.   THIS ENTRY CONTAINS
FOUR SUCH PAIRS
ALA  292 -     PRO  318
PRO  291 -     GLU  319
PRO   27 -     PHE  122
TYR  225 -     PHE  355
;
_pdbx_soln_scatter_model.num_conformers_calculated      10000 
_pdbx_soln_scatter_model.num_conformers_submitted       1 
_pdbx_soln_scatter_model.conformer_selection_criteria   
;THE MODELLED SCATTERING
CURVES WERE ASSESSED BY CALCULATION OF THE
RG, RSX-1 AND VALUES IN THE SAME Q RANGES
USED IN THE EXPERIMENTAL GUINIER FITS. MODELS WERE
THEN RANKED USING A GOODNESS-OF-FIT R-FACTOR
DEFINED BY ANALOGY WITH PROTEIN CRYSTALLOGRAPHY
;
_pdbx_soln_scatter_model.representative_conformer       1 
# 
_atom_sites.entry_id                    1ZLG 
_atom_sites.fract_transf_matrix[1][1]   1.000000 
_atom_sites.fract_transf_matrix[1][2]   0.000000 
_atom_sites.fract_transf_matrix[1][3]   0.000000 
_atom_sites.fract_transf_matrix[2][1]   0.000000 
_atom_sites.fract_transf_matrix[2][2]   1.000000 
_atom_sites.fract_transf_matrix[2][3]   0.000000 
_atom_sites.fract_transf_matrix[3][1]   0.000000 
_atom_sites.fract_transf_matrix[3][2]   0.000000 
_atom_sites.fract_transf_matrix[3][3]   1.000000 
_atom_sites.fract_transf_vector[1]      0.00000 
_atom_sites.fract_transf_vector[2]      0.00000 
_atom_sites.fract_transf_vector[3]      0.00000 
# 
_atom_type.symbol   C 
# 
loop_
_atom_site.group_PDB 
_atom_site.id 
_atom_site.type_symbol 
_atom_site.label_atom_id 
_atom_site.label_alt_id 
_atom_site.label_comp_id 
_atom_site.label_asym_id 
_atom_site.label_entity_id 
_atom_site.label_seq_id 
_atom_site.pdbx_PDB_ins_code 
_atom_site.Cartn_x 
_atom_site.Cartn_y 
_atom_site.Cartn_z 
_atom_site.occupancy 
_atom_site.B_iso_or_equiv 
_atom_site.pdbx_formal_charge 
_atom_site.auth_seq_id 
_atom_site.auth_comp_id 
_atom_site.auth_asym_id 
_atom_site.auth_atom_id 
_atom_site.pdbx_PDB_model_num 
ATOM 1   C CA . ALA A 1 1   ? -27.004 26.076  68.058   1.00 0.00 ? 24  ALA A CA 1 
ATOM 2   C CA . ALA A 1 2   ? -25.746 24.684  71.376   1.00 0.00 ? 25  ALA A CA 1 
ATOM 3   C CA . GLY A 1 3   ? -29.187 24.075  73.104   1.00 0.00 ? 26  GLY A CA 1 
ATOM 4   C CA . PRO A 1 4   ? -32.296 21.529  73.220   1.00 0.00 ? 27  PRO A CA 1 
ATOM 5   C CA . GLY A 1 5   ? -35.378 22.993  71.108   1.00 0.00 ? 28  GLY A CA 1 
ATOM 6   C CA . ALA A 1 6   ? -38.657 20.839  71.733   1.00 0.00 ? 29  ALA A CA 1 
ATOM 7   C CA . ALA A 1 7   ? -42.204 21.803  72.885   1.00 0.00 ? 30  ALA A CA 1 
ATOM 8   C CA . ALA A 1 8   ? -42.309 22.630  76.812   1.00 0.00 ? 31  ALA A CA 1 
ATOM 9   C CA . ALA A 1 9   ? -38.472 23.147  77.460   1.00 0.00 ? 32  ALA A CA 1 
ATOM 10  C CA . ARG A 1 10  ? -38.679 26.728  79.217   1.00 0.00 ? 33  ARG A CA 1 
ATOM 11  C CA . ARG A 1 11  ? -40.324 29.073  76.541   1.00 0.00 ? 34  ARG A CA 1 
ATOM 12  C CA . LEU A 1 12  ? -37.404 29.093  74.971   1.00 0.00 ? 35  LEU A CA 1 
ATOM 13  C CA . ASP A 1 13  ? -36.372 32.918  75.395   1.00 0.00 ? 36  ASP A CA 1 
ATOM 14  C CA . GLU A 1 14  ? -37.926 34.435  72.243   1.00 0.00 ? 37  GLU A CA 1 
ATOM 15  C CA . SER A 1 15  ? -41.524 34.122  73.350   1.00 0.00 ? 38  SER A CA 1 
ATOM 16  C CA . LEU A 1 16  ? -43.285 37.502  73.569   1.00 0.00 ? 39  LEU A CA 1 
ATOM 17  C CA . SER A 1 17  ? -45.940 37.702  76.283   1.00 0.00 ? 40  SER A CA 1 
ATOM 18  C CA . ALA A 1 18  ? -47.823 40.780  77.482   1.00 0.00 ? 41  ALA A CA 1 
ATOM 19  C CA . GLY A 1 19  ? -51.204 42.259  78.109   1.00 0.00 ? 42  GLY A CA 1 
ATOM 20  C CA . SER A 1 20  ? -52.872 39.072  79.272   1.00 0.00 ? 43  SER A CA 1 
ATOM 21  C CA . VAL A 1 21  ? -54.613 38.439  82.641   1.00 0.00 ? 44  VAL A CA 1 
ATOM 22  C CA . GLN A 1 22  ? -53.026 37.283  85.297   1.00 0.00 ? 45  GLN A CA 1 
ATOM 23  C CA . ARG A 1 23  ? -52.131 35.104  87.717   1.00 0.00 ? 46  ARG A CA 1 
ATOM 24  C CA . ALA A 1 24  ? -53.539 36.803  90.837   1.00 0.00 ? 47  ALA A CA 1 
ATOM 25  C CA . ARG A 1 25  ? -56.825 37.784  89.219   1.00 0.00 ? 48  ARG A CA 1 
ATOM 26  C CA . CYS A 1 26  ? -56.940 34.479  87.286   1.00 0.00 ? 49  CYS A CA 1 
ATOM 27  C CA . ALA A 1 27  ? -56.646 32.235  90.341   1.00 0.00 ? 50  ALA A CA 1 
ATOM 28  C CA . SER A 1 28  ? -55.930 29.160  88.225   1.00 0.00 ? 51  SER A CA 1 
ATOM 29  C CA . ARG A 1 29  ? -56.173 25.753  89.822   1.00 0.00 ? 52  ARG A CA 1 
ATOM 30  C CA . CYS A 1 30  ? -54.767 22.677  88.192   1.00 0.00 ? 53  CYS A CA 1 
ATOM 31  C CA . LEU A 1 31  ? -56.754 19.453  88.253   1.00 0.00 ? 54  LEU A CA 1 
ATOM 32  C CA . SER A 1 32  ? -56.901 18.235  91.859   1.00 0.00 ? 55  SER A CA 1 
ATOM 33  C CA . LEU A 1 33  ? -55.676 21.400  93.605   1.00 0.00 ? 56  LEU A CA 1 
ATOM 34  C CA . GLN A 1 34  ? -59.081 22.320  95.002   1.00 0.00 ? 57  GLN A CA 1 
ATOM 35  C CA . ILE A 1 35  ? -61.636 19.527  95.713   1.00 0.00 ? 58  ILE A CA 1 
ATOM 36  C CA . THR A 1 36  ? -61.481 15.955  96.961   1.00 0.00 ? 59  THR A CA 1 
ATOM 37  C CA . ARG A 1 37  ? -58.150 14.761  95.615   1.00 0.00 ? 60  ARG A CA 1 
ATOM 38  C CA . ILE A 1 38  ? -55.183 17.070  95.175   1.00 0.00 ? 61  ILE A CA 1 
ATOM 39  C CA . SER A 1 39  ? -53.138 17.128  92.555   1.00 0.00 ? 62  SER A CA 1 
ATOM 40  C CA . ALA A 1 40  ? -53.071 15.141  89.338   1.00 0.00 ? 63  ALA A CA 1 
ATOM 41  C CA . PHE A 1 41  ? -50.616 17.318  87.438   1.00 0.00 ? 64  PHE A CA 1 
ATOM 42  C CA . PHE A 1 42  ? -46.814 17.188  87.471   1.00 0.00 ? 65  PHE A CA 1 
ATOM 43  C CA . GLN A 1 43  ? -44.622 20.102  88.644   1.00 0.00 ? 66  GLN A CA 1 
ATOM 44  C CA . HIS A 1 44  ? -41.817 21.993  86.926   1.00 0.00 ? 67  HIS A CA 1 
ATOM 45  C CA . PHE A 1 45  ? -40.032 25.167  87.901   1.00 0.00 ? 68  PHE A CA 1 
ATOM 46  C CA . GLN A 1 46  ? -40.422 28.201  85.597   1.00 0.00 ? 69  GLN A CA 1 
ATOM 47  C CA . ASN A 1 47  ? -38.776 31.508  86.578   1.00 0.00 ? 70  ASN A CA 1 
ATOM 48  C CA . ASN A 1 48  ? -37.871 30.270  90.066   1.00 0.00 ? 71  ASN A CA 1 
ATOM 49  C CA . GLY A 1 49  ? -41.386 29.133  90.882   1.00 0.00 ? 72  GLY A CA 1 
ATOM 50  C CA . SER A 1 50  ? -41.892 25.397  91.387   1.00 0.00 ? 73  SER A CA 1 
ATOM 51  C CA . LEU A 1 51  ? -45.540 24.606  90.604   1.00 0.00 ? 74  LEU A CA 1 
ATOM 52  C CA . VAL A 1 52  ? -48.140 22.448  88.931   1.00 0.00 ? 75  VAL A CA 1 
ATOM 53  C CA . TRP A 1 53  ? -48.371 22.574  85.120   1.00 0.00 ? 76  TRP A CA 1 
ATOM 54  C CA . CYS A 1 54  ? -51.766 22.379  83.325   1.00 0.00 ? 77  CYS A CA 1 
ATOM 55  C CA . GLN A 1 55  ? -53.830 23.687  80.393   1.00 0.00 ? 78  GLN A CA 1 
ATOM 56  C CA . ASN A 1 56  ? -57.156 24.018  82.151   1.00 0.00 ? 79  ASN A CA 1 
ATOM 57  C CA . HIS A 1 57  ? -58.857 23.300  85.497   1.00 0.00 ? 80  HIS A CA 1 
ATOM 58  C CA . LYS A 1 58  ? -59.636 19.804  84.215   1.00 0.00 ? 81  LYS A CA 1 
ATOM 59  C CA . GLN A 1 59  ? -56.577 19.159  82.084   1.00 0.00 ? 82  GLN A CA 1 
ATOM 60  C CA . CYS A 1 60  ? -53.362 19.990  83.912   1.00 0.00 ? 83  CYS A CA 1 
ATOM 61  C CA . SER A 1 61  ? -52.438 16.470  84.951   1.00 0.00 ? 84  SER A CA 1 
ATOM 62  C CA . LYS A 1 62  ? -51.320 15.754  81.407   1.00 0.00 ? 85  LYS A CA 1 
ATOM 63  C CA . CYS A 1 63  ? -49.023 12.913  82.395   1.00 0.00 ? 86  CYS A CA 1 
ATOM 64  C CA . LEU A 1 64  ? -46.156 11.524  84.788   1.00 0.00 ? 87  LEU A CA 1 
ATOM 65  C CA . GLU A 1 65  ? -42.605 12.050  85.438   1.00 0.00 ? 88  GLU A CA 1 
ATOM 66  C CA . PRO A 1 66  ? -43.274 8.474   84.327   1.00 0.00 ? 89  PRO A CA 1 
ATOM 67  C CA . CYS A 1 67  ? -39.727 8.985   83.019   1.00 0.00 ? 90  CYS A CA 1 
ATOM 68  C CA . LYS A 1 68  ? -38.312 7.030   85.963   1.00 0.00 ? 91  LYS A CA 1 
ATOM 69  C CA . GLU A 1 69  ? -34.522 7.230   86.266   1.00 0.00 ? 92  GLU A CA 1 
ATOM 70  C CA . SER A 1 70  ? -34.356 8.997   82.867   1.00 0.00 ? 93  SER A CA 1 
ATOM 71  C CA . GLY A 1 71  ? -33.799 12.568  81.899   1.00 0.00 ? 94  GLY A CA 1 
ATOM 72  C CA . ASP A 1 72  ? -36.514 14.652  80.314   1.00 0.00 ? 95  ASP A CA 1 
ATOM 73  C CA . LEU A 1 73  ? -36.913 17.693  78.100   1.00 0.00 ? 96  LEU A CA 1 
ATOM 74  C CA . ARG A 1 74  ? -37.897 21.192  79.154   1.00 0.00 ? 97  ARG A CA 1 
ATOM 75  C CA . LYS A 1 75  ? -41.489 20.028  78.392   1.00 0.00 ? 98  LYS A CA 1 
ATOM 76  C CA . HIS A 1 76  ? -41.152 16.990  80.628   1.00 0.00 ? 99  HIS A CA 1 
ATOM 77  C CA . GLN A 1 77  ? -40.631 14.625  77.822   1.00 0.00 ? 100 GLN A CA 1 
ATOM 78  C CA . CYS A 1 78  ? -38.674 11.552  78.140   1.00 0.00 ? 101 CYS A CA 1 
ATOM 79  C CA . GLN A 1 79  ? -38.986 11.268  74.346   1.00 0.00 ? 102 GLN A CA 1 
ATOM 80  C CA . SER A 1 80  ? -42.798 11.319  74.142   1.00 0.00 ? 103 SER A CA 1 
ATOM 81  C CA . PHE A 1 81  ? -45.908 9.777   75.651   1.00 0.00 ? 104 PHE A CA 1 
ATOM 82  C CA . CYS A 1 82  ? -45.212 11.119  79.122   1.00 0.00 ? 105 CYS A CA 1 
ATOM 83  C CA . GLU A 1 83  ? -44.947 8.642   81.970   1.00 0.00 ? 106 GLU A CA 1 
ATOM 84  C CA . PRO A 1 84  ? -42.036 6.225   82.095   1.00 0.00 ? 107 PRO A CA 1 
ATOM 85  C CA . LEU A 1 85  ? -41.404 5.680   78.339   1.00 0.00 ? 108 LEU A CA 1 
ATOM 86  C CA . PHE A 1 86  ? -37.802 5.481   77.185   1.00 0.00 ? 109 PHE A CA 1 
ATOM 87  C CA . PRO A 1 87  ? -34.306 6.159   78.554   1.00 0.00 ? 110 PRO A CA 1 
ATOM 88  C CA . LYS A 1 88  ? -33.523 9.081   80.765   1.00 0.00 ? 111 LYS A CA 1 
ATOM 89  C CA . LYS A 1 89  ? -34.736 11.136  77.698   1.00 0.00 ? 112 LYS A CA 1 
ATOM 90  C CA . SER A 1 90  ? -33.231 8.350   75.782   1.00 0.00 ? 113 SER A CA 1 
ATOM 91  C CA . TYR A 1 91  ? -31.918 6.058   78.564   1.00 0.00 ? 114 TYR A CA 1 
ATOM 92  C CA . GLU A 1 92  ? -28.402 7.101   77.479   1.00 0.00 ? 115 GLU A CA 1 
ATOM 93  C CA . CYS A 1 93  ? -28.999 10.795  77.761   1.00 0.00 ? 116 CYS A CA 1 
ATOM 94  C CA . LEU A 1 94  ? -27.554 12.177  80.983   1.00 0.00 ? 117 LEU A CA 1 
ATOM 95  C CA . THR A 1 95  ? -28.660 15.480  82.423   1.00 0.00 ? 118 THR A CA 1 
ATOM 96  C CA . SER A 1 96  ? -31.258 16.363  79.865   1.00 0.00 ? 119 SER A CA 1 
ATOM 97  C CA . CYS A 1 97  ? -32.021 16.536  76.152   1.00 0.00 ? 120 CYS A CA 1 
ATOM 98  C CA . GLU A 1 98  ? -34.060 19.700  75.199   1.00 0.00 ? 121 GLU A CA 1 
ATOM 99  C CA . PHE A 1 99  ? -32.037 21.176  72.474   1.00 0.00 ? 122 PHE A CA 1 
ATOM 100 C CA . LEU A 1 100 ? -35.014 20.853  69.757   1.00 0.00 ? 123 LEU A CA 1 
ATOM 101 C CA . LYS A 1 101 ? -33.363 22.128  66.312   1.00 0.00 ? 124 LYS A CA 1 
ATOM 102 C CA . TYR A 1 102 ? -31.576 20.427  64.199   1.00 0.00 ? 125 TYR A CA 1 
ATOM 103 C CA . ILE A 1 103 ? -30.297 16.547  64.342   1.00 0.00 ? 126 ILE A CA 1 
ATOM 104 C CA . LEU A 1 104 ? -28.286 15.898  61.073   1.00 0.00 ? 127 LEU A CA 1 
ATOM 105 C CA . LEU A 1 105 ? -29.717 14.113  58.070   1.00 0.00 ? 128 LEU A CA 1 
ATOM 106 C CA . VAL A 1 106 ? -26.770 14.555  55.575   1.00 0.00 ? 129 VAL A CA 1 
ATOM 107 C CA . LYS A 1 107 ? -23.579 13.987  57.853   1.00 0.00 ? 130 LYS A CA 1 
ATOM 108 C CA . GLN A 1 108 ? -23.995 10.215  58.612   1.00 0.00 ? 131 GLN A CA 1 
ATOM 109 C CA . GLY A 1 109 ? -24.871 8.314   55.445   1.00 0.00 ? 132 GLY A CA 1 
ATOM 110 C CA . ASP A 1 110 ? -24.006 7.934   51.792   1.00 0.00 ? 133 ASP A CA 1 
ATOM 111 C CA . CYS A 1 111 ? -25.342 9.588   48.729   1.00 0.00 ? 134 CYS A CA 1 
ATOM 112 C CA . PRO A 1 112 ? -26.951 7.484   45.997   1.00 0.00 ? 135 PRO A CA 1 
ATOM 113 C CA . ALA A 1 113 ? -25.082 7.017   42.715   1.00 0.00 ? 136 ALA A CA 1 
ATOM 114 C CA . PRO A 1 114 ? -26.934 8.663   39.839   1.00 0.00 ? 137 PRO A CA 1 
ATOM 115 C CA . GLU A 1 115 ? -25.793 7.311   36.458   1.00 0.00 ? 138 GLU A CA 1 
ATOM 116 C CA . LYS A 1 116 ? -27.533 9.828   34.111   1.00 0.00 ? 139 LYS A CA 1 
ATOM 117 C CA . ALA A 1 117 ? -26.438 13.396  33.465   1.00 0.00 ? 140 ALA A CA 1 
ATOM 118 C CA . SER A 1 118 ? -28.528 16.138  31.761   1.00 0.00 ? 141 SER A CA 1 
ATOM 119 C CA . GLY A 1 119 ? -26.318 16.902  28.579   1.00 0.00 ? 142 GLY A CA 1 
ATOM 120 C CA . PHE A 1 120 ? -22.555 17.915  28.443   1.00 0.00 ? 143 PHE A CA 1 
ATOM 121 C CA . ALA A 1 121 ? -22.421 21.859  28.122   1.00 0.00 ? 144 ALA A CA 1 
ATOM 122 C CA . ALA A 1 122 ? -25.400 22.422  30.563   1.00 0.00 ? 145 ALA A CA 1 
ATOM 123 C CA . ALA A 1 123 ? -23.994 24.262  33.665   1.00 0.00 ? 146 ALA A CA 1 
ATOM 124 C CA . CYS A 1 124 ? -26.694 22.687  35.886   1.00 0.00 ? 147 CYS A CA 1 
ATOM 125 C CA . VAL A 1 125 ? -28.381 24.646  38.689   1.00 0.00 ? 148 VAL A CA 1 
ATOM 126 C CA . GLU A 1 126 ? -27.608 23.501  42.240   1.00 0.00 ? 149 GLU A CA 1 
ATOM 127 C CA . SER A 1 127 ? -30.427 23.157  44.748   1.00 0.00 ? 150 SER A CA 1 
ATOM 128 C CA . CYS A 1 128 ? -28.074 22.761  47.746   1.00 0.00 ? 151 CYS A CA 1 
ATOM 129 C CA . GLU A 1 129 ? -24.339 22.838  48.545   1.00 0.00 ? 152 GLU A CA 1 
ATOM 130 C CA . VAL A 1 130 ? -24.213 21.298  51.958   1.00 0.00 ? 153 VAL A CA 1 
ATOM 131 C CA . ASP A 1 131 ? -26.151 18.447  53.460   1.00 0.00 ? 154 ASP A CA 1 
ATOM 132 C CA . ASN A 1 132 ? -27.299 21.261  55.791   1.00 0.00 ? 155 ASN A CA 1 
ATOM 133 C CA . GLU A 1 133 ? -29.244 22.849  52.884   1.00 0.00 ? 156 GLU A CA 1 
ATOM 134 C CA . CYS A 1 134 ? -31.378 19.704  53.166   1.00 0.00 ? 157 CYS A CA 1 
ATOM 135 C CA . SER A 1 135 ? -34.067 18.909  55.684   1.00 0.00 ? 158 SER A CA 1 
ATOM 136 C CA . GLY A 1 136 ? -33.920 15.881  58.002   1.00 0.00 ? 159 GLY A CA 1 
ATOM 137 C CA . VAL A 1 137 ? -31.671 13.197  56.530   1.00 0.00 ? 160 VAL A CA 1 
ATOM 138 C CA . LYS A 1 138 ? -30.209 15.983  54.691   1.00 0.00 ? 161 LYS A CA 1 
ATOM 139 C CA . LYS A 1 139 ? -27.928 14.784  52.028   1.00 0.00 ? 162 LYS A CA 1 
ATOM 140 C CA . CYS A 1 140 ? -26.732 17.318  49.456   1.00 0.00 ? 163 CYS A CA 1 
ATOM 141 C CA . CYS A 1 141 ? -25.672 15.045  46.600   1.00 0.00 ? 164 CYS A CA 1 
ATOM 142 C CA . SER A 1 142 ? -24.955 15.038  42.871   1.00 0.00 ? 165 SER A CA 1 
ATOM 143 C CA . ASN A 1 143 ? -28.253 14.417  41.093   1.00 0.00 ? 166 ASN A CA 1 
ATOM 144 C CA . GLY A 1 144 ? -29.208 13.870  37.448   1.00 0.00 ? 167 GLY A CA 1 
ATOM 145 C CA . CYS A 1 145 ? -28.997 17.661  36.674   1.00 0.00 ? 168 CYS A CA 1 
ATOM 146 C CA . GLY A 1 146 ? -27.188 19.476  39.514   1.00 0.00 ? 169 GLY A CA 1 
ATOM 147 C CA . HIS A 1 147 ? -27.060 19.051  43.293   1.00 0.00 ? 170 HIS A CA 1 
ATOM 148 C CA . THR A 1 148 ? -30.167 18.058  45.170   1.00 0.00 ? 171 THR A CA 1 
ATOM 149 C CA . CYS A 1 149 ? -31.243 16.630  48.535   1.00 0.00 ? 172 CYS A CA 1 
ATOM 150 C CA . GLN A 1 150 ? -31.335 12.825  48.729   1.00 0.00 ? 173 GLN A CA 1 
ATOM 151 C CA . VAL A 1 151 ? -32.252 10.330  51.391   1.00 0.00 ? 174 VAL A CA 1 
ATOM 152 C CA . PRO A 1 152 ? -28.867 8.620   52.235   1.00 0.00 ? 175 PRO A CA 1 
ATOM 153 C CA . LYS A 1 153 ? -27.814 4.971   52.269   1.00 0.00 ? 176 LYS A CA 1 
ATOM 154 C CA . THR A 1 154 ? -23.994 5.366   52.590   1.00 0.00 ? 177 THR A CA 1 
ATOM 155 C CA . LEU A 1 155 ? -22.881 8.608   54.489   1.00 0.00 ? 178 LEU A CA 1 
ATOM 156 C CA . TYR A 1 156 ? -18.989 8.956   53.619   1.00 0.00 ? 179 TYR A CA 1 
ATOM 157 C CA . LYS A 1 157 ? -18.198 7.293   50.130   1.00 0.00 ? 180 LYS A CA 1 
ATOM 158 C CA . GLY A 1 158 ? -14.190 7.211   50.208   1.00 0.00 ? 181 GLY A CA 1 
ATOM 159 C CA . VAL A 1 159 ? -10.884 8.315   51.419   1.00 0.00 ? 182 VAL A CA 1 
ATOM 160 C CA . PRO A 1 160 ? -9.760  4.752   50.503   1.00 0.00 ? 183 PRO A CA 1 
ATOM 161 C CA . LEU A 1 161 ? -6.777  3.479   52.547   1.00 0.00 ? 184 LEU A CA 1 
ATOM 162 C CA . LYS A 1 162 ? -6.614  0.382   50.150   1.00 0.00 ? 185 LYS A CA 1 
ATOM 163 C CA . PRO A 1 163 ? -3.890  -0.046  47.330   1.00 0.00 ? 186 PRO A CA 1 
ATOM 164 C CA . ARG A 1 164 ? -5.209  -2.615  44.693   1.00 0.00 ? 187 ARG A CA 1 
ATOM 165 C CA . LYS A 1 165 ? -1.833  -2.262  42.639   1.00 0.00 ? 188 LYS A CA 1 
ATOM 166 C CA . GLU A 1 166 ? 0.152   0.561   41.038   1.00 0.00 ? 189 GLU A CA 1 
ATOM 167 C CA . LEU A 1 167 ? 2.943   0.062   38.513   1.00 0.00 ? 190 LEU A CA 1 
ATOM 168 C CA . ARG A 1 168 ? 5.433   2.795   37.742   1.00 0.00 ? 191 ARG A CA 1 
ATOM 169 C CA . PHE A 1 169 ? 8.606   3.508   35.838   1.00 0.00 ? 192 PHE A CA 1 
ATOM 170 C CA . THR A 1 170 ? 11.087  4.605   38.560   1.00 0.00 ? 193 THR A CA 1 
ATOM 171 C CA . GLU A 1 171 ? 14.224  5.023   36.417   1.00 0.00 ? 194 GLU A CA 1 
ATOM 172 C CA . LEU A 1 172 ? 14.640  5.189   32.627   1.00 0.00 ? 195 LEU A CA 1 
ATOM 173 C CA . GLN A 1 173 ? 16.859  5.842   29.619   1.00 0.00 ? 196 GLN A CA 1 
ATOM 174 C CA . SER A 1 174 ? 15.980  5.953   25.917   1.00 0.00 ? 197 SER A CA 1 
ATOM 175 C CA . GLY A 1 175 ? 16.618  2.180   25.686   1.00 0.00 ? 198 GLY A CA 1 
ATOM 176 C CA . GLN A 1 176 ? 15.869  0.648   29.119   1.00 0.00 ? 199 GLN A CA 1 
ATOM 177 C CA . LEU A 1 177 ? 13.761  1.186   32.206   1.00 0.00 ? 200 LEU A CA 1 
ATOM 178 C CA . GLU A 1 178 ? 13.262  0.036   35.764   1.00 0.00 ? 201 GLU A CA 1 
ATOM 179 C CA . VAL A 1 179 ? 9.658   -0.796  36.728   1.00 0.00 ? 202 VAL A CA 1 
ATOM 180 C CA . LYS A 1 180 ? 8.320   -1.212  40.279   1.00 0.00 ? 203 LYS A CA 1 
ATOM 181 C CA . TRP A 1 181 ? 4.917   -2.538  41.416   1.00 0.00 ? 204 TRP A CA 1 
ATOM 182 C CA . SER A 1 182 ? 3.048   -3.412  44.613   1.00 0.00 ? 205 SER A CA 1 
ATOM 183 C CA . SER A 1 183 ? 1.299   -7.207  44.623   1.00 0.00 ? 206 SER A CA 1 
ATOM 184 C CA . LYS A 1 184 ? -2.336  -6.812  45.697   1.00 0.00 ? 207 LYS A CA 1 
ATOM 185 C CA . PHE A 1 185 ? -3.178  -10.118 47.400   1.00 0.00 ? 208 PHE A CA 1 
ATOM 186 C CA . ASN A 1 186 ? -2.452  -13.769 46.610   1.00 0.00 ? 209 ASN A CA 1 
ATOM 187 C CA . ILE A 1 187 ? -5.960  -15.061 47.442   1.00 0.00 ? 210 ILE A CA 1 
ATOM 188 C CA . SER A 1 188 ? -4.469  -17.707 49.784   1.00 0.00 ? 211 SER A CA 1 
ATOM 189 C CA . ILE A 1 189 ? -2.036  -19.417 47.413   1.00 0.00 ? 212 ILE A CA 1 
ATOM 190 C CA . GLU A 1 190 ? 1.478   -17.837 47.612   1.00 0.00 ? 213 GLU A CA 1 
ATOM 191 C CA . PRO A 1 191 ? 2.678   -15.907 44.583   1.00 0.00 ? 214 PRO A CA 1 
ATOM 192 C CA . VAL A 1 192 ? 5.369   -17.992 42.874   1.00 0.00 ? 215 VAL A CA 1 
ATOM 193 C CA . ILE A 1 193 ? 6.359   -15.585 39.883   1.00 0.00 ? 216 ILE A CA 1 
ATOM 194 C CA . TYR A 1 194 ? 5.282   -12.597 37.854   1.00 0.00 ? 217 TYR A CA 1 
ATOM 195 C CA . VAL A 1 195 ? 4.919   -12.473 34.108   1.00 0.00 ? 218 VAL A CA 1 
ATOM 196 C CA . VAL A 1 196 ? 6.067   -9.109  32.660   1.00 0.00 ? 219 VAL A CA 1 
ATOM 197 C CA . GLN A 1 197 ? 4.724   -8.529  29.087   1.00 0.00 ? 220 GLN A CA 1 
ATOM 198 C CA . ARG A 1 198 ? 5.606   -5.544  26.860   1.00 0.00 ? 221 ARG A CA 1 
ATOM 199 C CA . ARG A 1 199 ? 5.070   -4.403  23.289   1.00 0.00 ? 222 ARG A CA 1 
ATOM 200 C CA . TRP A 1 200 ? 5.049   -1.380  21.029   1.00 0.00 ? 223 TRP A CA 1 
ATOM 201 C CA . ASN A 1 201 ? 1.447   0.427   21.601   1.00 0.00 ? 224 ASN A CA 1 
ATOM 202 C CA . TYR A 1 202 ? -1.952  0.356   19.536   1.00 0.00 ? 225 TYR A CA 1 
ATOM 203 C CA . GLY A 1 203 ? -0.778  -2.792  17.732   1.00 0.00 ? 226 GLY A CA 1 
ATOM 204 C CA . ILE A 1 204 ? 2.227   -2.203  15.473   1.00 0.00 ? 227 ILE A CA 1 
ATOM 205 C CA . HIS A 1 205 ? 5.403   -3.983  14.253   1.00 0.00 ? 228 HIS A CA 1 
ATOM 206 C CA . PRO A 1 206 ? 7.637   -3.837  17.348   1.00 0.00 ? 229 PRO A CA 1 
ATOM 207 C CA . SER A 1 207 ? 9.491   -6.389  19.547   1.00 0.00 ? 230 SER A CA 1 
ATOM 208 C CA . GLU A 1 208 ? 6.594   -7.910  21.744   1.00 0.00 ? 231 GLU A CA 1 
ATOM 209 C CA . ASP A 1 209 ? 7.766   -9.871  24.650   1.00 0.00 ? 232 ASP A CA 1 
ATOM 210 C CA . ASP A 1 210 ? 7.561   -11.686 27.959   1.00 0.00 ? 233 ASP A CA 1 
ATOM 211 C CA . ALA A 1 211 ? 9.959   -12.517 30.788   1.00 0.00 ? 234 ALA A CA 1 
ATOM 212 C CA . THR A 1 212 ? 9.502   -13.854 34.354   1.00 0.00 ? 235 THR A CA 1 
ATOM 213 C CA . HIS A 1 213 ? 10.441  -12.193 37.655   1.00 0.00 ? 236 HIS A CA 1 
ATOM 214 C CA . TRP A 1 214 ? 10.723  -14.286 40.860   1.00 0.00 ? 237 TRP A CA 1 
ATOM 215 C CA . GLN A 1 215 ? 9.395   -14.239 44.286   1.00 0.00 ? 238 GLN A CA 1 
ATOM 216 C CA . THR A 1 216 ? 12.356  -13.657 46.622   1.00 0.00 ? 239 THR A CA 1 
ATOM 217 C CA . VAL A 1 217 ? 13.264  -15.169 50.039   1.00 0.00 ? 240 VAL A CA 1 
ATOM 218 C CA . ALA A 1 218 ? 10.448  -13.418 51.917   1.00 0.00 ? 241 ALA A CA 1 
ATOM 219 C CA . GLN A 1 219 ? 7.046   -15.027 51.331   1.00 0.00 ? 242 GLN A CA 1 
ATOM 220 C CA . THR A 1 220 ? 4.933   -13.087 48.797   1.00 0.00 ? 243 THR A CA 1 
ATOM 221 C CA . THR A 1 221 ? 7.497   -10.589 47.608   1.00 0.00 ? 244 THR A CA 1 
ATOM 222 C CA . ASP A 1 222 ? 8.821   -9.914  44.136   1.00 0.00 ? 245 ASP A CA 1 
ATOM 223 C CA . GLU A 1 223 ? 10.423  -6.651  43.303   1.00 0.00 ? 246 GLU A CA 1 
ATOM 224 C CA . ARG A 1 224 ? 11.238  -4.395  40.486   1.00 0.00 ? 247 ARG A CA 1 
ATOM 225 C CA . VAL A 1 225 ? 12.609  -5.433  37.100   1.00 0.00 ? 248 VAL A CA 1 
ATOM 226 C CA . GLN A 1 226 ? 14.769  -3.961  34.360   1.00 0.00 ? 249 GLN A CA 1 
ATOM 227 C CA . LEU A 1 227 ? 13.458  -3.934  30.777   1.00 0.00 ? 250 LEU A CA 1 
ATOM 228 C CA . THR A 1 228 ? 16.204  -3.525  28.096   1.00 0.00 ? 251 THR A CA 1 
ATOM 229 C CA . ASP A 1 229 ? 16.503  -3.544  24.289   1.00 0.00 ? 252 ASP A CA 1 
ATOM 230 C CA . ILE A 1 230 ? 13.963  -0.739  23.805   1.00 0.00 ? 253 ILE A CA 1 
ATOM 231 C CA . ARG A 1 231 ? 13.826  1.863   21.032   1.00 0.00 ? 254 ARG A CA 1 
ATOM 232 C CA . PRO A 1 232 ? 14.057  5.575   21.870   1.00 0.00 ? 255 PRO A CA 1 
ATOM 233 C CA . SER A 1 233 ? 10.888  7.671   21.612   1.00 0.00 ? 256 SER A CA 1 
ATOM 234 C CA . ARG A 1 234 ? 8.455   4.788   21.407   1.00 0.00 ? 257 ARG A CA 1 
ATOM 235 C CA . TRP A 1 235 ? 5.260   4.136   23.404   1.00 0.00 ? 258 TRP A CA 1 
ATOM 236 C CA . TYR A 1 236 ? 5.259   0.698   25.129   1.00 0.00 ? 259 TYR A CA 1 
ATOM 237 C CA . GLN A 1 237 ? 2.336   -1.077  26.876   1.00 0.00 ? 260 GLN A CA 1 
ATOM 238 C CA . PHE A 1 238 ? 3.714   -2.909  29.949   1.00 0.00 ? 261 PHE A CA 1 
ATOM 239 C CA . ARG A 1 239 ? 1.704   -5.393  31.992   1.00 0.00 ? 262 ARG A CA 1 
ATOM 240 C CA . VAL A 1 240 ? 2.418   -7.423  35.122   1.00 0.00 ? 263 VAL A CA 1 
ATOM 241 C CA . ALA A 1 241 ? 0.519   -10.628 35.969   1.00 0.00 ? 264 ALA A CA 1 
ATOM 242 C CA . ALA A 1 242 ? 0.975   -12.511 39.304   1.00 0.00 ? 265 ALA A CA 1 
ATOM 243 C CA . VAL A 1 243 ? 0.935   -16.364 39.143   1.00 0.00 ? 266 VAL A CA 1 
ATOM 244 C CA . ASN A 1 244 ? 0.310   -18.170 42.493   1.00 0.00 ? 267 ASN A CA 1 
ATOM 245 C CA . VAL A 1 245 ? 1.157   -21.805 43.157   1.00 0.00 ? 268 VAL A CA 1 
ATOM 246 C CA . HIS A 1 246 ? -2.517  -22.495 43.931   1.00 0.00 ? 269 HIS A CA 1 
ATOM 247 C CA . GLY A 1 247 ? -3.990  -22.691 40.336   1.00 0.00 ? 270 GLY A CA 1 
ATOM 248 C CA . THR A 1 248 ? -3.314  -20.958 36.971   1.00 0.00 ? 271 THR A CA 1 
ATOM 249 C CA . ARG A 1 249 ? -6.051  -19.152 35.035   1.00 0.00 ? 272 ARG A CA 1 
ATOM 250 C CA . GLY A 1 250 ? -7.300  -15.559 35.488   1.00 0.00 ? 273 GLY A CA 1 
ATOM 251 C CA . PHE A 1 251 ? -7.775  -16.851 39.061   1.00 0.00 ? 274 PHE A CA 1 
ATOM 252 C CA . THR A 1 252 ? -4.381  -15.537 40.245   1.00 0.00 ? 275 THR A CA 1 
ATOM 253 C CA . ALA A 1 253 ? -4.290  -11.681 40.392   1.00 0.00 ? 276 ALA A CA 1 
ATOM 254 C CA . PRO A 1 254 ? -5.703  -8.841  38.184   1.00 0.00 ? 277 PRO A CA 1 
ATOM 255 C CA . SER A 1 255 ? -3.198  -7.525  35.639   1.00 0.00 ? 278 SER A CA 1 
ATOM 256 C CA . LYS A 1 256 ? -1.685  -4.105  36.202   1.00 0.00 ? 279 LYS A CA 1 
ATOM 257 C CA . HIS A 1 257 ? -0.734  -2.107  33.109   1.00 0.00 ? 280 HIS A CA 1 
ATOM 258 C CA . PHE A 1 258 ? 0.791   1.147   31.991   1.00 0.00 ? 281 PHE A CA 1 
ATOM 259 C CA . ARG A 1 259 ? 1.743   2.963   28.810   1.00 0.00 ? 282 ARG A CA 1 
ATOM 260 C CA . SER A 1 260 ? 5.166   4.589   28.862   1.00 0.00 ? 283 SER A CA 1 
ATOM 261 C CA . SER A 1 261 ? 7.067   6.417   26.125   1.00 0.00 ? 284 SER A CA 1 
ATOM 262 C CA . LYS A 1 262 ? 7.989   9.831   26.559   1.00 0.00 ? 285 LYS A CA 1 
ATOM 263 C CA . ASP A 1 263 ? 5.014   11.848  25.276   1.00 0.00 ? 286 ASP A CA 1 
ATOM 264 C CA . PRO A 1 264 ? 2.226   9.025   25.655   1.00 0.00 ? 287 PRO A CA 1 
ATOM 265 C CA . SER A 1 265 ? 1.880   6.599   22.674   1.00 0.00 ? 288 SER A CA 1 
ATOM 266 C CA . ALA A 1 266 ? -0.865  6.443   21.030   1.00 0.00 ? 289 ALA A CA 1 
ATOM 267 C CA . PRO A 1 267 ? -4.054  7.749   22.739   1.00 0.00 ? 290 PRO A CA 1 
ATOM 268 C CA . PRO A 1 268 ? -2.777  11.437  22.309   1.00 0.00 ? 291 PRO A CA 1 
ATOM 269 C CA . ALA A 1 269 ? -2.104  12.192  18.548   1.00 0.00 ? 292 ALA A CA 1 
ATOM 270 C CA . PRO A 1 270 ? -0.558  15.680  17.536   1.00 0.00 ? 293 PRO A CA 1 
ATOM 271 C CA . ALA A 1 271 ? -0.344  14.288  13.898   1.00 0.00 ? 294 ALA A CA 1 
ATOM 272 C CA . ASN A 1 272 ? 0.669   13.643  10.374   1.00 0.00 ? 295 ASN A CA 1 
ATOM 273 C CA . LEU A 1 273 ? -0.916  11.394  7.755    1.00 0.00 ? 296 LEU A CA 1 
ATOM 274 C CA . ARG A 1 274 ? 0.992   10.255  4.703    1.00 0.00 ? 297 ARG A CA 1 
ATOM 275 C CA . LEU A 1 275 ? 0.769   7.978   1.709    1.00 0.00 ? 298 LEU A CA 1 
ATOM 276 C CA . ALA A 1 276 ? 3.750   5.592   2.143    1.00 0.00 ? 299 ALA A CA 1 
ATOM 277 C CA . ASN A 1 277 ? 3.149   3.286   -0.844   1.00 0.00 ? 300 ASN A CA 1 
ATOM 278 C CA . SER A 1 278 ? 0.857   3.687   -3.871   1.00 0.00 ? 301 SER A CA 1 
ATOM 279 C CA . THR A 1 279 ? 0.255   1.434   -6.982   1.00 0.00 ? 302 THR A CA 1 
ATOM 280 C CA . VAL A 1 280 ? -2.130  0.711   -9.850   1.00 0.00 ? 303 VAL A CA 1 
ATOM 281 C CA . ASN A 1 281 ? -4.151  -2.441  -9.864   1.00 0.00 ? 304 ASN A CA 1 
ATOM 282 C CA . SER A 1 282 ? -5.021  -4.384  -13.115  1.00 0.00 ? 305 SER A CA 1 
ATOM 283 C CA . ASP A 1 283 ? -7.981  -2.016  -13.697  1.00 0.00 ? 306 ASP A CA 1 
ATOM 284 C CA . GLY A 1 284 ? -5.639  0.973   -13.680  1.00 0.00 ? 307 GLY A CA 1 
ATOM 285 C CA . SER A 1 285 ? -7.073  2.152   -10.319  1.00 0.00 ? 308 SER A CA 1 
ATOM 286 C CA . VAL A 1 286 ? -4.632  3.600   -7.695   1.00 0.00 ? 309 VAL A CA 1 
ATOM 287 C CA . THR A 1 287 ? -4.607  1.592   -4.326   1.00 0.00 ? 310 THR A CA 1 
ATOM 288 C CA . VAL A 1 288 ? -2.518  3.124   -1.574   1.00 0.00 ? 311 VAL A CA 1 
ATOM 289 C CA . THR A 1 289 ? -1.120  2.487   1.870    1.00 0.00 ? 312 THR A CA 1 
ATOM 290 C CA . ILE A 1 290 ? -1.668  5.294   4.406    1.00 0.00 ? 313 ILE A CA 1 
ATOM 291 C CA . VAL A 1 291 ? 0.137   5.690   7.746    1.00 0.00 ? 314 VAL A CA 1 
ATOM 292 C CA . TRP A 1 292 ? -0.631  8.102   10.614   1.00 0.00 ? 315 TRP A CA 1 
ATOM 293 C CA . ASP A 1 293 ? 0.521   8.885   14.153   1.00 0.00 ? 316 ASP A CA 1 
ATOM 294 C CA . LEU A 1 294 ? -2.555  9.109   16.975   1.00 0.00 ? 317 LEU A CA 1 
ATOM 295 C CA . PRO A 1 295 ? -2.128  12.365  18.905   1.00 0.00 ? 318 PRO A CA 1 
ATOM 296 C CA . GLU A 1 296 ? -3.593  11.616  22.346   1.00 0.00 ? 319 GLU A CA 1 
ATOM 297 C CA . GLU A 1 297 ? -6.697  9.786   23.567   1.00 0.00 ? 320 GLU A CA 1 
ATOM 298 C CA . PRO A 1 298 ? -7.657  12.363  26.233   1.00 0.00 ? 321 PRO A CA 1 
ATOM 299 C CA . ASP A 1 299 ? -7.849  9.602   28.885   1.00 0.00 ? 322 ASP A CA 1 
ATOM 300 C CA . ILE A 1 300 ? -10.285 7.213   27.202   1.00 0.00 ? 323 ILE A CA 1 
ATOM 301 C CA . PRO A 1 301 ? -8.436  4.538   25.128   1.00 0.00 ? 324 PRO A CA 1 
ATOM 302 C CA . VAL A 1 302 ? -8.802  4.715   21.362   1.00 0.00 ? 325 VAL A CA 1 
ATOM 303 C CA . HIS A 1 303 ? -11.042 1.830   20.280   1.00 0.00 ? 326 HIS A CA 1 
ATOM 304 C CA . HIS A 1 304 ? -11.063 2.364   16.352   1.00 0.00 ? 327 HIS A CA 1 
ATOM 305 C CA . TYR A 1 305 ? -10.348 4.814   13.578   1.00 0.00 ? 328 TYR A CA 1 
ATOM 306 C CA . LYS A 1 306 ? -12.733 5.925   10.922   1.00 0.00 ? 329 LYS A CA 1 
ATOM 307 C CA . VAL A 1 307 ? -11.065 6.361   7.515    1.00 0.00 ? 330 VAL A CA 1 
ATOM 308 C CA . PHE A 1 308 ? -13.153 8.445   5.019    1.00 0.00 ? 331 PHE A CA 1 
ATOM 309 C CA . TRP A 1 309 ? -12.271 9.154   1.405    1.00 0.00 ? 332 TRP A CA 1 
ATOM 310 C CA . SER A 1 310 ? -13.839 10.728  -1.613   1.00 0.00 ? 333 SER A CA 1 
ATOM 311 C CA . TRP A 1 311 ? -13.134 12.342  -4.999   1.00 0.00 ? 334 TRP A CA 1 
ATOM 312 C CA . MET A 1 312 ? -12.091 16.033  -4.580   1.00 0.00 ? 335 MET A CA 1 
ATOM 313 C CA . VAL A 1 313 ? -14.056 19.251  -4.632   1.00 0.00 ? 336 VAL A CA 1 
ATOM 314 C CA . SER A 1 314 ? -17.488 17.530  -4.339   1.00 0.00 ? 337 SER A CA 1 
ATOM 315 C CA . SER A 1 315 ? -17.808 15.898  -7.822   1.00 0.00 ? 338 SER A CA 1 
ATOM 316 C CA . LYS A 1 316 ? -19.205 12.513  -8.852   1.00 0.00 ? 339 LYS A CA 1 
ATOM 317 C CA . SER A 1 317 ? -17.246 9.485   -7.641   1.00 0.00 ? 340 SER A CA 1 
ATOM 318 C CA . LEU A 1 318 ? -17.143 6.793   -4.928   1.00 0.00 ? 341 LEU A CA 1 
ATOM 319 C CA . VAL A 1 319 ? -16.794 8.074   -1.423   1.00 0.00 ? 342 VAL A CA 1 
ATOM 320 C CA . PRO A 1 320 ? -16.661 6.125   1.435    1.00 0.00 ? 343 PRO A CA 1 
ATOM 321 C CA . THR A 1 321 ? -15.813 4.912   4.934    1.00 0.00 ? 344 THR A CA 1 
ATOM 322 C CA . LYS A 1 322 ? -14.181 1.915   6.595    1.00 0.00 ? 345 LYS A CA 1 
ATOM 323 C CA . LYS A 1 323 ? -12.908 1.172   10.137   1.00 0.00 ? 346 LYS A CA 1 
ATOM 324 C CA . LYS A 1 324 ? -9.372  0.287   11.257   1.00 0.00 ? 347 LYS A CA 1 
ATOM 325 C CA . ARG A 1 325 ? -8.779  -1.335  14.685   1.00 0.00 ? 348 ARG A CA 1 
ATOM 326 C CA . ARG A 1 326 ? -6.932  -0.939  18.087   1.00 0.00 ? 349 ARG A CA 1 
ATOM 327 C CA . LYS A 1 327 ? -4.199  -3.600  17.957   1.00 0.00 ? 350 LYS A CA 1 
ATOM 328 C CA . THR A 1 328 ? -3.046  -5.747  20.933   1.00 0.00 ? 351 THR A CA 1 
ATOM 329 C CA . THR A 1 329 ? -0.958  -2.907  22.382   1.00 0.00 ? 352 THR A CA 1 
ATOM 330 C CA . ASP A 1 330 ? -3.061  -0.270  24.153   1.00 0.00 ? 353 ASP A CA 1 
ATOM 331 C CA . GLY A 1 331 ? -3.608  2.847   22.002   1.00 0.00 ? 354 GLY A CA 1 
ATOM 332 C CA . PHE A 1 332 ? -2.137  1.639   18.745   1.00 0.00 ? 355 PHE A CA 1 
ATOM 333 C CA . GLN A 1 333 ? -3.722  1.314   15.296   1.00 0.00 ? 356 GLN A CA 1 
ATOM 334 C CA . ASN A 1 334 ? -1.537  1.252   12.140   1.00 0.00 ? 357 ASN A CA 1 
ATOM 335 C CA . SER A 1 335 ? -1.669  1.884   8.665    1.00 0.00 ? 358 SER A CA 1 
ATOM 336 C CA . VAL A 1 336 ? -4.391  0.825   6.191    1.00 0.00 ? 359 VAL A CA 1 
ATOM 337 C CA . ILE A 1 337 ? -4.760  -0.065  2.542    1.00 0.00 ? 360 ILE A CA 1 
ATOM 338 C CA . LEU A 1 338 ? -7.289  1.823   0.398    1.00 0.00 ? 361 LEU A CA 1 
ATOM 339 C CA . GLU A 1 339 ? -8.310  -0.026  -2.831   1.00 0.00 ? 362 GLU A CA 1 
ATOM 340 C CA . LYS A 1 340 ? -10.769 0.417   -5.720   1.00 0.00 ? 363 LYS A CA 1 
ATOM 341 C CA . LEU A 1 341 ? -9.406  3.841   -6.710   1.00 0.00 ? 364 LEU A CA 1 
ATOM 342 C CA . GLN A 1 342 ? -9.318  5.433   -10.164  1.00 0.00 ? 365 GLN A CA 1 
ATOM 343 C CA . PRO A 1 343 ? -5.987  6.404   -11.745  1.00 0.00 ? 366 PRO A CA 1 
ATOM 344 C CA . ASP A 1 344 ? -5.099  10.102  -11.928  1.00 0.00 ? 367 ASP A CA 1 
ATOM 345 C CA . CYS A 1 345 ? -7.748  11.322  -9.524   1.00 0.00 ? 368 CYS A CA 1 
ATOM 346 C CA . ASP A 1 346 ? -7.424  13.622  -6.489   1.00 0.00 ? 369 ASP A CA 1 
ATOM 347 C CA . TYR A 1 347 ? -8.839  12.055  -3.274   1.00 0.00 ? 370 TYR A CA 1 
ATOM 348 C CA . VAL A 1 348 ? -9.467  13.751  0.114    1.00 0.00 ? 371 VAL A CA 1 
ATOM 349 C CA . VAL A 1 349 ? -8.597  11.246  2.883    1.00 0.00 ? 372 VAL A CA 1 
ATOM 350 C CA . GLU A 1 350 ? -9.412  11.795  6.546    1.00 0.00 ? 373 GLU A CA 1 
ATOM 351 C CA . LEU A 1 351 ? -8.755  9.815   9.720    1.00 0.00 ? 374 LEU A CA 1 
ATOM 352 C CA . GLN A 1 352 ? -10.869 10.231  12.875   1.00 0.00 ? 375 GLN A CA 1 
ATOM 353 C CA . ALA A 1 353 ? -10.010 8.500   16.213   1.00 0.00 ? 376 ALA A CA 1 
ATOM 354 C CA . ILE A 1 354 ? -12.972 7.177   18.298   1.00 0.00 ? 377 ILE A CA 1 
ATOM 355 C CA . THR A 1 355 ? -12.214 6.458   22.008   1.00 0.00 ? 378 THR A CA 1 
ATOM 356 C CA . TYR A 1 356 ? -14.336 4.245   24.240   1.00 0.00 ? 379 TYR A CA 1 
ATOM 357 C CA . TRP A 1 357 ? -14.916 7.203   26.582   1.00 0.00 ? 380 TRP A CA 1 
ATOM 358 C CA . GLY A 1 358 ? -17.644 9.160   24.617   1.00 0.00 ? 381 GLY A CA 1 
ATOM 359 C CA . GLN A 1 359 ? -18.457 9.808   20.915   1.00 0.00 ? 382 GLN A CA 1 
ATOM 360 C CA . THR A 1 360 ? -18.816 13.328  19.506   1.00 0.00 ? 383 THR A CA 1 
ATOM 361 C CA . ARG A 1 361 ? -16.055 15.679  18.268   1.00 0.00 ? 384 ARG A CA 1 
ATOM 362 C CA . LEU A 1 362 ? -14.748 14.968  21.797   1.00 0.00 ? 385 LEU A CA 1 
ATOM 363 C CA . LYS A 1 363 ? -12.471 12.119  20.639   1.00 0.00 ? 386 LYS A CA 1 
ATOM 364 C CA . SER A 1 364 ? -9.506  13.399  18.522   1.00 0.00 ? 387 SER A CA 1 
ATOM 365 C CA . ALA A 1 365 ? -9.071  16.135  15.827   1.00 0.00 ? 388 ALA A CA 1 
ATOM 366 C CA . LYS A 1 366 ? -9.370  14.807  12.275   1.00 0.00 ? 389 LYS A CA 1 
ATOM 367 C CA . VAL A 1 367 ? -6.235  14.554  10.175   1.00 0.00 ? 390 VAL A CA 1 
ATOM 368 C CA . SER A 1 368 ? -6.631  14.995  6.418    1.00 0.00 ? 391 SER A CA 1 
ATOM 369 C CA . LEU A 1 369 ? -4.717  14.991  3.178    1.00 0.00 ? 392 LEU A CA 1 
ATOM 370 C CA . HIS A 1 370 ? -5.306  15.382  -0.540   1.00 0.00 ? 393 HIS A CA 1 
ATOM 371 C CA . PHE A 1 371 ? -3.533  12.836  -2.715   1.00 0.00 ? 394 PHE A CA 1 
ATOM 372 C CA . THR A 1 372 ? -3.673  12.280  -6.473   1.00 0.00 ? 395 THR A CA 1 
ATOM 373 C CA . SER A 1 373 ? 0.212   11.004  -6.877   1.00 0.00 ? 396 SER A CA 1 
ATOM 374 C CA . THR A 1 374 ? 0.121   7.934   -4.740   1.00 0.00 ? 397 THR A CA 1 
ATOM 375 C CA . HIS A 1 375 ? -1.271  5.881   -6.674   1.00 0.00 ? 398 HIS A CA 1 
ATOM 376 C CA . ALA A 1 376 ? -4.034  7.292   -9.200   1.00 0.00 ? 399 ALA A CA 1 
ATOM 377 C CA . THR A 1 377 ? -2.237  9.060   -12.164  1.00 0.00 ? 400 THR A CA 1 
ATOM 378 C CA . ASN A 1 378 ? 1.515   9.986   -12.964  1.00 0.00 ? 401 ASN A CA 1 
ATOM 379 C CA . ASN A 1 379 ? 3.368   6.666   -12.369  1.00 0.00 ? 402 ASN A CA 1 
ATOM 380 C CA . LYS A 1 380 ? 2.702   3.913   -15.153  1.00 0.00 ? 403 LYS A CA 1 
ATOM 381 C CA . GLU A 1 381 ? 5.046   4.380   -18.208  1.00 0.00 ? 404 GLU A CA 1 
ATOM 382 C CA . GLN A 1 382 ? 2.733   3.635   -21.245  1.00 0.00 ? 405 GLN A CA 1 
ATOM 383 C CA . LEU A 1 383 ? 0.277   6.674   -21.214  1.00 0.00 ? 406 LEU A CA 1 
ATOM 384 C CA . VAL A 1 384 ? 2.247   10.054  -20.964  1.00 0.00 ? 407 VAL A CA 1 
ATOM 385 C CA . LYS A 1 385 ? 0.463   13.188  -19.946  1.00 0.00 ? 408 LYS A CA 1 
ATOM 386 C CA . THR A 1 386 ? 0.745   15.012  -16.516  1.00 0.00 ? 409 THR A CA 1 
ATOM 387 C CA . ARG A 1 387 ? 4.566   15.425  -15.748  1.00 0.00 ? 410 ARG A CA 1 
ATOM 388 C CA . LYS A 1 388 ? 6.404   18.406  -17.553  1.00 0.00 ? 411 LYS A CA 1 
ATOM 389 C CA . GLY A 1 389 ? 10.011  18.310  -16.781  1.00 0.00 ? 412 GLY A CA 1 
ATOM 390 C CA . GLY A 1 390 ? 11.209  14.684  -15.501  1.00 0.00 ? 413 GLY A CA 1 
ATOM 391 C CA . ILE A 1 391 ? 9.429   11.885  -17.595  1.00 0.00 ? 414 ILE A CA 1 
ATOM 392 C CA . GLN A 1 392 ? 10.997  8.446   -16.582  1.00 0.00 ? 415 GLN A CA 1 
ATOM 393 C CA . THR A 1 393 ? 13.444  9.969   -13.808  1.00 0.00 ? 416 THR A CA 1 
ATOM 394 C CA . GLN A 1 394 ? 12.299  11.673  -11.229  1.00 0.00 ? 417 GLN A CA 1 
ATOM 395 C CA . LEU A 1 395 ? 9.367   14.003  -10.132  1.00 0.00 ? 418 LEU A CA 1 
ATOM 396 C CA . PRO A 1 396 ? 7.031   13.415  -7.175   1.00 0.00 ? 419 PRO A CA 1 
ATOM 397 C CA . PHE A 1 397 ? 5.939   10.029  -8.258   1.00 0.00 ? 420 PHE A CA 1 
ATOM 398 C CA . GLN A 1 398 ? 6.928   6.410   -6.687   1.00 0.00 ? 421 GLN A CA 1 
ATOM 399 C CA . ARG A 1 399 ? 10.165  4.982   -8.407   1.00 0.00 ? 422 ARG A CA 1 
ATOM 400 C CA . ARG A 1 400 ? 11.629  1.631   -9.889   1.00 0.00 ? 423 ARG A CA 1 
ATOM 401 C CA . ARG A 1 401 ? 14.793  0.035   -8.131   1.00 0.00 ? 424 ARG A CA 1 
ATOM 402 C CA . PRO A 1 402 ? 17.366  -2.181  -10.266  1.00 0.00 ? 425 PRO A CA 1 
ATOM 403 C CA . THR A 1 403 ? 20.428  -3.391  -7.838   1.00 0.00 ? 426 THR A CA 1 
ATOM 404 C CA . ARG A 1 404 ? 21.940  -6.672  -9.318   1.00 0.00 ? 427 ARG A CA 1 
ATOM 405 C CA . PRO A 1 405 ? 25.196  -7.787  -10.935  1.00 0.00 ? 428 PRO A CA 1 
ATOM 406 C CA . LEU A 1 406 ? 25.638  -11.025 -12.870  1.00 0.00 ? 429 LEU A CA 1 
ATOM 407 C CA . GLU A 1 407 ? 29.058  -12.461 -13.579  1.00 0.00 ? 430 GLU A CA 1 
ATOM 408 C CA . VAL A 1 408 ? 30.801  -15.481 -15.008  1.00 0.00 ? 431 VAL A CA 1 
ATOM 409 C CA . GLY A 1 409 ? 32.929  -16.783 -12.085  1.00 0.00 ? 432 GLY A CA 1 
ATOM 410 C CA . ALA A 1 410 ? 34.373  -19.927 -13.712  1.00 0.00 ? 433 ALA A CA 1 
ATOM 411 C CA . PRO A 1 411 ? 34.444  -21.023 -17.369  1.00 0.00 ? 434 PRO A CA 1 
ATOM 412 C CA . PHE A 1 412 ? 36.228  -23.543 -19.832  1.00 0.00 ? 435 PHE A CA 1 
ATOM 413 C CA . TYR A 1 413 ? 35.925  -26.363 -22.397  1.00 0.00 ? 436 TYR A CA 1 
ATOM 414 C CA . GLN A 1 414 ? 35.549  -29.957 -21.341  1.00 0.00 ? 437 GLN A CA 1 
ATOM 415 C CA . ASP A 1 415 ? 36.034  -32.900 -23.511  1.00 0.00 ? 438 ASP A CA 1 
ATOM 416 C CA . GLY A 1 416 ? 35.104  -30.156 -26.071  1.00 0.00 ? 439 GLY A CA 1 
ATOM 417 C CA . GLN A 1 417 ? 31.881  -28.443 -24.688  1.00 0.00 ? 440 GLN A CA 1 
ATOM 418 C CA . LEU A 1 418 ? 31.813  -24.791 -23.520  1.00 0.00 ? 441 LEU A CA 1 
ATOM 419 C CA . GLN A 1 419 ? 30.498  -24.499 -19.976  1.00 0.00 ? 442 GLN A CA 1 
ATOM 420 C CA . VAL A 1 420 ? 30.389  -21.754 -17.382  1.00 0.00 ? 443 VAL A CA 1 
ATOM 421 C CA . LYS A 1 421 ? 29.363  -20.984 -13.834  1.00 0.00 ? 444 LYS A CA 1 
ATOM 422 C CA . VAL A 1 422 ? 27.286  -17.809 -13.380  1.00 0.00 ? 445 VAL A CA 1 
ATOM 423 C CA . TYR A 1 423 ? 26.619  -16.013 -10.077  1.00 0.00 ? 446 TYR A CA 1 
ATOM 424 C CA . TRP A 1 424 ? 24.173  -13.163 -9.352   1.00 0.00 ? 447 TRP A CA 1 
ATOM 425 C CA . LYS A 1 425 ? 22.859  -11.123 -6.423   1.00 0.00 ? 448 LYS A CA 1 
ATOM 426 C CA . LYS A 1 426 ? 19.527  -12.445 -5.291   1.00 0.00 ? 449 LYS A CA 1 
ATOM 427 C CA . THR A 1 427 ? 16.419  -10.272 -5.872   1.00 0.00 ? 450 THR A CA 1 
ATOM 428 C CA . GLU A 1 428 ? 15.435  -8.033  -2.957   1.00 0.00 ? 451 GLU A CA 1 
ATOM 429 C CA . ASP A 1 429 ? 11.756  -8.939  -3.413   1.00 0.00 ? 452 ASP A CA 1 
ATOM 430 C CA . PRO A 1 430 ? 10.587  -11.468 -0.821   1.00 0.00 ? 453 PRO A CA 1 
ATOM 431 C CA . THR A 1 431 ? 8.201   -14.386 -1.449   1.00 0.00 ? 454 THR A CA 1 
ATOM 432 C CA . VAL A 1 432 ? 9.427   -15.307 -4.931   1.00 0.00 ? 455 VAL A CA 1 
ATOM 433 C CA . ASN A 1 433 ? 9.602   -18.900 -6.264   1.00 0.00 ? 456 ASN A CA 1 
ATOM 434 C CA . ARG A 1 434 ? 12.586  -19.499 -8.840   1.00 0.00 ? 457 ARG A CA 1 
ATOM 435 C CA . TYR A 1 435 ? 14.804  -17.855 -11.407  1.00 0.00 ? 458 TYR A CA 1 
ATOM 436 C CA . HIS A 1 436 ? 14.545  -18.248 -15.143  1.00 0.00 ? 459 HIS A CA 1 
ATOM 437 C CA . VAL A 1 437 ? 17.992  -18.375 -16.823  1.00 0.00 ? 460 VAL A CA 1 
ATOM 438 C CA . ARG A 1 438 ? 17.791  -17.677 -20.614  1.00 0.00 ? 461 ARG A CA 1 
ATOM 439 C CA . TRP A 1 439 ? 20.738  -17.860 -23.047  1.00 0.00 ? 462 TRP A CA 1 
ATOM 440 C CA . PHE A 1 440 ? 21.342  -17.684 -26.741  1.00 0.00 ? 463 PHE A CA 1 
ATOM 441 C CA . PRO A 1 441 ? 24.062  -17.194 -29.287  1.00 0.00 ? 464 PRO A CA 1 
ATOM 442 C CA . GLU A 1 442 ? 23.175  -13.623 -30.480  1.00 0.00 ? 465 GLU A CA 1 
ATOM 443 C CA . ALA A 1 443 ? 22.680  -15.306 -33.957  1.00 0.00 ? 466 ALA A CA 1 
ATOM 444 C CA . CYS A 1 444 ? 20.426  -18.144 -32.792  1.00 0.00 ? 467 CYS A CA 1 
ATOM 445 C CA . ALA A 1 445 ? 16.576  -18.129 -32.736  1.00 0.00 ? 468 ALA A CA 1 
ATOM 446 C CA . HIS A 1 446 ? 15.723  -20.531 -29.911  1.00 0.00 ? 469 HIS A CA 1 
ATOM 447 C CA . ASN A 1 447 ? 16.438  -19.437 -26.310  1.00 0.00 ? 470 ASN A CA 1 
ATOM 448 C CA . ARG A 1 448 ? 17.357  -21.779 -24.333  1.00 0.00 ? 471 ARG A CA 1 
ATOM 449 C CA . THR A 1 449 ? 15.883  -21.670 -20.834  1.00 0.00 ? 472 THR A CA 1 
ATOM 450 C CA . THR A 1 450 ? 16.210  -23.531 -17.543  1.00 0.00 ? 473 THR A CA 1 
ATOM 451 C CA . GLY A 1 451 ? 15.028  -22.867 -13.953  1.00 0.00 ? 474 GLY A CA 1 
ATOM 452 C CA . SER A 1 452 ? 17.127  -22.445 -10.799  1.00 0.00 ? 475 SER A CA 1 
ATOM 453 C CA . GLU A 1 453 ? 15.506  -22.799 -7.336   1.00 0.00 ? 476 GLU A CA 1 
ATOM 454 C CA . ALA A 1 454 ? 14.823  -20.932 -3.987   1.00 0.00 ? 477 ALA A CA 1 
ATOM 455 C CA . SER A 1 455 ? 17.108  -22.679 -1.480   1.00 0.00 ? 478 SER A CA 1 
ATOM 456 C CA . SER A 1 456 ? 16.215  -23.452 2.179    1.00 0.00 ? 479 SER A CA 1 
ATOM 457 C CA . GLY A 1 457 ? 16.873  -19.863 3.270    1.00 0.00 ? 480 GLY A CA 1 
ATOM 458 C CA . MET A 1 458 ? 14.058  -17.480 2.316    1.00 0.00 ? 481 MET A CA 1 
ATOM 459 C CA . THR A 1 459 ? 14.889  -15.409 -0.793   1.00 0.00 ? 482 THR A CA 1 
ATOM 460 C CA . HIS A 1 460 ? 18.098  -17.092 -1.841   1.00 0.00 ? 483 HIS A CA 1 
ATOM 461 C CA . GLU A 1 461 ? 19.013  -18.840 -5.100   1.00 0.00 ? 484 GLU A CA 1 
ATOM 462 C CA . ASN A 1 462 ? 22.688  -19.254 -6.130   1.00 0.00 ? 485 ASN A CA 1 
ATOM 463 C CA . TYR A 1 463 ? 24.732  -19.726 -8.956   1.00 0.00 ? 486 TYR A CA 1 
ATOM 464 C CA . ILE A 1 464 ? 24.161  -22.119 -11.887  1.00 0.00 ? 487 ILE A CA 1 
ATOM 465 C CA . ILE A 1 465 ? 26.159  -24.088 -14.413  1.00 0.00 ? 488 ILE A CA 1 
ATOM 466 C CA . LEU A 1 466 ? 25.459  -23.619 -18.134  1.00 0.00 ? 489 LEU A CA 1 
ATOM 467 C CA . GLN A 1 467 ? 26.711  -26.519 -20.351  1.00 0.00 ? 490 GLN A CA 1 
ATOM 468 C CA . ASP A 1 468 ? 26.565  -27.578 -24.019  1.00 0.00 ? 491 ASP A CA 1 
ATOM 469 C CA . LEU A 1 469 ? 28.158  -24.354 -25.294  1.00 0.00 ? 492 LEU A CA 1 
ATOM 470 C CA . SER A 1 470 ? 30.330  -23.860 -28.378  1.00 0.00 ? 493 SER A CA 1 
ATOM 471 C CA . PHE A 1 471 ? 33.896  -22.558 -28.024  1.00 0.00 ? 494 PHE A CA 1 
ATOM 472 C CA . SER A 1 472 ? 34.608  -18.972 -29.088  1.00 0.00 ? 495 SER A CA 1 
ATOM 473 C CA . CYS A 1 473 ? 31.010  -17.840 -29.300  1.00 0.00 ? 496 CYS A CA 1 
ATOM 474 C CA . LYS A 1 474 ? 29.320  -14.761 -27.793  1.00 0.00 ? 497 LYS A CA 1 
ATOM 475 C CA . TYR A 1 475 ? 26.255  -15.646 -25.643  1.00 0.00 ? 498 TYR A CA 1 
ATOM 476 C CA . LYS A 1 476 ? 23.618  -13.268 -24.181  1.00 0.00 ? 499 LYS A CA 1 
ATOM 477 C CA . VAL A 1 477 ? 22.646  -14.553 -20.704  1.00 0.00 ? 500 VAL A CA 1 
ATOM 478 C CA . THR A 1 478 ? 19.721  -13.202 -18.704  1.00 0.00 ? 501 THR A CA 1 
ATOM 479 C CA . VAL A 1 479 ? 18.316  -13.943 -15.253  1.00 0.00 ? 502 VAL A CA 1 
ATOM 480 C CA . GLN A 1 480 ? 14.692  -13.198 -14.306  1.00 0.00 ? 503 GLN A CA 1 
ATOM 481 C CA . PRO A 1 481 ? 13.338  -13.609 -10.719  1.00 0.00 ? 504 PRO A CA 1 
ATOM 482 C CA . ILE A 1 482 ? 9.756   -14.995 -10.359  1.00 0.00 ? 505 ILE A CA 1 
ATOM 483 C CA . ARG A 1 483 ? 8.066   -14.392 -6.948   1.00 0.00 ? 506 ARG A CA 1 
ATOM 484 C CA . PRO A 1 484 ? 5.076   -16.338 -5.663   1.00 0.00 ? 507 PRO A CA 1 
ATOM 485 C CA . LYS A 1 485 ? 3.092   -13.087 -5.426   1.00 0.00 ? 508 LYS A CA 1 
ATOM 486 C CA . SER A 1 486 ? 2.123   -12.555 -9.155   1.00 0.00 ? 509 SER A CA 1 
ATOM 487 C CA . HIS A 1 487 ? 3.766   -13.233 -12.564  1.00 0.00 ? 510 HIS A CA 1 
ATOM 488 C CA . SER A 1 488 ? 4.268   -10.489 -15.155  1.00 0.00 ? 511 SER A CA 1 
ATOM 489 C CA . LYS A 1 489 ? 7.137   -7.963  -15.408  1.00 0.00 ? 512 LYS A CA 1 
ATOM 490 C CA . ALA A 1 490 ? 5.991   -7.265  -11.823  1.00 0.00 ? 513 ALA A CA 1 
ATOM 491 C CA . GLU A 1 491 ? 8.569   -9.635  -10.279  1.00 0.00 ? 514 GLU A CA 1 
ATOM 492 C CA . ALA A 1 492 ? 12.171  -8.297  -10.645  1.00 0.00 ? 515 ALA A CA 1 
ATOM 493 C CA . VAL A 1 493 ? 14.115  -6.438  -13.421  1.00 0.00 ? 516 VAL A CA 1 
ATOM 494 C CA . PHE A 1 494 ? 16.120  -8.764  -15.668  1.00 0.00 ? 517 PHE A CA 1 
ATOM 495 C CA . PHE A 1 495 ? 19.886  -8.791  -15.330  1.00 0.00 ? 518 PHE A CA 1 
ATOM 496 C CA . THR A 1 496 ? 21.896  -9.569  -18.464  1.00 0.00 ? 519 THR A CA 1 
ATOM 497 C CA . THR A 1 497 ? 25.406  -10.013 -19.746  1.00 0.00 ? 520 THR A CA 1 
ATOM 498 C CA . PRO A 1 498 ? 27.242  -10.875 -22.940  1.00 0.00 ? 521 PRO A CA 1 
ATOM 499 C CA . PRO A 1 499 ? 30.048  -13.391 -22.539  1.00 0.00 ? 522 PRO A CA 1 
ATOM 500 C CA . CYS A 1 500 ? 32.284  -15.022 -25.145  1.00 0.00 ? 523 CYS A CA 1 
ATOM 501 C CA . SER A 1 501 ? 33.502  -18.693 -24.903  1.00 0.00 ? 524 SER A CA 1 
ATOM 502 C CA . ALA A 1 502 ? 36.888  -18.525 -26.945  1.00 0.00 ? 525 ALA A CA 1 
ATOM 503 C CA . LEU A 1 503 ? 36.069  -17.565 -30.495  1.00 0.00 ? 526 LEU A CA 1 
ATOM 504 C CA . LYS A 1 504 ? 36.787  -13.618 -30.382  1.00 0.00 ? 527 LYS A CA 1 
ATOM 505 C CA . GLY A 1 505 ? 37.110  -10.755 -31.528  1.00 0.00 ? 528 GLY A CA 1 
ATOM 506 C CA . LYS A 1 506 ? 39.254  -7.677  -32.866  1.00 0.00 ? 529 LYS A CA 1 
ATOM 507 C CA . SER A 1 507 ? 39.021  -7.958  -36.820  1.00 0.00 ? 530 SER A CA 1 
ATOM 508 C CA . HIS A 1 508 ? 36.111  -5.296  -37.354  1.00 0.00 ? 531 HIS A CA 1 
ATOM 509 C CA . LYS A 1 509 ? 38.041  -1.962  -36.504  1.00 0.00 ? 532 LYS A CA 1 
ATOM 510 C CA . PRO A 1 510 ? 41.883  -2.816  -37.275  1.00 0.00 ? 533 PRO A CA 1 
ATOM 511 C CA . ILE A 1 511 ? 42.709  0.800   -38.858  1.00 0.00 ? 534 ILE A CA 1 
ATOM 512 C CA . GLY A 1 512 ? 39.996  3.572   -37.974  1.00 0.00 ? 535 GLY A CA 1 
ATOM 513 C CA . CYS A 1 513 ? 36.073  3.066   -38.139  1.00 0.00 ? 536 CYS A CA 1 
ATOM 514 C CA . LEU A 1 514 ? 36.691  0.043   -40.496  1.00 0.00 ? 537 LEU A CA 1 
ATOM 515 C CA . GLY A 1 515 ? 39.196  2.223   -42.641  1.00 0.00 ? 538 GLY A CA 1 
ATOM 516 C CA . GLU A 1 516 ? 39.034  5.154   -45.265  1.00 0.00 ? 539 GLU A CA 1 
ATOM 517 C CA . ALA A 1 517 ? 35.115  5.597   -45.617  1.00 0.00 ? 540 ALA A CA 1 
ATOM 518 C CA . GLY A 1 518 ? 32.121  8.019   -45.942  1.00 0.00 ? 541 GLY A CA 1 
ATOM 519 C CA . HIS A 1 519 ? 30.819  10.111  -48.937  1.00 0.00 ? 542 HIS A CA 1 
ATOM 520 C CA . VAL A 1 520 ? 33.851  9.907   -51.338  1.00 0.00 ? 543 VAL A CA 1 
ATOM 521 C CA . LEU A 1 521 ? 33.330  6.228   -52.643  1.00 0.00 ? 544 LEU A CA 1 
ATOM 522 C CA . SER A 1 522 ? 29.679  5.142   -51.542  1.00 0.00 ? 545 SER A CA 1 
ATOM 523 C CA . LYS A 1 523 ? 27.043  7.861   -52.365  1.00 0.00 ? 546 LYS A CA 1 
ATOM 524 C CA . VAL A 1 524 ? 25.682  9.940   -54.499  1.00 0.00 ? 547 VAL A CA 1 
ATOM 525 C CA . LEU A 1 525 ? 27.604  9.472   -57.808  1.00 0.00 ? 548 LEU A CA 1 
ATOM 526 C CA . ALA A 1 526 ? 25.239  7.351   -59.956  1.00 0.00 ? 549 ALA A CA 1 
ATOM 527 C CA . LYS A 1 527 ? 21.440  6.377   -59.175  1.00 0.00 ? 550 LYS A CA 1 
ATOM 528 C CA . PRO A 1 528 ? 20.953  2.418   -59.654  1.00 0.00 ? 551 PRO A CA 1 
ATOM 529 C CA . GLU A 1 529 ? 19.210  0.894   -62.715  1.00 0.00 ? 552 GLU A CA 1 
ATOM 530 C CA . ASN A 1 530 ? 20.182  -2.039  -64.931  1.00 0.00 ? 553 ASN A CA 1 
ATOM 531 C CA . LEU A 1 531 ? 17.709  -4.255  -66.772  1.00 0.00 ? 554 LEU A CA 1 
ATOM 532 C CA . SER A 1 532 ? 18.701  -7.641  -68.122  1.00 0.00 ? 555 SER A CA 1 
ATOM 533 C CA . ALA A 1 533 ? 17.312  -10.740 -69.752  1.00 0.00 ? 556 ALA A CA 1 
ATOM 534 C CA . SER A 1 534 ? 18.202  -13.552 -67.291  1.00 0.00 ? 557 SER A CA 1 
ATOM 535 C CA . PHE A 1 535 ? 16.493  -16.487 -69.046  1.00 0.00 ? 558 PHE A CA 1 
ATOM 536 C CA . ILE A 1 536 ? 15.089  -16.791 -72.583  1.00 0.00 ? 559 ILE A CA 1 
ATOM 537 C CA . VAL A 1 537 ? 13.860  -18.961 -75.348  1.00 0.00 ? 560 VAL A CA 1 
ATOM 538 C CA . GLN A 1 538 ? 13.675  -17.989 -79.026  1.00 0.00 ? 561 GLN A CA 1 
ATOM 539 C CA . ASP A 1 539 ? 13.114  -19.491 -81.633  1.00 0.00 ? 562 ASP A CA 1 
ATOM 540 C CA . VAL A 1 540 ? 10.912  -22.662 -80.897  1.00 0.00 ? 563 VAL A CA 1 
ATOM 541 C CA . ASN A 1 541 ? 9.167   -20.503 -78.225  1.00 0.00 ? 564 ASN A CA 1 
ATOM 542 C CA . ILE A 1 542 ? 9.266   -16.745 -77.857  1.00 0.00 ? 565 ILE A CA 1 
ATOM 543 C CA . THR A 1 543 ? 9.513   -15.838 -74.144  1.00 0.00 ? 566 THR A CA 1 
ATOM 544 C CA . GLY A 1 544 ? 11.944  -14.276 -71.708  1.00 0.00 ? 567 GLY A CA 1 
ATOM 545 C CA . HIS A 1 545 ? 12.472  -13.471 -68.062  1.00 0.00 ? 568 HIS A CA 1 
ATOM 546 C CA . PHE A 1 546 ? 13.598  -9.895  -67.320  1.00 0.00 ? 569 PHE A CA 1 
ATOM 547 C CA . SER A 1 547 ? 15.082  -8.643  -64.033  1.00 0.00 ? 570 SER A CA 1 
ATOM 548 C CA . TRP A 1 548 ? 15.776  -5.046  -62.933  1.00 0.00 ? 571 TRP A CA 1 
ATOM 549 C CA . LYS A 1 549 ? 16.966  -3.106  -59.885  1.00 0.00 ? 572 LYS A CA 1 
ATOM 550 C CA . MET A 1 550 ? 14.382  -0.551  -58.812  1.00 0.00 ? 573 MET A CA 1 
ATOM 551 C CA . ALA A 1 551 ? 14.946  3.104   -58.023  1.00 0.00 ? 574 ALA A CA 1 
ATOM 552 C CA . LYS A 1 552 ? 18.395  3.899   -56.607  1.00 0.00 ? 575 LYS A CA 1 
ATOM 553 C CA . ALA A 1 553 ? 18.034  4.954   -52.887  1.00 0.00 ? 576 ALA A CA 1 
ATOM 554 C CA . ASN A 1 554 ? 14.217  4.765   -52.763  1.00 0.00 ? 577 ASN A CA 1 
ATOM 555 C CA . LEU A 1 555 ? 12.913  3.246   -49.507  1.00 0.00 ? 578 LEU A CA 1 
ATOM 556 C CA . TYR A 1 556 ? 9.567   1.271   -49.285  1.00 0.00 ? 579 TYR A CA 1 
ATOM 557 C CA . GLN A 1 557 ? 10.344  -0.572  -52.481  1.00 0.00 ? 580 GLN A CA 1 
ATOM 558 C CA . PRO A 1 558 ? 7.628   -3.150  -51.946  1.00 0.00 ? 581 PRO A CA 1 
ATOM 559 C CA . MET A 1 559 ? 4.847   -0.507  -52.691  1.00 0.00 ? 582 MET A CA 1 
ATOM 560 C CA . THR A 1 560 ? 6.251   0.336   -56.109  1.00 0.00 ? 583 THR A CA 1 
ATOM 561 C CA . GLY A 1 561 ? 4.379   -0.778  -59.328  1.00 0.00 ? 584 GLY A CA 1 
ATOM 562 C CA . PHE A 1 562 ? 6.094   -1.057  -62.730  1.00 0.00 ? 585 PHE A CA 1 
ATOM 563 C CA . GLN A 1 563 ? 4.827   -0.444  -66.250  1.00 0.00 ? 586 GLN A CA 1 
ATOM 564 C CA . VAL A 1 564 ? 6.577   -2.754  -68.709  1.00 0.00 ? 587 VAL A CA 1 
ATOM 565 C CA . THR A 1 565 ? 6.364   -2.039  -72.466  1.00 0.00 ? 588 THR A CA 1 
ATOM 566 C CA . TRP A 1 566 ? 7.704   -3.838  -75.375  1.00 0.00 ? 589 TRP A CA 1 
ATOM 567 C CA . ALA A 1 567 ? 7.586   -3.688  -79.116  1.00 0.00 ? 590 ALA A CA 1 
ATOM 568 C CA . GLU A 1 568 ? 9.257   -5.043  -82.199  1.00 0.00 ? 591 GLU A CA 1 
ATOM 569 C CA . VAL A 1 569 ? 11.859  -4.022  -84.488  1.00 0.00 ? 592 VAL A CA 1 
ATOM 570 C CA . THR A 1 570 ? 10.269  -2.312  -87.491  1.00 0.00 ? 593 THR A CA 1 
ATOM 571 C CA . THR A 1 571 ? 11.072  -2.711  -91.179  1.00 0.00 ? 594 THR A CA 1 
ATOM 572 C CA . GLU A 1 572 ? 13.058  0.526   -90.852  1.00 0.00 ? 595 GLU A CA 1 
ATOM 573 C CA . SER A 1 573 ? 15.235  -0.784  -87.980  1.00 0.00 ? 596 SER A CA 1 
ATOM 574 C CA . ARG A 1 574 ? 13.363  1.326   -85.388  1.00 0.00 ? 597 ARG A CA 1 
ATOM 575 C CA . GLN A 1 575 ? 11.639  0.148   -82.184  1.00 0.00 ? 598 GLN A CA 1 
ATOM 576 C CA . ASN A 1 576 ? 7.844   0.224   -82.518  1.00 0.00 ? 599 ASN A CA 1 
ATOM 577 C CA . SER A 1 577 ? 5.576   0.122   -79.464  1.00 0.00 ? 600 SER A CA 1 
ATOM 578 C CA . LEU A 1 578 ? 3.958   -3.299  -79.275  1.00 0.00 ? 601 LEU A CA 1 
ATOM 579 C CA . PRO A 1 579 ? 3.012   -4.116  -75.589  1.00 0.00 ? 602 PRO A CA 1 
ATOM 580 C CA . ASN A 1 580 ? 2.223   -3.030  -71.966  1.00 0.00 ? 603 ASN A CA 1 
ATOM 581 C CA . SER A 1 581 ? 1.521   -4.934  -68.801  1.00 0.00 ? 604 SER A CA 1 
ATOM 582 C CA . ILE A 1 582 ? 1.796   -4.120  -65.105  1.00 0.00 ? 605 ILE A CA 1 
ATOM 583 C CA . ILE A 1 583 ? 4.052   -5.791  -62.479  1.00 0.00 ? 606 ILE A CA 1 
ATOM 584 C CA . SER A 1 584 ? 3.485   -5.414  -58.764  1.00 0.00 ? 607 SER A CA 1 
ATOM 585 C CA . GLN A 1 585 ? 6.453   -6.763  -56.667  1.00 0.00 ? 608 GLN A CA 1 
ATOM 586 C CA . SER A 1 586 ? 7.499   -6.752  -53.054  1.00 0.00 ? 609 SER A CA 1 
ATOM 587 C CA . GLN A 1 587 ? 10.544  -8.233  -51.454  1.00 0.00 ? 610 GLN A CA 1 
ATOM 588 C CA . ILE A 1 588 ? 12.300  -8.630  -48.112  1.00 0.00 ? 611 ILE A CA 1 
ATOM 589 C CA . LEU A 1 589 ? 15.628  -10.116 -46.963  1.00 0.00 ? 612 LEU A CA 1 
ATOM 590 C CA . PRO A 1 590 ? 16.047  -12.053 -50.355  1.00 0.00 ? 613 PRO A CA 1 
ATOM 591 C CA . SER A 1 591 ? 18.399  -14.478 -51.964  1.00 0.00 ? 614 SER A CA 1 
ATOM 592 C CA . ASP A 1 592 ? 18.476  -13.812 -55.708  1.00 0.00 ? 615 ASP A CA 1 
ATOM 593 C CA . HIS A 1 593 ? 15.317  -13.260 -57.746  1.00 0.00 ? 616 HIS A CA 1 
ATOM 594 C CA . TYR A 1 594 ? 14.198  -11.431 -60.918  1.00 0.00 ? 617 TYR A CA 1 
ATOM 595 C CA . VAL A 1 595 ? 11.400  -10.223 -62.473  1.00 0.00 ? 618 VAL A CA 1 
ATOM 596 C CA . LEU A 1 596 ? 8.605   -10.617 -64.999  1.00 0.00 ? 619 LEU A CA 1 
ATOM 597 C CA . THR A 1 597 ? 7.984   -13.110 -67.809  1.00 0.00 ? 620 THR A CA 1 
ATOM 598 C CA . VAL A 1 598 ? 7.237   -11.757 -71.306  1.00 0.00 ? 621 VAL A CA 1 
ATOM 599 C CA . PRO A 1 599 ? 5.154   -14.309 -73.601  1.00 0.00 ? 622 PRO A CA 1 
ATOM 600 C CA . ASN A 1 600 ? 3.955   -14.428 -77.138  1.00 0.00 ? 623 ASN A CA 1 
ATOM 601 C CA . LEU A 1 601 ? 7.207   -13.324 -78.849  1.00 0.00 ? 624 LEU A CA 1 
ATOM 602 C CA . ARG A 1 602 ? 8.437   -14.200 -82.341  1.00 0.00 ? 625 ARG A CA 1 
ATOM 603 C CA . PRO A 1 603 ? 11.757  -16.019 -82.805  1.00 0.00 ? 626 PRO A CA 1 
ATOM 604 C CA . SER A 1 604 ? 14.714  -14.034 -84.151  1.00 0.00 ? 627 SER A CA 1 
ATOM 605 C CA . THR A 1 605 ? 13.220  -10.600 -83.650  1.00 0.00 ? 628 THR A CA 1 
ATOM 606 C CA . LEU A 1 606 ? 14.703  -7.510  -81.958  1.00 0.00 ? 629 LEU A CA 1 
ATOM 607 C CA . TYR A 1 607 ? 12.449  -6.111  -79.171  1.00 0.00 ? 630 TYR A CA 1 
ATOM 608 C CA . ARG A 1 608 ? 12.790  -2.779  -77.292  1.00 0.00 ? 631 ARG A CA 1 
ATOM 609 C CA . LEU A 1 609 ? 11.804  -3.364  -73.634  1.00 0.00 ? 632 LEU A CA 1 
ATOM 610 C CA . GLU A 1 610 ? 11.286  -0.568  -71.125  1.00 0.00 ? 633 GLU A CA 1 
ATOM 611 C CA . VAL A 1 611 ? 10.426  -0.470  -67.426  1.00 0.00 ? 634 VAL A CA 1 
ATOM 612 C CA . GLN A 1 612 ? 8.826   2.576   -65.770  1.00 0.00 ? 635 GLN A CA 1 
ATOM 613 C CA . VAL A 1 613 ? 8.268   2.840   -61.963  1.00 0.00 ? 636 VAL A CA 1 
ATOM 614 C CA . LEU A 1 614 ? 4.999   4.521   -60.795  1.00 0.00 ? 637 LEU A CA 1 
ATOM 615 C CA . THR A 1 615 ? 4.956   5.725   -57.133  1.00 0.00 ? 638 THR A CA 1 
ATOM 616 C CA . PRO A 1 616 ? 1.805   6.479   -55.162  1.00 0.00 ? 639 PRO A CA 1 
ATOM 617 C CA . GLY A 1 617 ? 3.009   10.065  -54.655  1.00 0.00 ? 640 GLY A CA 1 
ATOM 618 C CA . GLY A 1 618 ? 2.144   11.617  -58.117  1.00 0.00 ? 641 GLY A CA 1 
ATOM 619 C CA . GLU A 1 619 ? 2.102   10.397  -61.762  1.00 0.00 ? 642 GLU A CA 1 
ATOM 620 C CA . GLY A 1 620 ? 4.033   12.178  -64.519  1.00 0.00 ? 643 GLY A CA 1 
ATOM 621 C CA . PRO A 1 621 ? 7.718   11.762  -65.482  1.00 0.00 ? 644 PRO A CA 1 
ATOM 622 C CA . ALA A 1 622 ? 8.124   12.606  -61.769  1.00 0.00 ? 645 ALA A CA 1 
ATOM 623 C CA . THR A 1 623 ? 8.265   8.934   -60.701  1.00 0.00 ? 646 THR A CA 1 
ATOM 624 C CA . ILE A 1 624 ? 11.511  7.206   -61.877  1.00 0.00 ? 647 ILE A CA 1 
ATOM 625 C CA . LYS A 1 625 ? 13.669  7.361   -65.080  1.00 0.00 ? 648 LYS A CA 1 
ATOM 626 C CA . THR A 1 626 ? 12.825  4.633   -67.594  1.00 0.00 ? 649 THR A CA 1 
ATOM 627 C CA . PHE A 1 627 ? 15.275  1.789   -68.059  1.00 0.00 ? 650 PHE A CA 1 
ATOM 628 C CA . ARG A 1 628 ? 15.440  0.196   -71.509  1.00 0.00 ? 651 ARG A CA 1 
ATOM 629 C CA . THR A 1 629 ? 17.136  -2.523  -73.481  1.00 0.00 ? 652 THR A CA 1 
ATOM 630 C CA . PRO A 1 630 ? 17.116  -4.035  -76.951  1.00 0.00 ? 653 PRO A CA 1 
ATOM 631 C CA . GLU A 1 631 ? 17.098  -7.824  -77.041  1.00 0.00 ? 654 GLU A CA 1 
ATOM 632 C CA . LEU A 1 632 ? 16.861  -10.217 -79.985  1.00 0.00 ? 655 LEU A CA 1 
ATOM 633 C CA . PRO A 1 633 ? 15.538  -13.592 -81.198  1.00 0.00 ? 656 PRO A CA 1 
ATOM 634 C CA . PRO A 1 634 ? 18.489  -15.775 -82.812  1.00 0.00 ? 657 PRO A CA 1 
ATOM 635 C CA . SER A 1 635 ? 19.715  -13.847 -85.938  1.00 0.00 ? 658 SER A CA 1 
ATOM 636 C CA . SER A 1 636 ? 22.727  -16.064 -86.821  1.00 0.00 ? 659 SER A CA 1 
ATOM 637 C CA . ALA A 1 637 ? 24.382  -13.521 -89.015  1.00 0.00 ? 660 ALA A CA 1 
ATOM 638 C CA . HIS A 1 638 ? 27.511  -14.211 -91.279  1.00 0.00 ? 661 HIS A CA 1 
ATOM 639 C CA . ARG A 1 639 ? 28.120  -15.444 -94.937  1.00 0.00 ? 662 ARG A CA 1 
ATOM 640 C CA . SER A 1 640 ? 25.117  -16.703 -97.204  1.00 0.00 ? 663 SER A CA 1 
ATOM 641 C CA . HIS A 1 641 ? 25.704  -16.728 -101.297 1.00 0.00 ? 664 HIS A CA 1 
ATOM 642 C CA . LEU A 1 642 ? 26.552  -20.493 -102.201 1.00 0.00 ? 665 LEU A CA 1 
ATOM 643 C CA . LYS A 1 643 ? 23.964  -23.191 -100.803 1.00 0.00 ? 666 LYS A CA 1 
ATOM 644 C CA . HIS A 1 644 ? 25.289  -26.865 -100.119 1.00 0.00 ? 667 HIS A CA 1 
ATOM 645 C CA . ARG A 1 645 ? 25.711  -28.577 -103.780 1.00 0.00 ? 668 ARG A CA 1 
ATOM 646 C CA . HIS A 1 646 ? 27.866  -30.865 -103.385 1.00 0.00 ? 669 HIS A CA 1 
ATOM 647 C CA . PRO A 1 647 ? 30.943  -29.933 -100.849 1.00 0.00 ? 670 PRO A CA 1 
ATOM 648 C CA . HIS A 1 648 ? 31.702  -33.404 -99.335  1.00 0.00 ? 671 HIS A CA 1 
ATOM 649 C CA . HIS A 1 649 ? 33.588  -34.817 -102.308 1.00 0.00 ? 672 HIS A CA 1 
ATOM 650 C CA . TYR A 1 650 ? 37.235  -36.570 -102.591 1.00 0.00 ? 673 TYR A CA 1 
ATOM 651 C CA . LYS A 1 651 ? 39.185  -35.105 -105.654 1.00 0.00 ? 674 LYS A CA 1 
ATOM 652 C CA . PRO A 1 652 ? 42.104  -36.833 -107.582 1.00 0.00 ? 675 PRO A CA 1 
ATOM 653 C CA . SER A 1 653 ? 42.255  -33.650 -109.737 1.00 0.00 ? 676 SER A CA 1 
ATOM 654 C CA . PRO A 1 654 ? 43.245  -32.426 -113.468 1.00 0.00 ? 677 PRO A CA 1 
ATOM 655 C CA . GLU A 1 655 ? 47.256  -32.598 -113.590 1.00 0.00 ? 678 GLU A CA 1 
ATOM 656 C CA . ARG A 1 656 ? 49.335  -35.438 -115.544 1.00 0.00 ? 679 ARG A CA 1 
ATOM 657 C CA . TYR A 1 657 ? 46.827  -36.826 -118.154 1.00 0.00 ? 680 TYR A CA 1 
ATOM 658 C CA . GLY A 1 658 ? 43.400  -34.920 -118.347 1.00 0.00 ? 681 GLY A CA 1 
ATOM 659 C CA . LYS A 1 659 ? 43.853  -31.935 -118.604 1.00 0.00 ? 682 LYS A CA 1 
ATOM 660 C CA . PRO A 1 660 ? 42.961  -29.132 -116.024 1.00 0.00 ? 683 PRO A CA 1 
ATOM 661 C CA . ILE A 1 661 ? 45.021  -26.279 -118.051 1.00 0.00 ? 684 ILE A CA 1 
ATOM 662 C CA . PRO A 1 662 ? 45.512  -26.938 -121.971 1.00 0.00 ? 685 PRO A CA 1 
ATOM 663 C CA . ASN A 1 663 ? 46.306  -23.106 -122.108 1.00 0.00 ? 686 ASN A CA 1 
ATOM 664 C CA . PRO A 1 664 ? 49.543  -22.019 -123.981 1.00 0.00 ? 687 PRO A CA 1 
ATOM 665 C CA . LEU A 1 665 ? 51.313  -19.280 -121.525 1.00 0.00 ? 688 LEU A CA 1 
ATOM 666 C CA . LEU A 1 666 ? 54.048  -18.128 -124.132 1.00 0.00 ? 689 LEU A CA 1 
ATOM 667 C CA . GLY A 1 667 ? 53.318  -18.467 -127.961 1.00 0.00 ? 690 GLY A CA 1 
ATOM 668 C CA . LEU A 1 668 ? 56.709  -19.962 -129.711 1.00 0.00 ? 691 LEU A CA 1 
ATOM 669 C CA . ASP A 1 669 ? 58.162  -23.008 -131.666 1.00 0.00 ? 692 ASP A CA 1 
ATOM 670 C CA . SER A 1 670 ? 61.622  -24.560 -131.435 1.00 0.00 ? 693 SER A CA 1 
ATOM 671 C CA . THR A 1 671 ? 62.624  -28.307 -132.002 1.00 0.00 ? 694 THR A CA 1 
ATOM 672 C CA . ARG A 1 672 ? 61.608  -29.795 -128.407 1.00 0.00 ? 695 ARG A CA 1 
ATOM 673 C CA . THR A 1 673 ? 57.665  -30.382 -127.823 1.00 0.00 ? 696 THR A CA 1 
ATOM 674 C CA . GLY A 1 674 ? 56.109  -33.910 -128.167 1.00 0.00 ? 697 GLY A CA 1 
ATOM 675 C CA . HIS A 1 675 ? 53.980  -35.931 -125.583 1.00 0.00 ? 698 HIS A CA 1 
ATOM 676 C CA . HIS A 1 676 ? 54.224  -34.275 -121.890 1.00 0.00 ? 699 HIS A CA 1 
ATOM 677 C CA . HIS A 1 677 ? 54.928  -30.520 -122.924 1.00 0.00 ? 700 HIS A CA 1 
ATOM 678 C CA . HIS A 1 678 ? 53.122  -27.404 -123.948 1.00 0.00 ? 701 HIS A CA 1 
ATOM 679 C CA . HIS A 1 679 ? 55.228  -24.530 -125.300 1.00 0.00 ? 702 HIS A CA 1 
ATOM 680 C CA . HIS A 1 680 ? 59.055  -24.570 -125.450 1.00 0.00 ? 703 HIS A CA 1 
# 
